data_6SO3
#
_entry.id   6SO3
#
_cell.length_a   1.00
_cell.length_b   1.00
_cell.length_c   1.00
_cell.angle_alpha   90.00
_cell.angle_beta   90.00
_cell.angle_gamma   90.00
#
_symmetry.space_group_name_H-M   'P 1'
#
loop_
_entity.id
_entity.type
_entity.pdbx_description
1 polymer 'Myosin 2 heavy chain striated muscle'
2 polymer 'Myosin 2 essential light chain striated muscle'
3 polymer 'Myosin 2 regulatory light chain striated muscle'
#
loop_
_entity_poly.entity_id
_entity_poly.type
_entity_poly.pdbx_seq_one_letter_code
_entity_poly.pdbx_strand_id
1 'polypeptide(L)'
;MAEDPDPTEYLYISMEQKRKDQTKPYDGKKMVWVADEKEGYLLGLIKSTQGDICTVDIEGQESRQVKKDLLQQVNPPKYE
KCEDMSNLTYLNDASVLHNLKQRYYANLIYTYSGLFCVAINPYKRFPIYTNRTVQIYKGRRRTEVPPHLFAISDGAYSAM
LANRENQSMLITGESGAGKTENTKKVIAYYANVGAATPKPGKEAPTKEKKATLEDQVVQTNPVLEAFGNAKTVRNDNSSR
FGKFIRIHFGPMGKLAGADIETYLLEKARVISQQTLERSYHIFYQLMSGGIENLKADLLLSDDIYDYHFVSQGKIEIPGV
DDAEELRLTDTAFDILGFSHEYKTDVYKITASCMHLGEMKFKQRPREEQAEADGTEEGERVAHLLGVNAADLYKNLVKPK
IKVGNEMVTQGRNATQVSYSVGGLAKAMFDRTFKWLVKRLNETLDTKQKRQYFIGVLDIAGFEIFDYNGFEQLCINFTNE
KLQQFFNHHMFVLEQEEYKREGIDWVFIDFGLDLAACIELIEKPMGILSILEEESMFPKATDKSFQDKLNANHLGKSPNF
VKPKPPKPGQQEAHFSIAHYAGTVPYNITGWLEKNKDPVNDTVVDQFKKGSNKLVQEIFEDHPGLGAEEKGGGGKGGGGR
KKGASFQTVSALYREQLNRLMASLHSTQPHFVRCIIPNELKQPGVIDSGLVMHQLTCNGVLEGIRICRKGFPNRMVYPDF
KQRYTILAASAVPKGFVDAKKVTEAVLGAIQLDANDYRLGNTKVFFRAGVLGRLEEMRDDRLGKIVTWLQAWIRWYLSKK
EFKKLQEQRVALLVIQRNLRKFLTLRNWLWYKLYIKVKPLLTMAKVEDELKALEEKLKKALESLEKEEKVRKDIEVQNVK
LLQEKNDLFLQLESERSGAGDVEERLTKAISMKNDLEGQVQELQERLSREEDAHSNLSSVRKKLDGEISNLKKEIEDLQL
VIQKTEQDKAAKDHQIRNLNDEIAHQDELINKLNREKKQMQEMGQKTGEDLQATEDKLNHMNKVKAKLEQTLDELEDSLE
REKKLRGDVEKTKRKVEGDLKLAQEAVADLEKNKKELEQALQRKEKEMASLSAKLEDEQGLVAKLQKQIKELQARIEELE
EELEAERQARAKAEKQRADLAREIEELSERLEEAGGATSAQVELNKRREAEMAKLRRDLEESNIQHEQTLANLRKKHNDV
VAELSEQIDQLNKHKARLEKEKAQMKGELDDVRSSVDHVNKEKANAEKQAKQLEMQLTELQGKMDEAHRSLGDFDAAKKR
LTVENTELTRQLEDAESQVSQLSKLKTSLQTQLEDTKRMADEESRERATAMGKFRSVEHDLDSLREQIDEEQEGKADLQR
QLSKANAEVQLWRSKYESEGLARLEELEESKRKLDAKLQEAMETIDQLNSKTSGLEKTKSRLQGELEDMTIEVEKANALA
SAMEKKQKSFDRIISEWKQKVDDLALELDASQKECRNYSTEVFKLRSQYEESQEHYESVKRENKNLQDEIKDLVDQLGEG
GRSVHELEKARKRLELEKEELQAALEEAEAALEQEENKVLRAQLELSQVRQEIDRRLQEKEEEFENTRKNHQRAIDSMQA
SLEAEAKGKAEALRMKKKLESDINELEIALDHSNKANAEAQKNIKKYQIQLKETQQALEEEQRARDEVREQYAMSERRCN
AMHGELEESRQLLEQADRARRAADSELAELHENVNELSAQNSSLSMAKRKLEGEMQALHADLDEMLNEAKSSEEKAKKAM
VDAARLADELRAEQEHAQQQEKMRKAMEGQIKELQVRLDEAEAAALKGGKKIIQKLEQKVRELETELDNEQRRHSEAAKN
VRRSERRVKELQFQAEEDRKNQERMQDLVDKLQQKIKTYKRQIEEAEEIAALNLAKFRKVQQELEDAEERADMAENVAAK
LRAKNRSSASVGRAMSPIPMGKPGRPKSKIDEE
;
B,A
2 'polypeptide(L)'
;MADLKAAEVEKAREHFEIYDWEGEGKIDARDLGDLLRSLDCKPTLAMVKKNGGSDKRGEKKLTLEEFLPIFSQIKKEKEV
GTLEDFMEGLKVYDKAENGTMLAAELAHVLLSLGERLTDIECEEIMRVCDEDDDGFLKYEPFVKTIIAGPFPDEGK
;
D,C
3 'polypeptide(L)'
;MGDEEKKEKKKKSKKKSEEEGGDAAPAPPPPKPPSQKRRAQRSGSNVFAMFTQHQVQEFKEAFQLIDQDKDGFISKNDIR
ATFDSLGRLCTEQELDSMVAEAPGPINFTMFLTIFGDRIAGTDEEDVIVNAFNLFDEGEGKCKEETLKRSLTTWGEKFSQ
DEVEEALSEAPIDGNGLIDIKKFAQILTKGAEEEGA
;
F,E
#
# COMPACT_ATOMS: atom_id res chain seq x y z
N MET A 1 7.92 -48.32 29.84
CA MET A 1 6.48 -47.95 29.95
C MET A 1 5.80 -48.82 30.94
N ALA A 2 4.53 -48.52 31.25
CA ALA A 2 3.75 -49.22 32.20
C ALA A 2 2.37 -48.83 32.03
N GLU A 3 2.04 -48.16 30.84
CA GLU A 3 0.78 -47.80 30.32
C GLU A 3 0.34 -46.35 30.76
N ASP A 4 1.34 -45.45 31.13
CA ASP A 4 1.21 -44.05 31.46
C ASP A 4 2.36 -43.39 30.62
N PRO A 5 2.13 -42.20 30.00
CA PRO A 5 3.10 -41.42 29.34
C PRO A 5 4.07 -40.82 30.28
N ASP A 6 5.20 -40.56 29.76
CA ASP A 6 6.44 -40.23 30.52
C ASP A 6 6.49 -38.72 30.68
N PRO A 7 6.41 -38.07 31.85
CA PRO A 7 6.43 -36.63 31.96
C PRO A 7 7.78 -36.05 31.44
N THR A 8 7.63 -34.95 30.63
CA THR A 8 8.74 -34.06 30.29
C THR A 8 8.14 -32.69 30.28
N GLU A 9 7.35 -32.41 29.28
CA GLU A 9 6.40 -31.29 29.35
C GLU A 9 5.29 -31.65 30.37
N TYR A 10 4.84 -30.62 31.03
CA TYR A 10 4.16 -30.76 32.27
C TYR A 10 2.71 -31.07 32.01
N LEU A 11 1.94 -31.36 33.09
CA LEU A 11 0.54 -31.82 33.02
C LEU A 11 0.32 -33.01 32.09
N TYR A 12 1.06 -34.11 32.23
CA TYR A 12 0.76 -35.38 31.66
C TYR A 12 0.20 -36.22 32.73
N ILE A 13 -0.94 -36.93 32.43
CA ILE A 13 -1.67 -37.87 33.21
C ILE A 13 -0.75 -38.96 33.63
N SER A 14 -0.96 -39.58 34.89
CA SER A 14 -0.48 -40.86 35.29
C SER A 14 -1.64 -41.59 35.81
N MET A 15 -2.14 -42.65 35.06
CA MET A 15 -3.50 -43.13 35.14
C MET A 15 -3.68 -43.98 36.30
N GLU A 16 -4.97 -44.08 36.72
CA GLU A 16 -5.42 -45.28 37.46
C GLU A 16 -6.27 -46.11 36.47
N GLN A 17 -7.50 -45.69 36.23
CA GLN A 17 -8.37 -46.35 35.24
C GLN A 17 -7.84 -46.33 33.71
N LYS A 18 -8.41 -47.33 32.95
CA LYS A 18 -8.26 -47.49 31.56
C LYS A 18 -9.69 -47.43 31.02
N ARG A 19 -9.83 -46.60 29.94
CA ARG A 19 -11.04 -46.42 29.23
C ARG A 19 -11.08 -47.53 28.19
N LYS A 20 -11.73 -48.59 28.59
CA LYS A 20 -11.82 -49.89 27.95
C LYS A 20 -13.12 -50.38 28.57
N ASP A 21 -13.59 -51.56 28.05
CA ASP A 21 -14.88 -52.13 28.23
C ASP A 21 -15.47 -52.23 29.66
N GLN A 22 -14.68 -52.46 30.74
CA GLN A 22 -15.10 -52.40 32.16
C GLN A 22 -16.00 -51.28 32.55
N THR A 23 -15.72 -50.06 32.16
CA THR A 23 -16.36 -48.84 32.56
C THR A 23 -17.80 -48.73 32.11
N LYS A 24 -18.20 -49.49 31.10
CA LYS A 24 -19.43 -49.46 30.40
C LYS A 24 -20.67 -49.90 31.18
N PRO A 25 -20.61 -50.85 32.08
CA PRO A 25 -21.77 -51.11 32.92
C PRO A 25 -21.98 -50.10 34.07
N TYR A 26 -21.00 -49.24 34.34
CA TYR A 26 -21.23 -48.15 35.31
C TYR A 26 -21.86 -47.08 34.42
N ASP A 27 -22.94 -46.49 34.94
CA ASP A 27 -23.70 -45.49 34.24
C ASP A 27 -24.82 -45.28 35.28
N GLY A 28 -24.94 -43.98 35.78
CA GLY A 28 -25.90 -43.65 36.77
C GLY A 28 -25.87 -44.49 38.01
N LYS A 29 -27.00 -44.70 38.76
CA LYS A 29 -28.23 -43.95 38.53
C LYS A 29 -28.71 -43.32 39.85
N LYS A 30 -28.18 -43.85 40.99
CA LYS A 30 -28.60 -43.70 42.35
C LYS A 30 -28.57 -42.27 42.77
N MET A 31 -27.43 -41.64 42.38
CA MET A 31 -27.13 -40.25 42.66
C MET A 31 -27.25 -39.57 41.38
N VAL A 32 -27.65 -38.26 41.39
CA VAL A 32 -27.89 -37.52 40.19
C VAL A 32 -27.43 -36.07 40.59
N TRP A 33 -27.39 -35.17 39.58
CA TRP A 33 -27.06 -33.82 39.76
C TRP A 33 -28.27 -32.93 39.63
N VAL A 34 -28.64 -32.18 40.69
CA VAL A 34 -29.73 -31.24 40.73
C VAL A 34 -29.18 -29.88 40.70
N ALA A 35 -30.01 -28.96 40.12
CA ALA A 35 -29.61 -27.60 39.92
C ALA A 35 -29.87 -26.76 41.14
N ASP A 36 -28.84 -25.97 41.53
CA ASP A 36 -28.94 -25.04 42.63
C ASP A 36 -29.68 -23.87 42.05
N GLU A 37 -30.31 -23.10 42.99
CA GLU A 37 -30.93 -21.82 42.78
C GLU A 37 -29.93 -20.65 42.87
N LYS A 38 -28.65 -20.96 43.29
CA LYS A 38 -27.67 -19.93 43.54
C LYS A 38 -26.66 -19.99 42.44
N GLU A 39 -26.89 -20.77 41.36
CA GLU A 39 -26.09 -21.05 40.16
C GLU A 39 -25.15 -22.23 40.45
N GLY A 40 -25.10 -23.25 39.51
CA GLY A 40 -24.27 -24.44 39.70
C GLY A 40 -25.09 -25.68 39.73
N TYR A 41 -24.38 -26.84 39.75
CA TYR A 41 -24.96 -28.11 39.84
C TYR A 41 -24.28 -28.81 41.01
N LEU A 42 -25.05 -29.53 41.82
CA LEU A 42 -24.44 -30.26 42.92
C LEU A 42 -25.14 -31.61 42.93
N LEU A 43 -24.87 -32.43 43.94
CA LEU A 43 -25.15 -33.86 43.94
C LEU A 43 -26.29 -34.11 44.84
N GLY A 44 -27.29 -34.79 44.32
CA GLY A 44 -28.55 -35.10 44.99
C GLY A 44 -28.76 -36.53 44.90
N LEU A 45 -29.61 -37.02 45.82
CA LEU A 45 -30.01 -38.43 45.91
C LEU A 45 -31.51 -38.46 45.74
N ILE A 46 -32.10 -39.45 44.98
CA ILE A 46 -33.57 -39.64 44.77
C ILE A 46 -34.08 -40.32 46.08
N LYS A 47 -34.99 -39.59 46.77
CA LYS A 47 -35.48 -40.02 48.10
C LYS A 47 -36.75 -40.83 47.92
N SER A 48 -37.56 -40.40 46.90
CA SER A 48 -38.76 -41.15 46.47
C SER A 48 -39.08 -40.72 44.99
N THR A 49 -39.49 -41.62 44.11
CA THR A 49 -39.85 -41.33 42.72
C THR A 49 -41.28 -41.66 42.47
N GLN A 50 -42.05 -40.63 42.11
CA GLN A 50 -43.45 -40.76 41.88
C GLN A 50 -43.74 -41.02 40.45
N GLY A 51 -42.97 -41.86 39.78
CA GLY A 51 -43.10 -42.08 38.31
C GLY A 51 -42.20 -41.17 37.69
N ASP A 52 -42.77 -40.36 36.85
CA ASP A 52 -42.13 -39.39 36.01
C ASP A 52 -41.71 -38.18 36.71
N ILE A 53 -42.22 -37.91 37.93
CA ILE A 53 -41.82 -36.83 38.79
C ILE A 53 -40.87 -37.58 39.79
N CYS A 54 -39.93 -36.87 40.46
CA CYS A 54 -38.98 -37.38 41.44
C CYS A 54 -38.83 -36.40 42.59
N THR A 55 -38.39 -36.81 43.84
CA THR A 55 -38.11 -35.82 44.84
C THR A 55 -36.67 -35.89 45.11
N VAL A 56 -35.84 -34.94 44.61
CA VAL A 56 -34.41 -34.98 44.64
C VAL A 56 -34.11 -33.73 45.44
N ASP A 57 -33.44 -34.01 46.56
CA ASP A 57 -32.81 -33.15 47.55
C ASP A 57 -31.45 -32.66 47.07
N ILE A 58 -30.91 -31.55 47.66
CA ILE A 58 -29.80 -30.83 47.16
C ILE A 58 -29.01 -30.56 48.39
N GLU A 59 -27.67 -30.28 48.27
CA GLU A 59 -26.93 -29.84 49.47
C GLU A 59 -27.11 -28.36 49.79
N GLY A 60 -28.02 -27.66 49.06
CA GLY A 60 -28.48 -26.28 49.23
C GLY A 60 -29.37 -26.37 50.45
N GLN A 61 -29.97 -27.54 50.70
CA GLN A 61 -30.82 -27.95 51.79
C GLN A 61 -32.31 -27.84 51.50
N GLU A 62 -32.73 -28.04 50.24
CA GLU A 62 -34.10 -27.93 49.71
C GLU A 62 -34.56 -29.27 49.37
N SER A 63 -35.85 -29.42 49.18
CA SER A 63 -36.38 -30.73 48.72
C SER A 63 -37.21 -30.35 47.54
N ARG A 64 -37.08 -31.10 46.41
CA ARG A 64 -37.58 -30.47 45.17
C ARG A 64 -38.17 -31.57 44.34
N GLN A 65 -39.37 -31.24 43.81
CA GLN A 65 -40.00 -32.14 42.89
C GLN A 65 -39.61 -31.79 41.47
N VAL A 66 -38.97 -32.79 40.78
CA VAL A 66 -38.34 -32.48 39.55
C VAL A 66 -38.90 -33.51 38.60
N LYS A 67 -38.70 -33.22 37.30
CA LYS A 67 -39.11 -33.81 36.04
C LYS A 67 -37.93 -34.50 35.45
N LYS A 68 -38.11 -35.80 35.13
CA LYS A 68 -37.10 -36.69 34.53
C LYS A 68 -35.91 -36.15 33.91
N ASP A 69 -36.09 -35.26 32.87
CA ASP A 69 -35.09 -35.05 31.91
C ASP A 69 -33.96 -34.13 32.42
N LEU A 70 -34.34 -33.36 33.47
CA LEU A 70 -33.50 -32.37 34.16
C LEU A 70 -32.44 -33.00 35.01
N LEU A 71 -32.70 -34.19 35.59
CA LEU A 71 -31.77 -34.76 36.59
C LEU A 71 -30.81 -35.70 35.88
N GLN A 72 -29.57 -35.25 35.72
CA GLN A 72 -28.47 -35.99 35.07
C GLN A 72 -27.94 -37.03 35.99
N GLN A 73 -27.98 -38.30 35.47
CA GLN A 73 -27.41 -39.47 36.07
C GLN A 73 -25.93 -39.33 36.03
N VAL A 74 -25.30 -39.71 37.13
CA VAL A 74 -23.92 -39.52 37.48
C VAL A 74 -22.98 -40.21 36.45
N ASN A 75 -21.99 -39.48 36.01
CA ASN A 75 -21.05 -39.76 35.04
C ASN A 75 -20.14 -40.84 35.57
N PRO A 76 -19.84 -41.90 34.83
CA PRO A 76 -19.21 -43.13 35.31
C PRO A 76 -17.69 -42.91 35.36
N PRO A 77 -16.75 -43.75 35.91
CA PRO A 77 -15.30 -43.60 35.88
C PRO A 77 -14.59 -43.42 34.59
N LYS A 78 -15.32 -43.32 33.42
CA LYS A 78 -14.74 -43.07 32.16
C LYS A 78 -14.09 -41.69 32.15
N TYR A 79 -14.49 -40.85 33.16
CA TYR A 79 -14.00 -39.49 33.34
C TYR A 79 -13.45 -39.30 34.66
N GLU A 80 -12.73 -40.38 35.07
CA GLU A 80 -11.98 -40.34 36.32
C GLU A 80 -10.71 -41.08 36.05
N LYS A 81 -9.58 -40.37 35.91
CA LYS A 81 -8.27 -40.92 35.83
C LYS A 81 -8.13 -41.76 34.50
N CYS A 82 -8.57 -41.01 33.49
CA CYS A 82 -8.46 -41.47 32.15
C CYS A 82 -8.14 -40.29 31.28
N GLU A 83 -7.58 -40.56 30.01
CA GLU A 83 -7.17 -39.49 29.09
C GLU A 83 -8.33 -38.94 28.40
N ASP A 84 -9.32 -39.85 28.36
CA ASP A 84 -10.71 -39.66 27.92
C ASP A 84 -11.45 -38.49 28.50
N MET A 85 -12.16 -37.77 27.60
CA MET A 85 -13.45 -37.18 27.89
C MET A 85 -14.15 -36.90 26.57
N SER A 86 -13.59 -37.53 25.48
CA SER A 86 -13.98 -37.59 24.08
C SER A 86 -15.23 -38.39 23.89
N ASN A 87 -15.53 -39.30 24.86
CA ASN A 87 -16.62 -40.23 24.76
C ASN A 87 -17.89 -39.77 25.41
N LEU A 88 -17.95 -38.48 25.84
CA LEU A 88 -19.12 -37.82 26.29
C LEU A 88 -20.33 -37.84 25.38
N THR A 89 -21.50 -38.15 25.98
CA THR A 89 -22.78 -38.49 25.41
C THR A 89 -23.90 -38.14 26.42
N TYR A 90 -23.43 -37.59 27.51
CA TYR A 90 -24.18 -37.23 28.63
C TYR A 90 -24.53 -35.76 28.56
N LEU A 91 -25.85 -35.40 28.87
CA LEU A 91 -26.53 -34.17 28.54
C LEU A 91 -26.51 -33.20 29.63
N ASN A 92 -26.87 -31.91 29.30
CA ASN A 92 -27.04 -30.78 30.25
C ASN A 92 -25.75 -30.46 30.90
N ASP A 93 -25.79 -29.43 31.81
CA ASP A 93 -24.60 -28.71 32.33
C ASP A 93 -23.63 -29.53 33.11
N ALA A 94 -24.21 -30.16 34.16
CA ALA A 94 -23.64 -31.04 35.16
C ALA A 94 -22.70 -32.11 34.67
N SER A 95 -23.06 -32.77 33.52
CA SER A 95 -22.27 -33.81 32.88
C SER A 95 -20.82 -33.39 32.59
N VAL A 96 -20.75 -32.16 32.21
CA VAL A 96 -19.51 -31.57 31.77
C VAL A 96 -18.84 -31.17 33.08
N LEU A 97 -19.66 -30.56 34.00
CA LEU A 97 -19.05 -29.92 35.20
C LEU A 97 -18.14 -30.76 36.07
N HIS A 98 -18.67 -31.91 36.50
CA HIS A 98 -18.04 -33.02 37.27
C HIS A 98 -16.80 -33.42 36.63
N ASN A 99 -16.83 -33.65 35.29
CA ASN A 99 -15.77 -34.27 34.52
C ASN A 99 -14.56 -33.30 34.44
N LEU A 100 -14.80 -31.93 34.36
CA LEU A 100 -13.69 -30.99 34.24
C LEU A 100 -13.00 -30.78 35.55
N LYS A 101 -13.78 -30.87 36.62
CA LYS A 101 -13.22 -30.94 38.05
C LYS A 101 -12.24 -32.07 38.17
N GLN A 102 -12.61 -33.28 37.65
CA GLN A 102 -11.86 -34.45 37.77
C GLN A 102 -10.71 -34.41 36.80
N ARG A 103 -10.58 -33.37 35.89
CA ARG A 103 -9.63 -33.20 34.90
C ARG A 103 -8.47 -32.48 35.53
N TYR A 104 -8.77 -31.44 36.33
CA TYR A 104 -7.76 -30.82 37.20
C TYR A 104 -7.07 -31.88 38.07
N TYR A 105 -7.89 -32.66 38.82
CA TYR A 105 -7.41 -33.78 39.74
C TYR A 105 -6.49 -34.82 39.02
N ALA A 106 -6.84 -35.19 37.71
CA ALA A 106 -6.15 -36.02 36.73
C ALA A 106 -4.92 -35.37 36.04
N ASN A 107 -4.37 -34.20 36.60
CA ASN A 107 -3.24 -33.43 36.14
C ASN A 107 -3.47 -33.05 34.73
N LEU A 108 -4.63 -32.42 34.26
CA LEU A 108 -4.73 -31.92 32.93
C LEU A 108 -5.44 -30.59 32.96
N ILE A 109 -5.42 -29.88 31.79
CA ILE A 109 -6.18 -28.75 31.57
C ILE A 109 -7.17 -29.05 30.47
N TYR A 110 -6.88 -28.90 29.11
CA TYR A 110 -7.89 -28.93 28.02
C TYR A 110 -8.33 -30.35 27.80
N THR A 111 -9.64 -30.53 27.46
CA THR A 111 -10.13 -31.83 27.20
C THR A 111 -11.13 -31.77 26.03
N TYR A 112 -11.20 -32.87 25.29
CA TYR A 112 -12.22 -33.11 24.27
C TYR A 112 -13.55 -33.14 24.94
N SER A 113 -14.58 -32.63 24.21
CA SER A 113 -15.98 -32.78 24.65
C SER A 113 -16.63 -33.26 23.46
N GLY A 114 -16.21 -34.44 22.91
CA GLY A 114 -16.42 -34.72 21.46
C GLY A 114 -15.55 -33.86 20.58
N LEU A 115 -16.00 -33.67 19.30
CA LEU A 115 -15.35 -32.84 18.32
C LEU A 115 -15.25 -31.37 18.74
N PHE A 116 -16.43 -30.86 19.37
CA PHE A 116 -16.62 -29.55 19.93
C PHE A 116 -16.05 -29.40 21.29
N CYS A 117 -14.72 -29.17 21.48
CA CYS A 117 -14.09 -29.32 22.79
C CYS A 117 -14.53 -28.34 23.83
N VAL A 118 -14.20 -28.54 25.13
CA VAL A 118 -14.25 -27.54 26.16
C VAL A 118 -12.88 -27.30 26.56
N ALA A 119 -12.56 -25.99 26.70
CA ALA A 119 -11.33 -25.51 27.17
C ALA A 119 -11.58 -24.66 28.38
N ILE A 120 -10.87 -25.11 29.40
CA ILE A 120 -10.70 -24.49 30.68
C ILE A 120 -9.25 -24.01 30.79
N ASN A 121 -9.07 -22.68 30.76
CA ASN A 121 -7.83 -21.98 30.46
C ASN A 121 -7.38 -21.13 31.67
N PRO A 122 -6.37 -21.54 32.40
CA PRO A 122 -5.74 -20.70 33.40
C PRO A 122 -4.51 -19.99 32.91
N TYR A 123 -3.89 -20.61 31.75
CA TYR A 123 -2.62 -20.29 31.09
C TYR A 123 -1.45 -20.84 31.97
N LYS A 124 -0.74 -21.81 31.41
CA LYS A 124 0.56 -22.26 31.94
C LYS A 124 1.29 -22.60 30.63
N ARG A 125 2.63 -22.55 30.74
CA ARG A 125 3.49 -22.84 29.64
C ARG A 125 4.41 -23.98 30.02
N PHE A 126 4.37 -25.10 29.24
CA PHE A 126 5.25 -26.22 29.33
C PHE A 126 6.41 -25.78 28.47
N PRO A 127 7.68 -26.15 28.80
CA PRO A 127 8.82 -25.96 27.93
C PRO A 127 8.64 -26.46 26.50
N ILE A 128 9.02 -25.61 25.54
CA ILE A 128 8.89 -25.89 24.13
C ILE A 128 10.31 -25.99 23.60
N TYR A 129 11.29 -25.84 24.50
CA TYR A 129 12.60 -25.48 23.93
C TYR A 129 13.47 -26.72 23.56
N THR A 130 13.27 -27.85 24.31
CA THR A 130 13.86 -29.10 24.30
C THR A 130 13.82 -29.87 22.97
N ASN A 131 14.81 -30.76 22.76
CA ASN A 131 14.93 -31.46 21.54
C ASN A 131 14.01 -32.74 21.66
N ARG A 132 13.50 -32.87 22.92
CA ARG A 132 12.43 -33.70 23.39
C ARG A 132 11.12 -33.27 22.80
N THR A 133 10.74 -32.00 22.82
CA THR A 133 9.45 -31.38 22.25
C THR A 133 9.47 -31.65 20.80
N VAL A 134 10.57 -31.50 20.05
CA VAL A 134 10.46 -31.53 18.58
C VAL A 134 10.42 -32.95 17.95
N GLN A 135 10.38 -33.98 18.83
CA GLN A 135 9.96 -35.38 18.56
C GLN A 135 8.53 -35.56 18.93
N ILE A 136 8.09 -35.02 20.14
CA ILE A 136 6.77 -35.22 20.68
C ILE A 136 5.64 -34.65 19.72
N TYR A 137 5.86 -33.51 19.15
CA TYR A 137 4.84 -32.86 18.29
C TYR A 137 5.27 -32.95 16.83
N LYS A 138 6.05 -34.01 16.59
CA LYS A 138 6.50 -34.55 15.33
C LYS A 138 5.73 -35.88 15.22
N GLY A 139 4.58 -35.96 15.96
CA GLY A 139 3.76 -37.13 15.93
C GLY A 139 4.20 -38.24 16.78
N ARG A 140 3.30 -38.57 17.74
CA ARG A 140 3.51 -39.64 18.69
C ARG A 140 2.07 -40.05 19.10
N ARG A 141 1.95 -41.00 20.06
CA ARG A 141 0.77 -41.52 20.63
C ARG A 141 -0.23 -40.47 21.03
N ARG A 142 -1.45 -40.86 21.47
CA ARG A 142 -2.56 -39.96 21.80
C ARG A 142 -2.57 -39.73 23.29
N THR A 143 -1.42 -40.15 24.01
CA THR A 143 -1.26 -39.69 25.35
C THR A 143 0.25 -39.37 25.54
N GLU A 144 1.20 -39.84 24.69
CA GLU A 144 2.46 -38.99 24.57
C GLU A 144 2.16 -37.56 24.12
N VAL A 145 1.19 -37.42 23.15
CA VAL A 145 0.67 -36.12 22.74
C VAL A 145 -0.45 -35.93 23.73
N PRO A 146 -0.68 -34.95 24.57
CA PRO A 146 -1.72 -34.97 25.65
C PRO A 146 -3.04 -34.59 25.07
N PRO A 147 -4.19 -34.57 25.71
CA PRO A 147 -5.53 -34.28 25.10
C PRO A 147 -5.74 -32.83 25.09
N HIS A 148 -4.67 -32.06 25.58
CA HIS A 148 -4.46 -30.65 25.28
C HIS A 148 -4.37 -30.42 23.77
N LEU A 149 -4.73 -29.18 23.31
CA LEU A 149 -4.83 -28.51 21.96
C LEU A 149 -3.79 -28.95 20.89
N PHE A 150 -2.71 -29.62 21.37
CA PHE A 150 -1.77 -30.26 20.50
C PHE A 150 -2.28 -31.46 19.74
N ALA A 151 -3.13 -32.28 20.34
CA ALA A 151 -3.90 -33.43 19.88
C ALA A 151 -4.74 -33.12 18.75
N ILE A 152 -5.63 -32.10 18.85
CA ILE A 152 -6.55 -31.70 17.85
C ILE A 152 -5.80 -31.28 16.59
N SER A 153 -4.63 -30.59 16.75
CA SER A 153 -3.77 -30.02 15.75
C SER A 153 -3.04 -31.19 15.13
N ASP A 154 -2.66 -32.32 15.83
CA ASP A 154 -2.12 -33.49 15.22
C ASP A 154 -3.12 -34.06 14.21
N GLY A 155 -4.33 -34.39 14.70
CA GLY A 155 -5.52 -34.95 13.99
C GLY A 155 -6.08 -33.94 12.94
N ALA A 156 -5.71 -32.64 12.97
CA ALA A 156 -6.05 -31.79 11.83
C ALA A 156 -5.00 -32.04 10.74
N TYR A 157 -3.66 -32.04 11.11
CA TYR A 157 -2.58 -32.18 10.21
C TYR A 157 -2.65 -33.54 9.51
N SER A 158 -2.75 -34.66 10.28
CA SER A 158 -3.06 -36.00 9.86
C SER A 158 -4.32 -36.17 8.98
N ALA A 159 -5.46 -35.46 9.40
CA ALA A 159 -6.61 -35.41 8.55
C ALA A 159 -6.38 -34.84 7.23
N MET A 160 -5.80 -33.57 7.16
CA MET A 160 -5.62 -32.73 6.03
C MET A 160 -4.71 -33.44 5.05
N LEU A 161 -3.59 -34.01 5.53
CA LEU A 161 -2.57 -34.70 4.79
C LEU A 161 -3.08 -36.07 4.24
N ALA A 162 -4.18 -36.68 4.75
CA ALA A 162 -4.73 -37.92 4.20
C ALA A 162 -5.76 -37.56 3.17
N ASN A 163 -6.68 -36.60 3.37
CA ASN A 163 -7.85 -36.47 2.50
C ASN A 163 -7.80 -35.26 1.51
N ARG A 164 -6.82 -34.41 1.73
CA ARG A 164 -6.36 -33.43 0.78
C ARG A 164 -7.40 -32.33 0.54
N GLU A 165 -8.23 -32.05 1.54
CA GLU A 165 -9.18 -30.93 1.54
C GLU A 165 -9.19 -30.34 2.93
N ASN A 166 -9.62 -29.03 3.01
CA ASN A 166 -9.26 -28.16 4.08
C ASN A 166 -10.24 -28.18 5.21
N GLN A 167 -9.64 -27.82 6.38
CA GLN A 167 -10.18 -27.83 7.71
C GLN A 167 -9.94 -26.39 8.24
N SER A 168 -10.55 -26.08 9.37
CA SER A 168 -10.38 -24.90 10.15
C SER A 168 -10.37 -25.40 11.62
N MET A 169 -10.02 -24.49 12.57
CA MET A 169 -10.09 -24.73 14.03
C MET A 169 -10.49 -23.34 14.62
N LEU A 170 -11.79 -23.28 15.10
CA LEU A 170 -12.47 -22.08 15.29
C LEU A 170 -12.82 -21.98 16.76
N ILE A 171 -12.25 -20.93 17.47
CA ILE A 171 -12.35 -20.89 18.96
C ILE A 171 -13.36 -19.84 19.30
N THR A 172 -14.40 -20.15 20.14
CA THR A 172 -15.27 -19.18 20.60
C THR A 172 -14.99 -19.06 22.05
N GLY A 173 -15.63 -18.04 22.68
CA GLY A 173 -15.45 -17.79 24.04
C GLY A 173 -16.01 -16.46 24.37
N GLU A 174 -15.88 -16.09 25.71
CA GLU A 174 -16.35 -14.92 26.38
C GLU A 174 -15.29 -14.38 27.31
N SER A 175 -15.63 -13.29 27.98
CA SER A 175 -14.76 -12.61 28.83
C SER A 175 -14.66 -13.45 30.15
N GLY A 176 -13.46 -14.01 30.34
CA GLY A 176 -13.10 -15.05 31.35
C GLY A 176 -12.35 -16.15 30.69
N ALA A 177 -12.10 -16.00 29.37
CA ALA A 177 -11.15 -16.87 28.65
C ALA A 177 -10.52 -15.96 27.60
N GLY A 178 -9.18 -16.09 27.56
CA GLY A 178 -8.31 -15.31 26.78
C GLY A 178 -7.98 -16.26 25.65
N LYS A 179 -8.60 -16.02 24.51
CA LYS A 179 -8.61 -16.80 23.29
C LYS A 179 -7.16 -17.13 22.83
N THR A 180 -6.30 -16.16 22.89
CA THR A 180 -4.96 -16.03 22.30
C THR A 180 -3.99 -16.92 22.95
N GLU A 181 -4.05 -17.04 24.32
CA GLU A 181 -3.28 -17.91 25.22
C GLU A 181 -3.45 -19.35 24.83
N ASN A 182 -4.61 -19.79 24.38
CA ASN A 182 -4.96 -21.07 23.83
C ASN A 182 -4.23 -21.19 22.49
N THR A 183 -4.44 -20.20 21.63
CA THR A 183 -3.90 -20.31 20.24
C THR A 183 -2.45 -20.52 20.10
N LYS A 184 -1.56 -19.94 20.87
CA LYS A 184 -0.16 -20.18 20.93
C LYS A 184 0.26 -21.61 21.21
N LYS A 185 -0.58 -22.49 21.85
CA LYS A 185 -0.32 -23.99 22.00
C LYS A 185 -0.73 -24.81 20.74
N VAL A 186 -1.79 -24.32 19.96
CA VAL A 186 -2.08 -24.82 18.63
C VAL A 186 -0.81 -24.62 17.75
N ILE A 187 -0.27 -23.36 17.72
CA ILE A 187 0.94 -22.99 17.01
C ILE A 187 2.18 -23.75 17.51
N ALA A 188 2.33 -23.99 18.84
CA ALA A 188 3.45 -24.74 19.41
C ALA A 188 3.43 -26.21 19.00
N TYR A 189 2.29 -26.81 18.65
CA TYR A 189 2.31 -28.13 17.96
C TYR A 189 3.01 -27.95 16.60
N TYR A 190 2.40 -26.95 15.86
CA TYR A 190 2.78 -26.81 14.46
C TYR A 190 4.30 -26.56 14.31
N ALA A 191 4.81 -25.51 14.98
CA ALA A 191 6.14 -24.98 15.10
C ALA A 191 7.15 -25.98 15.59
N ASN A 192 6.78 -27.22 16.03
CA ASN A 192 7.68 -28.21 16.64
C ASN A 192 7.40 -29.56 16.07
N VAL A 193 6.95 -29.56 14.76
CA VAL A 193 6.83 -30.71 13.96
C VAL A 193 8.20 -30.74 13.26
N GLY A 194 9.13 -29.78 13.50
CA GLY A 194 10.20 -29.70 12.57
C GLY A 194 11.37 -30.61 12.91
N ALA A 195 12.05 -31.09 11.81
CA ALA A 195 13.31 -31.76 11.97
C ALA A 195 14.33 -31.01 11.10
N ALA A 196 15.70 -31.30 11.15
CA ALA A 196 16.71 -30.48 10.59
C ALA A 196 17.48 -31.50 9.78
N THR A 197 18.42 -31.01 8.91
CA THR A 197 19.36 -31.79 8.15
C THR A 197 20.26 -32.77 8.92
N PRO A 198 20.68 -34.02 8.41
CA PRO A 198 21.74 -34.87 9.02
C PRO A 198 23.01 -34.10 9.34
N LYS A 199 23.69 -34.44 10.41
CA LYS A 199 24.97 -34.05 10.69
C LYS A 199 25.99 -34.99 10.12
N PRO A 200 27.19 -34.55 9.68
CA PRO A 200 27.99 -35.36 8.88
C PRO A 200 28.70 -36.46 9.68
N GLY A 201 28.97 -36.13 10.97
CA GLY A 201 29.68 -37.09 11.85
C GLY A 201 28.80 -38.09 12.58
N LYS A 202 27.45 -38.01 12.30
CA LYS A 202 26.37 -38.88 12.74
C LYS A 202 25.80 -38.21 14.06
N GLU A 203 25.92 -36.89 14.21
CA GLU A 203 25.37 -36.21 15.36
C GLU A 203 23.88 -36.10 15.48
N ALA A 204 23.30 -36.73 16.46
CA ALA A 204 21.86 -36.60 16.72
C ALA A 204 21.33 -35.24 17.04
N PRO A 205 21.93 -34.43 17.88
CA PRO A 205 21.55 -33.06 18.07
C PRO A 205 21.62 -32.21 16.87
N THR A 206 20.63 -31.23 16.83
CA THR A 206 20.29 -30.28 15.81
C THR A 206 18.76 -30.06 15.91
N LYS A 207 18.29 -28.80 15.65
CA LYS A 207 16.89 -28.38 15.66
C LYS A 207 16.73 -27.56 16.89
N GLU A 208 16.20 -26.31 16.64
CA GLU A 208 16.16 -25.10 17.49
C GLU A 208 17.13 -24.15 16.87
N LYS A 209 17.26 -24.28 15.58
CA LYS A 209 18.00 -23.50 14.69
C LYS A 209 16.98 -23.32 13.53
N LYS A 210 15.99 -24.21 13.36
CA LYS A 210 14.97 -24.12 12.33
C LYS A 210 13.63 -23.70 12.97
N ALA A 211 12.87 -22.76 12.33
CA ALA A 211 13.11 -22.03 11.13
C ALA A 211 12.26 -20.81 11.36
N THR A 212 12.72 -19.62 10.85
CA THR A 212 12.16 -18.34 11.07
C THR A 212 10.71 -18.15 10.70
N LEU A 213 10.11 -18.99 9.84
CA LEU A 213 8.70 -18.99 9.54
C LEU A 213 7.94 -19.47 10.79
N GLU A 214 8.43 -20.51 11.47
CA GLU A 214 7.75 -21.04 12.64
C GLU A 214 7.81 -20.05 13.81
N ASP A 215 8.95 -19.36 13.88
CA ASP A 215 9.34 -18.36 14.83
C ASP A 215 8.44 -17.15 14.68
N GLN A 216 8.19 -16.72 13.41
CA GLN A 216 7.36 -15.65 13.01
C GLN A 216 5.92 -15.77 13.38
N VAL A 217 5.33 -16.92 13.02
CA VAL A 217 4.06 -17.36 13.49
C VAL A 217 3.79 -17.37 14.98
N VAL A 218 4.75 -17.77 15.79
CA VAL A 218 4.69 -17.53 17.25
C VAL A 218 4.70 -16.01 17.65
N GLN A 219 5.74 -15.35 17.29
CA GLN A 219 6.21 -14.07 17.76
C GLN A 219 5.18 -12.96 17.59
N THR A 220 4.44 -12.97 16.42
CA THR A 220 3.34 -12.12 16.17
C THR A 220 2.29 -12.05 17.27
N ASN A 221 1.98 -13.19 17.99
CA ASN A 221 0.97 -13.24 19.06
C ASN A 221 1.45 -12.34 20.17
N PRO A 222 2.62 -12.37 20.85
CA PRO A 222 3.10 -11.23 21.73
C PRO A 222 2.99 -9.86 21.18
N VAL A 223 3.42 -9.56 19.96
CA VAL A 223 3.19 -8.21 19.37
C VAL A 223 1.73 -7.84 19.42
N LEU A 224 0.82 -8.70 18.95
CA LEU A 224 -0.65 -8.49 18.93
C LEU A 224 -1.28 -8.34 20.23
N GLU A 225 -0.81 -9.11 21.20
CA GLU A 225 -1.14 -9.04 22.61
C GLU A 225 -0.76 -7.81 23.30
N ALA A 226 0.52 -7.23 23.17
CA ALA A 226 0.93 -6.04 23.89
C ALA A 226 0.00 -4.85 23.57
N PHE A 227 -0.37 -4.62 22.24
CA PHE A 227 -1.26 -3.55 21.94
C PHE A 227 -2.74 -3.85 22.30
N GLY A 228 -3.20 -5.04 21.82
CA GLY A 228 -4.58 -5.25 21.83
C GLY A 228 -5.17 -5.79 23.16
N ASN A 229 -4.39 -6.58 23.91
CA ASN A 229 -4.70 -7.13 25.21
C ASN A 229 -4.46 -6.08 26.21
N ALA A 230 -5.42 -5.99 27.15
CA ALA A 230 -5.25 -5.26 28.37
C ALA A 230 -5.34 -6.32 29.44
N LYS A 231 -6.17 -6.14 30.49
CA LYS A 231 -6.64 -7.21 31.37
C LYS A 231 -7.92 -6.80 32.04
N THR A 232 -8.50 -7.73 32.86
CA THR A 232 -9.69 -7.60 33.68
C THR A 232 -9.18 -8.47 34.80
N VAL A 233 -10.08 -8.65 35.80
CA VAL A 233 -9.85 -9.38 36.98
C VAL A 233 -10.72 -10.60 36.95
N ARG A 234 -11.67 -10.68 35.93
CA ARG A 234 -12.43 -11.85 35.60
C ARG A 234 -11.72 -12.61 34.46
N ASN A 235 -10.81 -11.92 33.74
CA ASN A 235 -10.24 -12.29 32.49
C ASN A 235 -8.84 -11.69 32.41
N ASP A 236 -7.83 -12.30 33.15
CA ASP A 236 -6.49 -11.81 33.15
C ASP A 236 -5.93 -12.09 31.78
N ASN A 237 -5.32 -11.07 31.15
CA ASN A 237 -4.84 -11.14 29.79
C ASN A 237 -6.00 -11.10 28.82
N SER A 238 -6.90 -10.03 28.88
CA SER A 238 -8.13 -9.89 28.10
C SER A 238 -7.79 -9.22 26.79
N SER A 239 -7.73 -9.99 25.71
CA SER A 239 -7.90 -9.47 24.36
C SER A 239 -9.19 -8.81 24.01
N ARG A 240 -9.24 -7.50 23.78
CA ARG A 240 -10.50 -6.81 23.83
C ARG A 240 -11.05 -6.42 22.43
N PHE A 241 -10.57 -7.08 21.34
CA PHE A 241 -10.37 -6.48 20.05
C PHE A 241 -10.66 -7.69 19.23
N GLY A 242 -10.10 -7.74 18.01
CA GLY A 242 -10.38 -8.85 17.17
C GLY A 242 -9.27 -9.01 16.13
N LYS A 243 -8.90 -10.27 15.86
CA LYS A 243 -7.84 -10.60 15.00
C LYS A 243 -8.23 -11.87 14.38
N PHE A 244 -7.85 -12.00 13.09
CA PHE A 244 -8.12 -13.16 12.38
C PHE A 244 -6.74 -13.58 11.90
N ILE A 245 -6.32 -14.85 12.19
CA ILE A 245 -5.03 -15.52 12.01
C ILE A 245 -5.31 -16.67 11.05
N ARG A 246 -4.81 -16.65 9.81
CA ARG A 246 -4.75 -17.88 9.00
C ARG A 246 -3.38 -18.48 9.06
N ILE A 247 -3.17 -19.58 9.83
CA ILE A 247 -1.92 -20.26 9.83
C ILE A 247 -1.75 -21.20 8.69
N HIS A 248 -0.58 -21.32 7.93
CA HIS A 248 -0.39 -22.16 6.74
C HIS A 248 0.68 -23.22 7.14
N PHE A 249 0.45 -24.52 6.74
CA PHE A 249 1.18 -25.70 7.11
C PHE A 249 1.70 -26.29 5.80
N GLY A 250 2.89 -26.98 5.89
CA GLY A 250 3.75 -27.49 4.79
C GLY A 250 3.26 -28.89 4.47
N PRO A 251 4.22 -29.53 3.77
CA PRO A 251 4.17 -30.92 3.38
C PRO A 251 4.36 -31.81 4.63
N MET A 252 5.28 -31.40 5.53
CA MET A 252 5.64 -32.09 6.71
C MET A 252 4.92 -31.43 7.87
N GLY A 253 4.09 -30.36 7.63
CA GLY A 253 3.28 -29.77 8.70
C GLY A 253 3.94 -28.49 9.18
N LYS A 254 5.17 -28.15 8.58
CA LYS A 254 5.95 -27.02 9.06
C LYS A 254 5.36 -25.75 8.60
N LEU A 255 5.29 -24.78 9.53
CA LEU A 255 4.62 -23.55 9.35
C LEU A 255 5.37 -22.75 8.31
N ALA A 256 4.56 -22.07 7.47
CA ALA A 256 4.94 -21.37 6.34
C ALA A 256 4.72 -19.87 6.48
N GLY A 257 3.73 -19.42 7.32
CA GLY A 257 3.59 -18.06 7.74
C GLY A 257 2.15 -17.94 8.18
N ALA A 258 1.71 -16.65 8.39
CA ALA A 258 0.44 -16.45 8.91
C ALA A 258 0.00 -15.19 8.37
N ASP A 259 -1.19 -15.12 7.70
CA ASP A 259 -1.78 -13.88 7.17
C ASP A 259 -2.66 -13.50 8.30
N ILE A 260 -2.21 -12.41 8.99
CA ILE A 260 -2.92 -11.89 10.11
C ILE A 260 -3.41 -10.51 9.87
N GLU A 261 -4.71 -10.39 9.82
CA GLU A 261 -5.40 -9.11 9.80
C GLU A 261 -5.82 -8.77 11.23
N THR A 262 -6.41 -7.48 11.38
CA THR A 262 -7.01 -7.00 12.62
C THR A 262 -8.36 -6.40 12.23
N TYR A 263 -9.31 -6.72 13.09
CA TYR A 263 -10.70 -6.22 13.00
C TYR A 263 -10.78 -4.79 13.61
N LEU A 264 -11.28 -4.64 14.83
CA LEU A 264 -11.29 -3.36 15.51
C LEU A 264 -10.23 -3.27 16.52
N LEU A 265 -10.15 -2.04 17.15
CA LEU A 265 -9.57 -1.95 18.46
C LEU A 265 -10.30 -0.95 19.26
N GLU A 266 -10.37 -1.19 20.63
CA GLU A 266 -10.89 -0.23 21.64
C GLU A 266 -10.36 1.20 21.49
N LYS A 267 -11.21 2.13 21.84
CA LYS A 267 -10.98 3.55 22.06
C LYS A 267 -11.75 3.91 23.27
N ALA A 268 -11.79 3.05 24.34
CA ALA A 268 -12.64 3.25 25.48
C ALA A 268 -11.97 2.73 26.78
N ARG A 269 -10.70 2.29 26.76
CA ARG A 269 -9.94 1.68 27.85
C ARG A 269 -8.74 2.52 28.10
N VAL A 270 -8.82 3.89 27.71
CA VAL A 270 -7.64 4.67 27.88
C VAL A 270 -8.15 6.12 27.70
N ILE A 271 -9.50 6.33 27.53
CA ILE A 271 -10.19 7.61 27.47
C ILE A 271 -10.73 7.89 28.83
N SER A 272 -10.73 6.88 29.75
CA SER A 272 -11.06 6.87 31.17
C SER A 272 -11.18 5.41 31.48
N GLN A 273 -11.26 5.04 32.82
CA GLN A 273 -11.30 3.68 33.27
C GLN A 273 -12.50 3.48 34.09
N GLN A 274 -13.03 2.20 34.03
CA GLN A 274 -13.97 1.72 34.98
C GLN A 274 -13.24 0.86 35.99
N THR A 275 -13.87 0.58 37.19
CA THR A 275 -13.16 0.14 38.35
C THR A 275 -12.82 -1.32 38.13
N LEU A 276 -11.48 -1.59 38.20
CA LEU A 276 -10.84 -2.88 38.00
C LEU A 276 -10.82 -3.25 36.54
N GLU A 277 -10.58 -2.16 35.69
CA GLU A 277 -10.10 -2.35 34.34
C GLU A 277 -8.72 -1.80 34.35
N ARG A 278 -7.78 -2.51 33.64
CA ARG A 278 -6.43 -2.08 33.48
C ARG A 278 -6.47 -1.71 32.02
N SER A 279 -5.65 -0.70 31.63
CA SER A 279 -5.35 -0.23 30.23
C SER A 279 -4.33 -1.16 29.61
N TYR A 280 -3.89 -0.93 28.34
CA TYR A 280 -3.31 -1.89 27.42
C TYR A 280 -1.97 -2.26 27.94
N HIS A 281 -1.81 -3.60 27.91
CA HIS A 281 -0.73 -4.30 28.58
C HIS A 281 0.67 -3.72 28.41
N ILE A 282 0.93 -3.31 27.17
CA ILE A 282 2.17 -2.68 26.70
C ILE A 282 2.60 -1.51 27.57
N PHE A 283 1.64 -0.64 28.14
CA PHE A 283 2.04 0.56 28.88
C PHE A 283 2.95 0.18 30.01
N TYR A 284 2.47 -0.80 30.84
CA TYR A 284 3.08 -1.29 32.06
C TYR A 284 4.31 -1.97 31.75
N GLN A 285 4.42 -2.69 30.57
CA GLN A 285 5.59 -3.42 30.07
C GLN A 285 6.77 -2.45 29.93
N LEU A 286 6.45 -1.38 29.22
CA LEU A 286 7.28 -0.29 28.81
C LEU A 286 7.83 0.49 29.89
N MET A 287 7.01 0.72 30.89
CA MET A 287 7.35 1.26 32.19
C MET A 287 8.27 0.49 33.16
N SER A 288 7.94 -0.79 33.39
CA SER A 288 8.68 -1.58 34.37
C SER A 288 9.94 -2.09 33.80
N GLY A 289 9.79 -2.67 32.58
CA GLY A 289 10.70 -3.41 31.77
C GLY A 289 11.81 -2.62 31.19
N GLY A 290 11.63 -1.22 31.04
CA GLY A 290 12.42 -0.34 30.21
C GLY A 290 13.85 -0.35 30.56
N ILE A 291 14.64 -0.22 29.54
CA ILE A 291 16.10 -0.08 29.70
C ILE A 291 16.28 1.37 29.80
N GLU A 292 17.25 1.72 30.61
CA GLU A 292 17.86 3.04 30.87
C GLU A 292 17.98 4.03 29.74
N ASN A 293 18.20 3.49 28.51
CA ASN A 293 18.27 4.33 27.31
C ASN A 293 16.87 4.94 27.10
N LEU A 294 15.86 4.05 26.81
CA LEU A 294 14.50 4.46 26.52
C LEU A 294 13.87 5.22 27.66
N LYS A 295 14.15 4.82 28.91
CA LYS A 295 13.78 5.51 30.13
C LYS A 295 14.08 7.04 30.22
N ALA A 296 15.27 7.43 29.63
CA ALA A 296 15.69 8.78 29.54
C ALA A 296 14.87 9.45 28.57
N ASP A 297 15.03 9.10 27.21
CA ASP A 297 14.36 9.69 26.09
C ASP A 297 12.88 9.87 26.24
N LEU A 298 12.17 8.68 26.50
CA LEU A 298 10.70 8.60 26.55
C LEU A 298 10.10 9.20 27.77
N LEU A 299 10.90 9.46 28.91
CA LEU A 299 10.55 10.19 30.11
C LEU A 299 9.53 9.40 30.84
N LEU A 300 9.91 8.22 31.23
CA LEU A 300 9.08 7.27 31.94
C LEU A 300 9.38 7.13 33.40
N SER A 301 8.30 7.02 34.21
CA SER A 301 8.23 6.61 35.57
C SER A 301 7.70 5.23 35.49
N ASP A 302 8.05 4.47 36.63
CA ASP A 302 7.60 3.13 37.00
C ASP A 302 6.60 3.24 38.15
N ASP A 303 6.31 4.49 38.44
CA ASP A 303 5.21 4.79 39.38
C ASP A 303 3.94 5.14 38.59
N ILE A 304 2.83 4.67 39.23
CA ILE A 304 1.43 4.74 38.84
C ILE A 304 0.66 5.59 39.78
N TYR A 305 -0.50 6.19 39.33
CA TYR A 305 -1.29 7.14 40.01
C TYR A 305 -0.70 8.54 39.82
N ASP A 306 0.27 8.59 38.90
CA ASP A 306 0.82 9.82 38.39
C ASP A 306 0.22 9.90 37.02
N TYR A 307 -0.93 9.24 36.72
CA TYR A 307 -1.64 9.20 35.47
C TYR A 307 -3.11 9.06 35.92
N HIS A 308 -4.00 8.56 35.03
CA HIS A 308 -5.41 8.44 35.36
C HIS A 308 -6.03 7.52 34.34
N PHE A 309 -5.30 7.18 33.25
CA PHE A 309 -5.77 6.21 32.28
C PHE A 309 -4.86 4.97 32.49
N VAL A 310 -3.85 5.13 33.38
CA VAL A 310 -2.98 4.02 33.75
C VAL A 310 -2.98 4.03 35.24
N SER A 311 -3.75 3.12 35.85
CA SER A 311 -4.03 2.86 37.20
C SER A 311 -4.31 1.38 37.17
N GLN A 312 -4.12 0.76 38.31
CA GLN A 312 -4.21 -0.66 38.59
C GLN A 312 -2.95 -1.36 38.22
N GLY A 313 -2.45 -2.05 39.25
CA GLY A 313 -1.18 -2.71 39.26
C GLY A 313 -1.17 -4.00 38.50
N LYS A 314 -0.26 -4.86 38.82
CA LYS A 314 -0.24 -6.29 38.50
C LYS A 314 -1.43 -7.02 39.05
N ILE A 315 -1.99 -7.96 38.18
CA ILE A 315 -3.09 -8.89 38.47
C ILE A 315 -2.51 -10.23 38.28
N GLU A 316 -2.84 -11.11 39.31
CA GLU A 316 -2.25 -12.40 39.37
C GLU A 316 -2.84 -13.44 38.46
N ILE A 317 -2.02 -13.81 37.49
CA ILE A 317 -2.20 -14.97 36.70
C ILE A 317 -0.68 -15.49 36.49
N PRO A 318 -0.44 -16.76 36.65
CA PRO A 318 0.79 -17.48 36.28
C PRO A 318 1.35 -17.10 34.95
N GLY A 319 2.59 -16.73 34.89
CA GLY A 319 3.41 -16.91 33.80
C GLY A 319 3.42 -15.57 33.07
N VAL A 320 2.82 -14.49 33.60
CA VAL A 320 2.78 -13.19 33.03
C VAL A 320 3.57 -12.32 33.98
N ASP A 321 4.44 -11.50 33.37
CA ASP A 321 5.12 -10.28 34.00
C ASP A 321 4.63 -9.10 33.25
N ASP A 322 5.14 -7.96 33.63
CA ASP A 322 5.11 -6.85 32.61
C ASP A 322 6.47 -6.62 32.06
N ALA A 323 7.53 -6.88 32.95
CA ALA A 323 8.86 -6.47 32.68
C ALA A 323 9.49 -7.37 31.66
N GLU A 324 9.34 -8.68 31.88
CA GLU A 324 9.90 -9.71 30.99
C GLU A 324 9.21 -9.92 29.71
N GLU A 325 7.91 -9.65 29.64
CA GLU A 325 7.01 -9.48 28.56
C GLU A 325 7.36 -8.35 27.59
N LEU A 326 8.05 -7.27 28.12
CA LEU A 326 8.68 -6.16 27.29
C LEU A 326 9.73 -6.75 26.30
N ARG A 327 10.66 -7.56 26.80
CA ARG A 327 11.83 -8.15 26.12
C ARG A 327 11.47 -9.17 25.09
N LEU A 328 10.43 -9.96 25.46
CA LEU A 328 9.73 -10.91 24.57
C LEU A 328 9.27 -10.16 23.31
N THR A 329 8.48 -9.06 23.49
CA THR A 329 7.87 -8.26 22.36
C THR A 329 8.90 -7.45 21.56
N ASP A 330 9.90 -6.87 22.26
CA ASP A 330 10.94 -6.14 21.58
C ASP A 330 11.69 -6.99 20.56
N THR A 331 12.01 -8.23 20.92
CA THR A 331 12.53 -9.36 20.13
C THR A 331 11.57 -9.78 19.10
N ALA A 332 10.27 -9.73 19.39
CA ALA A 332 9.19 -10.10 18.50
C ALA A 332 9.03 -9.09 17.33
N PHE A 333 9.52 -7.80 17.45
CA PHE A 333 9.76 -6.89 16.36
C PHE A 333 10.97 -7.22 15.51
N ASP A 334 12.12 -7.46 16.16
CA ASP A 334 13.41 -7.90 15.61
C ASP A 334 13.30 -9.10 14.61
N ILE A 335 12.64 -10.19 15.10
CA ILE A 335 12.31 -11.44 14.38
C ILE A 335 11.43 -11.27 13.11
N LEU A 336 10.48 -10.27 13.14
CA LEU A 336 9.53 -10.03 12.10
C LEU A 336 10.26 -9.38 10.93
N GLY A 337 11.44 -8.74 11.19
CA GLY A 337 12.16 -8.08 10.18
C GLY A 337 11.76 -6.69 10.10
N PHE A 338 10.97 -6.17 11.10
CA PHE A 338 10.62 -4.79 11.24
C PHE A 338 11.85 -4.06 11.58
N SER A 339 11.82 -2.76 11.15
CA SER A 339 12.77 -1.68 11.31
C SER A 339 13.00 -1.23 12.65
N HIS A 340 14.31 -1.01 12.84
CA HIS A 340 14.93 -0.79 14.19
C HIS A 340 14.60 0.63 14.59
N GLU A 341 14.35 1.47 13.53
CA GLU A 341 13.95 2.85 13.61
C GLU A 341 12.60 2.83 14.23
N TYR A 342 11.63 2.27 13.56
CA TYR A 342 10.20 2.48 13.69
C TYR A 342 9.66 2.03 15.06
N LYS A 343 10.37 1.09 15.71
CA LYS A 343 10.15 0.72 17.11
C LYS A 343 10.16 1.91 18.04
N THR A 344 11.22 2.72 18.10
CA THR A 344 11.29 3.89 19.03
C THR A 344 10.37 4.98 18.74
N ASP A 345 10.06 5.24 17.49
CA ASP A 345 9.15 6.24 16.97
C ASP A 345 7.72 5.91 17.36
N VAL A 346 7.36 4.66 17.21
CA VAL A 346 6.14 4.06 17.67
C VAL A 346 6.06 4.11 19.19
N TYR A 347 7.18 3.91 19.97
CA TYR A 347 7.23 3.99 21.41
C TYR A 347 7.02 5.36 21.87
N LYS A 348 7.60 6.38 21.23
CA LYS A 348 7.31 7.72 21.48
C LYS A 348 5.83 8.04 21.41
N ILE A 349 5.09 7.59 20.30
CA ILE A 349 3.72 7.81 20.24
C ILE A 349 2.93 6.97 21.29
N THR A 350 3.37 5.69 21.57
CA THR A 350 2.74 4.84 22.47
C THR A 350 2.77 5.46 23.88
N ALA A 351 3.92 5.97 24.34
CA ALA A 351 4.09 6.34 25.75
C ALA A 351 3.43 7.62 26.21
N SER A 352 2.94 8.43 25.21
CA SER A 352 2.30 9.70 25.50
C SER A 352 0.89 9.31 25.99
N CYS A 353 0.33 8.21 25.58
CA CYS A 353 -0.97 7.62 25.98
C CYS A 353 -1.04 7.18 27.41
N MET A 354 0.19 7.10 28.09
CA MET A 354 0.24 7.07 29.55
C MET A 354 0.21 8.38 30.17
N HIS A 355 1.14 9.23 29.70
CA HIS A 355 1.54 10.55 30.18
C HIS A 355 0.38 11.49 30.31
N LEU A 356 -0.63 11.28 29.42
CA LEU A 356 -1.75 12.17 29.17
C LEU A 356 -2.68 12.21 30.26
N GLY A 357 -2.68 11.08 30.98
CA GLY A 357 -3.64 10.95 32.08
C GLY A 357 -3.23 11.84 33.26
N GLU A 358 -4.20 12.51 33.98
CA GLU A 358 -4.08 13.28 35.21
C GLU A 358 -4.34 14.71 34.87
N MET A 359 -5.05 15.03 33.73
CA MET A 359 -5.28 16.34 33.32
C MET A 359 -6.75 16.58 33.25
N LYS A 360 -7.16 17.61 34.00
CA LYS A 360 -8.54 17.91 33.97
C LYS A 360 -8.62 19.35 34.35
N PHE A 361 -9.60 20.12 33.72
CA PHE A 361 -10.08 21.40 34.25
C PHE A 361 -9.02 22.42 34.22
N LYS A 362 -8.57 22.60 32.92
CA LYS A 362 -7.54 23.50 32.68
C LYS A 362 -8.24 24.69 32.01
N GLN A 363 -8.68 25.70 32.82
CA GLN A 363 -9.28 26.95 32.38
C GLN A 363 -8.33 28.00 32.84
N ARG A 364 -7.17 27.63 33.61
CA ARG A 364 -6.19 28.67 33.97
C ARG A 364 -5.56 29.33 32.72
N PRO A 365 -5.56 30.67 32.49
CA PRO A 365 -5.16 31.31 31.25
C PRO A 365 -3.74 31.65 31.27
N ARG A 366 -3.18 31.58 30.07
CA ARG A 366 -1.79 32.09 29.88
C ARG A 366 -1.74 33.09 28.74
N GLU A 367 -2.80 33.14 27.91
CA GLU A 367 -2.80 33.73 26.59
C GLU A 367 -4.28 34.10 26.28
N GLU A 368 -5.14 34.13 27.32
CA GLU A 368 -6.53 34.49 27.27
C GLU A 368 -7.34 33.45 26.53
N GLN A 369 -7.09 32.13 26.99
CA GLN A 369 -7.69 30.99 26.42
C GLN A 369 -7.37 29.84 27.42
N ALA A 370 -8.17 28.70 27.34
CA ALA A 370 -8.10 27.55 28.24
C ALA A 370 -6.80 26.86 27.96
N GLU A 371 -5.83 26.99 28.87
CA GLU A 371 -4.62 26.21 29.00
C GLU A 371 -4.31 25.93 30.47
N ALA A 372 -3.05 25.73 30.85
CA ALA A 372 -2.74 25.18 32.15
C ALA A 372 -1.42 25.62 32.62
N ASP A 373 -1.34 25.55 33.95
CA ASP A 373 -0.30 25.99 34.80
C ASP A 373 0.72 24.90 35.00
N GLY A 374 0.38 23.58 34.63
CA GLY A 374 1.22 22.47 34.41
C GLY A 374 2.39 22.91 33.53
N THR A 375 3.47 22.06 33.60
CA THR A 375 4.54 22.18 32.70
C THR A 375 4.99 20.81 32.41
N GLU A 376 5.56 20.06 33.42
CA GLU A 376 6.31 18.83 33.25
C GLU A 376 5.45 17.67 32.69
N GLU A 377 4.28 17.52 33.28
CA GLU A 377 3.25 16.73 32.86
C GLU A 377 3.11 16.70 31.33
N GLY A 378 3.07 17.89 30.69
CA GLY A 378 2.73 18.02 29.33
C GLY A 378 3.89 18.17 28.41
N GLU A 379 5.03 18.32 29.02
CA GLU A 379 6.34 18.44 28.34
C GLU A 379 6.74 17.02 27.96
N ARG A 380 6.54 16.02 28.90
CA ARG A 380 6.78 14.61 28.64
C ARG A 380 5.89 13.98 27.61
N VAL A 381 4.70 14.56 27.27
CA VAL A 381 3.96 14.33 26.06
C VAL A 381 4.63 15.04 24.90
N ALA A 382 4.81 16.38 25.10
CA ALA A 382 5.21 17.35 24.08
C ALA A 382 6.42 16.95 23.32
N HIS A 383 7.57 16.66 23.94
CA HIS A 383 8.81 16.32 23.28
C HIS A 383 8.78 15.17 22.35
N LEU A 384 8.11 14.08 22.73
CA LEU A 384 7.89 12.89 21.93
C LEU A 384 7.09 13.04 20.68
N LEU A 385 6.33 14.18 20.57
CA LEU A 385 5.53 14.42 19.37
C LEU A 385 6.30 15.39 18.56
N GLY A 386 7.07 16.27 19.22
CA GLY A 386 7.70 17.43 18.53
C GLY A 386 7.06 18.65 18.97
N VAL A 387 5.68 18.76 18.97
CA VAL A 387 4.88 19.92 19.22
C VAL A 387 5.12 20.32 20.63
N ASN A 388 5.07 21.62 21.02
CA ASN A 388 5.41 22.11 22.31
C ASN A 388 4.22 22.04 23.15
N ALA A 389 4.47 22.40 24.42
CA ALA A 389 3.61 22.33 25.58
C ALA A 389 2.40 23.11 25.43
N ALA A 390 2.49 24.28 24.77
CA ALA A 390 1.36 25.10 24.38
C ALA A 390 0.45 24.51 23.32
N ASP A 391 0.94 23.82 22.20
CA ASP A 391 0.10 23.16 21.16
C ASP A 391 -0.89 22.13 21.77
N LEU A 392 -0.30 21.43 22.73
CA LEU A 392 -0.84 20.37 23.51
C LEU A 392 -2.03 20.94 24.34
N TYR A 393 -1.69 21.81 25.34
CA TYR A 393 -2.55 22.36 26.38
C TYR A 393 -3.63 23.32 25.82
N LYS A 394 -3.50 23.77 24.51
CA LYS A 394 -4.54 24.53 23.92
C LYS A 394 -5.58 23.60 23.47
N ASN A 395 -5.16 22.59 22.63
CA ASN A 395 -6.07 21.78 21.81
C ASN A 395 -6.84 20.71 22.59
N LEU A 396 -6.35 20.20 23.77
CA LEU A 396 -7.03 19.36 24.70
C LEU A 396 -8.43 19.71 25.16
N VAL A 397 -8.57 20.97 25.56
CA VAL A 397 -9.64 21.32 26.43
C VAL A 397 -11.02 21.21 25.92
N LYS A 398 -11.25 21.61 24.65
CA LYS A 398 -12.54 21.32 24.04
C LYS A 398 -12.43 21.02 22.53
N PRO A 399 -13.24 20.06 21.97
CA PRO A 399 -13.30 19.76 20.53
C PRO A 399 -14.06 20.79 19.81
N LYS A 400 -13.62 20.97 18.58
CA LYS A 400 -14.34 21.76 17.62
C LYS A 400 -15.42 20.79 17.13
N ILE A 401 -16.69 21.10 17.48
CA ILE A 401 -17.80 20.25 17.15
C ILE A 401 -18.42 20.76 15.92
N LYS A 402 -18.44 19.87 14.84
CA LYS A 402 -19.27 20.16 13.69
C LYS A 402 -20.73 20.22 14.10
N VAL A 403 -21.34 21.49 14.08
CA VAL A 403 -22.74 21.72 14.25
C VAL A 403 -23.22 22.37 12.97
N GLY A 404 -23.97 21.61 12.19
CA GLY A 404 -24.39 21.84 10.82
C GLY A 404 -23.33 21.27 10.00
N ASN A 405 -22.22 21.98 9.87
CA ASN A 405 -20.98 21.59 9.34
C ASN A 405 -19.98 22.60 9.71
N GLU A 406 -20.39 23.65 10.48
CA GLU A 406 -19.51 24.75 10.91
C GLU A 406 -18.99 24.35 12.24
N MET A 407 -18.27 25.23 13.00
CA MET A 407 -17.54 24.73 14.16
C MET A 407 -18.00 25.50 15.40
N VAL A 408 -18.49 24.87 16.47
CA VAL A 408 -18.92 25.50 17.67
C VAL A 408 -18.28 24.73 18.70
N THR A 409 -18.48 25.24 19.90
CA THR A 409 -18.01 24.66 21.16
C THR A 409 -19.12 24.58 22.13
N GLN A 410 -18.88 23.74 23.19
CA GLN A 410 -19.79 23.62 24.25
C GLN A 410 -19.06 24.15 25.40
N GLY A 411 -19.74 24.51 26.51
CA GLY A 411 -19.17 24.57 27.82
C GLY A 411 -18.79 23.16 28.25
N ARG A 412 -17.58 22.94 28.82
CA ARG A 412 -17.12 21.66 29.29
C ARG A 412 -16.40 21.98 30.60
N ASN A 413 -16.82 21.18 31.61
CA ASN A 413 -16.28 21.25 32.96
C ASN A 413 -15.34 20.11 33.17
N ALA A 414 -14.83 19.99 34.41
CA ALA A 414 -13.74 19.14 34.81
C ALA A 414 -13.79 17.76 34.18
N THR A 415 -14.84 16.90 34.38
CA THR A 415 -14.94 15.58 33.80
C THR A 415 -14.97 15.58 32.32
N GLN A 416 -15.64 16.56 31.68
CA GLN A 416 -15.82 16.74 30.30
C GLN A 416 -14.48 16.95 29.64
N VAL A 417 -13.66 17.83 30.26
CA VAL A 417 -12.28 18.23 29.95
C VAL A 417 -11.32 16.99 30.09
N SER A 418 -11.40 16.30 31.26
CA SER A 418 -10.75 14.99 31.50
C SER A 418 -10.89 14.01 30.31
N TYR A 419 -12.08 13.72 29.84
CA TYR A 419 -12.49 12.79 28.88
C TYR A 419 -11.94 13.18 27.51
N SER A 420 -11.87 14.47 27.23
CA SER A 420 -11.26 15.04 26.06
C SER A 420 -9.72 15.02 25.98
N VAL A 421 -9.00 14.75 27.09
CA VAL A 421 -7.56 14.56 27.14
C VAL A 421 -7.38 13.10 26.68
N GLY A 422 -8.25 12.23 27.17
CA GLY A 422 -8.24 10.81 26.83
C GLY A 422 -8.53 10.60 25.34
N GLY A 423 -9.27 11.58 24.67
CA GLY A 423 -9.48 11.50 23.22
C GLY A 423 -8.27 11.43 22.40
N LEU A 424 -7.27 12.27 22.80
CA LEU A 424 -6.06 12.46 22.01
C LEU A 424 -5.28 11.20 22.06
N ALA A 425 -5.20 10.58 23.24
CA ALA A 425 -4.59 9.24 23.30
C ALA A 425 -5.26 8.14 22.50
N LYS A 426 -6.65 8.04 22.47
CA LYS A 426 -7.24 6.89 21.84
C LYS A 426 -7.22 6.96 20.33
N ALA A 427 -7.13 8.17 19.75
CA ALA A 427 -7.02 8.35 18.36
C ALA A 427 -5.64 7.94 17.88
N MET A 428 -4.61 8.21 18.64
CA MET A 428 -3.25 7.83 18.30
C MET A 428 -3.05 6.31 18.31
N PHE A 429 -3.55 5.67 19.42
CA PHE A 429 -3.28 4.27 19.67
C PHE A 429 -4.05 3.37 18.63
N ASP A 430 -5.32 3.75 18.38
CA ASP A 430 -6.02 3.05 17.31
C ASP A 430 -5.34 3.11 16.00
N ARG A 431 -4.82 4.38 15.60
CA ARG A 431 -4.40 4.60 14.28
C ARG A 431 -3.07 4.01 14.01
N THR A 432 -2.14 4.05 15.04
CA THR A 432 -0.85 3.39 14.98
C THR A 432 -0.95 1.91 14.86
N PHE A 433 -1.88 1.32 15.66
CA PHE A 433 -1.99 -0.10 15.67
C PHE A 433 -2.49 -0.64 14.34
N LYS A 434 -3.41 0.10 13.75
CA LYS A 434 -4.06 -0.17 12.42
C LYS A 434 -3.12 -0.08 11.26
N TRP A 435 -2.23 0.91 11.20
CA TRP A 435 -1.07 0.92 10.27
C TRP A 435 -0.24 -0.31 10.44
N LEU A 436 -0.05 -0.62 11.73
CA LEU A 436 0.99 -1.48 12.22
C LEU A 436 0.91 -2.91 11.94
N VAL A 437 -0.25 -3.55 12.19
CA VAL A 437 -0.46 -4.94 11.78
C VAL A 437 -0.22 -5.09 10.29
N LYS A 438 -0.81 -4.20 9.44
CA LYS A 438 -0.93 -4.38 8.01
C LYS A 438 0.49 -4.32 7.42
N ARG A 439 1.36 -3.42 7.94
CA ARG A 439 2.72 -3.45 7.40
C ARG A 439 3.57 -4.61 7.82
N LEU A 440 3.17 -5.35 8.91
CA LEU A 440 3.85 -6.51 9.39
C LEU A 440 3.35 -7.74 8.67
N ASN A 441 2.12 -7.74 8.21
CA ASN A 441 1.41 -8.77 7.43
C ASN A 441 2.06 -9.01 6.08
N GLU A 442 2.62 -7.95 5.46
CA GLU A 442 3.30 -8.08 4.20
C GLU A 442 4.36 -9.09 4.22
N THR A 443 5.20 -9.15 5.23
CA THR A 443 6.42 -9.92 5.33
C THR A 443 5.99 -11.33 5.53
N LEU A 444 4.83 -11.54 6.18
CA LEU A 444 4.29 -12.88 6.49
C LEU A 444 3.49 -13.47 5.38
N ASP A 445 3.69 -13.04 4.09
CA ASP A 445 3.06 -13.56 2.94
C ASP A 445 3.93 -14.48 2.15
N THR A 446 5.09 -14.76 2.65
CA THR A 446 5.94 -15.87 2.13
C THR A 446 5.30 -17.12 2.60
N LYS A 447 5.23 -18.14 1.71
CA LYS A 447 4.68 -19.44 1.92
C LYS A 447 5.73 -20.39 1.49
N GLN A 448 5.82 -20.72 0.19
CA GLN A 448 6.95 -21.44 -0.47
C GLN A 448 6.71 -22.91 -0.23
N LYS A 449 5.60 -23.34 0.20
CA LYS A 449 5.37 -24.75 0.54
C LYS A 449 3.87 -24.99 0.09
N ARG A 450 3.24 -26.02 0.70
CA ARG A 450 1.82 -26.31 0.33
C ARG A 450 0.81 -25.22 0.78
N GLN A 451 -0.14 -24.94 -0.13
CA GLN A 451 -1.17 -23.91 0.14
C GLN A 451 -2.39 -24.38 0.93
N TYR A 452 -2.28 -25.05 2.11
CA TYR A 452 -3.37 -25.50 2.96
C TYR A 452 -3.28 -24.66 4.25
N PHE A 453 -4.46 -24.20 4.75
CA PHE A 453 -4.47 -23.38 5.93
C PHE A 453 -5.50 -23.94 6.82
N ILE A 454 -5.30 -23.49 8.04
CA ILE A 454 -6.39 -23.50 8.99
C ILE A 454 -6.57 -22.02 9.26
N GLY A 455 -7.81 -21.53 9.53
CA GLY A 455 -8.06 -20.16 9.88
C GLY A 455 -8.61 -20.19 11.22
N VAL A 456 -7.89 -19.46 12.07
CA VAL A 456 -8.26 -19.36 13.45
C VAL A 456 -8.77 -17.97 13.66
N LEU A 457 -10.01 -17.77 14.15
CA LEU A 457 -10.69 -16.58 14.36
C LEU A 457 -10.74 -16.30 15.84
N ASP A 458 -10.21 -15.15 16.29
CA ASP A 458 -10.15 -14.69 17.62
C ASP A 458 -10.76 -13.31 17.69
N ILE A 459 -12.09 -13.26 18.02
CA ILE A 459 -12.72 -12.02 18.33
C ILE A 459 -13.33 -12.13 19.70
N ALA A 460 -12.68 -11.47 20.73
CA ALA A 460 -13.00 -11.66 22.16
C ALA A 460 -13.17 -10.32 22.76
N GLY A 461 -13.39 -10.34 24.13
CA GLY A 461 -13.80 -9.14 24.82
C GLY A 461 -15.35 -8.96 24.73
N PHE A 462 -16.03 -8.25 25.65
CA PHE A 462 -17.40 -8.40 25.90
C PHE A 462 -17.41 -7.36 27.07
N GLU A 463 -17.01 -7.75 28.31
CA GLU A 463 -17.00 -6.86 29.43
C GLU A 463 -18.42 -6.69 29.99
N ILE A 464 -18.60 -6.57 31.35
CA ILE A 464 -19.83 -6.39 32.03
C ILE A 464 -19.53 -5.37 33.07
N PHE A 465 -19.67 -4.03 32.71
CA PHE A 465 -19.51 -2.91 33.59
C PHE A 465 -20.64 -1.96 33.17
N ASP A 466 -20.95 -0.99 34.10
CA ASP A 466 -22.00 0.03 33.90
C ASP A 466 -21.86 0.77 32.50
N TYR A 467 -20.58 1.00 32.18
CA TYR A 467 -20.13 1.65 30.89
C TYR A 467 -19.29 0.58 30.18
N ASN A 468 -19.63 0.23 28.92
CA ASN A 468 -18.68 -0.16 27.93
C ASN A 468 -18.84 0.81 26.76
N GLY A 469 -17.79 1.06 25.98
CA GLY A 469 -17.71 1.73 24.70
C GLY A 469 -18.57 1.10 23.60
N PHE A 470 -18.89 1.93 22.55
CA PHE A 470 -19.59 1.65 21.31
C PHE A 470 -18.71 0.71 20.47
N GLU A 471 -17.38 0.78 20.65
CA GLU A 471 -16.33 0.06 20.01
C GLU A 471 -16.49 -1.46 20.35
N GLN A 472 -16.62 -1.83 21.59
CA GLN A 472 -16.92 -3.11 22.20
C GLN A 472 -18.24 -3.61 21.74
N LEU A 473 -19.25 -2.70 21.40
CA LEU A 473 -20.60 -3.08 21.04
C LEU A 473 -20.50 -3.71 19.64
N CYS A 474 -19.70 -2.98 18.76
CA CYS A 474 -19.54 -3.46 17.38
C CYS A 474 -18.74 -4.74 17.35
N ILE A 475 -17.92 -5.05 18.41
CA ILE A 475 -17.15 -6.26 18.55
C ILE A 475 -18.14 -7.35 18.91
N ASN A 476 -19.07 -7.11 19.89
CA ASN A 476 -20.05 -8.07 20.32
C ASN A 476 -21.11 -8.35 19.29
N PHE A 477 -21.29 -7.45 18.32
CA PHE A 477 -22.12 -7.80 17.15
C PHE A 477 -21.43 -8.81 16.20
N THR A 478 -20.22 -9.24 16.51
CA THR A 478 -19.53 -10.25 15.76
C THR A 478 -19.75 -11.42 16.60
N ASN A 479 -19.56 -11.27 17.94
CA ASN A 479 -19.71 -12.37 18.88
C ASN A 479 -21.01 -13.19 18.70
N GLU A 480 -22.12 -12.43 18.37
CA GLU A 480 -23.44 -12.99 18.02
C GLU A 480 -23.23 -13.97 16.84
N LYS A 481 -22.49 -13.59 15.75
CA LYS A 481 -22.18 -14.28 14.53
C LYS A 481 -21.26 -15.47 14.70
N LEU A 482 -20.40 -15.46 15.71
CA LEU A 482 -19.66 -16.61 16.23
C LEU A 482 -20.57 -17.69 16.74
N GLN A 483 -21.59 -17.29 17.67
CA GLN A 483 -22.61 -18.25 18.06
C GLN A 483 -23.38 -18.74 16.84
N GLN A 484 -23.63 -17.99 15.76
CA GLN A 484 -24.16 -18.58 14.59
C GLN A 484 -23.23 -19.57 13.82
N PHE A 485 -21.95 -19.38 13.76
CA PHE A 485 -21.07 -20.46 13.20
C PHE A 485 -21.06 -21.72 14.07
N PHE A 486 -21.27 -21.51 15.42
CA PHE A 486 -21.52 -22.70 16.24
C PHE A 486 -22.71 -23.53 15.82
N ASN A 487 -23.89 -22.88 15.61
CA ASN A 487 -25.15 -23.48 15.21
C ASN A 487 -24.96 -24.20 13.89
N HIS A 488 -24.38 -23.48 12.94
CA HIS A 488 -24.09 -23.95 11.61
C HIS A 488 -23.08 -25.05 11.41
N HIS A 489 -22.31 -25.31 12.43
CA HIS A 489 -21.25 -26.29 12.35
C HIS A 489 -21.57 -27.49 13.27
N MET A 490 -22.31 -27.27 14.38
CA MET A 490 -22.69 -28.25 15.36
C MET A 490 -23.85 -29.09 14.91
N PHE A 491 -24.88 -28.49 14.46
CA PHE A 491 -25.86 -29.23 13.56
C PHE A 491 -25.24 -29.63 12.25
N VAL A 492 -24.94 -28.61 11.41
CA VAL A 492 -24.97 -28.77 9.93
C VAL A 492 -23.70 -29.28 9.43
N LEU A 493 -22.58 -28.50 9.47
CA LEU A 493 -21.32 -28.86 8.76
C LEU A 493 -20.59 -30.06 9.40
N GLU A 494 -20.87 -30.26 10.71
CA GLU A 494 -20.38 -31.50 11.29
C GLU A 494 -20.85 -32.78 10.58
N GLN A 495 -22.19 -33.05 10.51
CA GLN A 495 -22.81 -34.16 9.86
C GLN A 495 -22.78 -34.06 8.31
N GLU A 496 -22.66 -32.94 7.61
CA GLU A 496 -22.41 -32.85 6.16
C GLU A 496 -21.06 -33.52 5.94
N GLU A 497 -20.03 -33.19 6.75
CA GLU A 497 -18.75 -33.87 6.73
C GLU A 497 -18.86 -35.38 7.08
N TYR A 498 -19.73 -35.87 7.98
CA TYR A 498 -19.97 -37.25 8.34
C TYR A 498 -20.56 -38.10 7.18
N LYS A 499 -21.48 -37.50 6.46
CA LYS A 499 -22.10 -37.98 5.24
C LYS A 499 -21.16 -38.21 4.08
N ARG A 500 -20.29 -37.21 3.81
CA ARG A 500 -19.29 -37.23 2.77
C ARG A 500 -18.31 -38.36 3.02
N GLU A 501 -17.72 -38.38 4.26
CA GLU A 501 -16.84 -39.43 4.70
C GLU A 501 -17.41 -40.86 4.70
N GLY A 502 -18.78 -40.99 4.92
CA GLY A 502 -19.62 -42.21 4.93
C GLY A 502 -19.59 -42.85 6.30
N ILE A 503 -18.96 -42.15 7.29
CA ILE A 503 -19.03 -42.59 8.69
C ILE A 503 -20.44 -42.61 9.20
N ASP A 504 -20.71 -43.75 9.92
CA ASP A 504 -21.91 -44.09 10.61
C ASP A 504 -22.40 -42.99 11.46
N TRP A 505 -23.75 -42.81 11.54
CA TRP A 505 -24.41 -41.84 12.36
C TRP A 505 -25.76 -41.62 11.71
N VAL A 506 -26.88 -41.61 12.55
CA VAL A 506 -28.17 -41.29 12.08
C VAL A 506 -28.23 -39.77 11.97
N PHE A 507 -28.54 -39.29 10.72
CA PHE A 507 -28.43 -37.90 10.36
C PHE A 507 -29.72 -37.17 10.76
N ILE A 508 -29.60 -36.42 11.86
CA ILE A 508 -30.73 -35.84 12.57
C ILE A 508 -30.13 -34.51 12.97
N ASP A 509 -30.94 -33.45 12.67
CA ASP A 509 -30.76 -32.06 13.08
C ASP A 509 -31.94 -31.62 13.92
N PHE A 510 -31.53 -31.17 15.14
CA PHE A 510 -32.38 -30.51 16.15
C PHE A 510 -32.40 -29.01 15.90
N GLY A 511 -33.46 -28.31 16.41
CA GLY A 511 -33.69 -26.85 16.29
C GLY A 511 -32.98 -26.24 17.55
N LEU A 512 -32.10 -25.27 17.20
CA LEU A 512 -31.86 -24.22 18.16
C LEU A 512 -31.40 -22.94 17.46
N ASP A 513 -31.93 -21.82 17.90
CA ASP A 513 -31.60 -20.44 17.43
C ASP A 513 -30.96 -19.66 18.58
N LEU A 514 -29.88 -18.89 18.38
CA LEU A 514 -29.23 -17.99 19.34
C LEU A 514 -29.05 -16.66 18.70
N ALA A 515 -29.80 -16.41 17.60
CA ALA A 515 -29.59 -15.34 16.62
C ALA A 515 -29.84 -16.01 15.33
N ALA A 516 -30.38 -15.24 14.36
CA ALA A 516 -30.63 -15.61 13.05
C ALA A 516 -31.15 -14.43 12.36
N CYS A 517 -31.29 -13.30 13.07
CA CYS A 517 -31.86 -12.05 12.57
C CYS A 517 -30.72 -11.25 11.92
N ILE A 518 -29.42 -11.63 12.20
CA ILE A 518 -28.26 -10.96 11.62
C ILE A 518 -27.94 -11.74 10.35
N GLU A 519 -27.31 -11.05 9.36
CA GLU A 519 -27.03 -11.49 8.02
C GLU A 519 -25.50 -11.37 8.00
N LEU A 520 -24.82 -12.23 7.18
CA LEU A 520 -23.36 -12.18 7.19
C LEU A 520 -22.99 -11.34 6.02
N ILE A 521 -23.84 -10.52 5.49
CA ILE A 521 -23.56 -9.55 4.40
C ILE A 521 -23.55 -8.10 5.00
N GLU A 522 -22.69 -7.26 4.50
CA GLU A 522 -22.52 -5.84 4.82
C GLU A 522 -23.81 -4.96 4.84
N LYS A 523 -24.67 -5.01 3.75
CA LYS A 523 -25.71 -4.06 3.47
C LYS A 523 -26.76 -3.97 4.59
N PRO A 524 -27.52 -5.04 5.09
CA PRO A 524 -28.23 -5.02 6.36
C PRO A 524 -27.46 -4.44 7.57
N MET A 525 -26.20 -4.90 7.83
CA MET A 525 -25.38 -4.46 9.00
C MET A 525 -25.04 -2.94 8.92
N GLY A 526 -25.05 -2.33 7.73
CA GLY A 526 -24.71 -0.96 7.44
C GLY A 526 -25.93 -0.21 6.97
N ILE A 527 -27.23 -0.60 7.31
CA ILE A 527 -28.26 0.31 7.72
C ILE A 527 -27.96 0.97 9.11
N LEU A 528 -27.43 0.16 9.98
CA LEU A 528 -26.89 0.65 11.25
C LEU A 528 -25.68 1.49 10.99
N SER A 529 -25.49 2.62 11.71
CA SER A 529 -26.14 3.00 12.93
C SER A 529 -26.30 4.49 12.78
N ILE A 530 -27.20 5.09 13.55
CA ILE A 530 -27.37 6.54 13.37
C ILE A 530 -26.35 7.30 14.22
N LEU A 531 -25.69 6.53 15.19
CA LEU A 531 -24.53 6.94 15.97
C LEU A 531 -23.20 6.69 15.25
N GLU A 532 -23.37 6.41 13.95
CA GLU A 532 -22.27 6.29 13.06
C GLU A 532 -22.52 7.31 11.96
N GLU A 533 -23.40 6.92 10.98
CA GLU A 533 -23.69 7.53 9.69
C GLU A 533 -24.23 8.91 9.71
N GLU A 534 -24.65 9.46 10.91
CA GLU A 534 -25.09 10.80 11.15
C GLU A 534 -24.45 11.50 12.38
N SER A 535 -23.55 10.75 12.97
CA SER A 535 -22.97 11.31 14.17
C SER A 535 -21.62 11.79 13.67
N MET A 536 -21.61 13.13 13.62
CA MET A 536 -20.47 13.94 13.29
C MET A 536 -21.08 15.24 13.07
N PHE A 537 -22.40 15.37 13.33
CA PHE A 537 -23.39 16.31 13.06
C PHE A 537 -24.33 16.05 14.23
N PRO A 538 -25.17 17.06 14.66
CA PRO A 538 -25.97 16.95 15.84
C PRO A 538 -27.34 16.49 15.43
N LYS A 539 -27.50 15.77 14.37
CA LYS A 539 -28.69 15.32 13.89
C LYS A 539 -28.91 13.85 14.37
N ALA A 540 -28.01 13.36 15.25
CA ALA A 540 -28.03 11.95 15.63
C ALA A 540 -28.83 11.79 16.86
N THR A 541 -29.87 10.95 16.92
CA THR A 541 -30.84 10.77 18.00
C THR A 541 -30.52 9.31 18.46
N ASP A 542 -30.49 9.06 19.75
CA ASP A 542 -30.23 7.74 20.38
C ASP A 542 -31.45 6.88 20.23
N LYS A 543 -32.67 7.43 19.90
CA LYS A 543 -33.96 6.87 19.76
C LYS A 543 -33.96 5.86 18.60
N SER A 544 -33.57 6.39 17.39
CA SER A 544 -33.53 5.65 16.16
C SER A 544 -32.59 4.54 16.11
N PHE A 545 -31.44 4.65 16.86
CA PHE A 545 -30.47 3.61 17.14
C PHE A 545 -31.10 2.39 17.62
N GLN A 546 -31.88 2.40 18.70
CA GLN A 546 -32.60 1.31 19.27
C GLN A 546 -33.64 0.73 18.36
N ASP A 547 -34.37 1.59 17.60
CA ASP A 547 -35.40 1.16 16.67
C ASP A 547 -34.76 0.31 15.58
N LYS A 548 -33.64 0.78 14.97
CA LYS A 548 -32.99 0.01 13.93
C LYS A 548 -32.33 -1.27 14.56
N LEU A 549 -32.05 -1.28 15.88
CA LEU A 549 -31.56 -2.49 16.58
C LEU A 549 -32.53 -3.61 16.66
N ASN A 550 -33.75 -3.20 17.09
CA ASN A 550 -34.86 -4.06 17.27
C ASN A 550 -35.37 -4.76 16.03
N ALA A 551 -35.09 -4.27 14.78
CA ALA A 551 -35.43 -4.98 13.50
C ALA A 551 -34.38 -5.95 13.17
N ASN A 552 -33.10 -5.46 13.09
CA ASN A 552 -32.01 -6.20 12.53
C ASN A 552 -31.43 -7.25 13.46
N HIS A 553 -31.44 -7.04 14.79
CA HIS A 553 -30.84 -7.93 15.82
C HIS A 553 -31.97 -8.73 16.54
N LEU A 554 -33.23 -8.27 16.55
CA LEU A 554 -34.16 -8.93 17.39
C LEU A 554 -35.30 -9.40 16.54
N GLY A 555 -35.52 -10.71 16.65
CA GLY A 555 -36.58 -11.43 16.03
C GLY A 555 -36.35 -12.86 16.08
N LYS A 556 -35.04 -13.22 15.97
CA LYS A 556 -34.67 -14.58 15.99
C LYS A 556 -33.55 -14.76 17.05
N SER A 557 -33.20 -13.68 17.81
CA SER A 557 -32.26 -13.71 18.91
C SER A 557 -33.13 -13.94 20.17
N PRO A 558 -32.65 -14.72 21.12
CA PRO A 558 -33.52 -15.10 22.29
C PRO A 558 -33.04 -14.48 23.66
N ASN A 559 -31.68 -14.28 23.86
CA ASN A 559 -31.03 -13.89 25.13
C ASN A 559 -30.76 -12.46 25.12
N PHE A 560 -31.61 -11.75 24.32
CA PHE A 560 -31.43 -10.39 23.98
C PHE A 560 -32.36 -9.66 25.00
N VAL A 561 -31.81 -8.64 25.67
CA VAL A 561 -32.54 -7.91 26.72
C VAL A 561 -32.83 -6.61 26.02
N LYS A 562 -34.14 -6.35 26.07
CA LYS A 562 -34.76 -5.29 25.29
C LYS A 562 -34.33 -3.94 25.83
N PRO A 563 -34.36 -2.88 24.96
CA PRO A 563 -34.21 -1.48 25.37
C PRO A 563 -35.50 -1.04 25.96
N LYS A 564 -35.32 -0.42 27.19
CA LYS A 564 -36.34 0.32 27.86
C LYS A 564 -35.69 1.72 27.91
N PRO A 565 -36.19 2.80 27.21
CA PRO A 565 -35.45 4.07 27.07
C PRO A 565 -35.84 5.11 28.13
N PRO A 566 -35.04 5.89 28.76
CA PRO A 566 -35.52 6.96 29.55
C PRO A 566 -35.85 8.10 28.59
N LYS A 567 -37.19 8.50 28.45
CA LYS A 567 -37.70 9.37 27.50
C LYS A 567 -37.03 10.74 27.56
N PRO A 568 -36.83 11.45 28.68
CA PRO A 568 -36.07 12.72 28.73
C PRO A 568 -34.72 12.57 28.05
N GLY A 569 -34.38 13.60 27.32
CA GLY A 569 -33.06 13.84 26.74
C GLY A 569 -32.40 12.65 26.19
N GLN A 570 -31.11 12.55 26.53
CA GLN A 570 -30.20 11.61 25.80
C GLN A 570 -30.04 10.44 26.68
N GLN A 571 -30.24 9.23 26.11
CA GLN A 571 -30.33 7.95 26.82
C GLN A 571 -29.35 7.61 27.92
N GLU A 572 -29.80 6.89 29.01
CA GLU A 572 -28.93 6.24 29.95
C GLU A 572 -29.45 4.80 29.96
N ALA A 573 -30.23 4.44 28.85
CA ALA A 573 -30.97 3.26 28.50
C ALA A 573 -30.04 2.12 28.59
N HIS A 574 -30.67 0.96 28.85
CA HIS A 574 -29.90 -0.24 28.94
C HIS A 574 -30.52 -1.20 27.97
N PHE A 575 -29.73 -2.13 27.39
CA PHE A 575 -30.20 -3.25 26.64
C PHE A 575 -29.11 -4.30 26.85
N SER A 576 -29.35 -5.50 26.32
CA SER A 576 -28.30 -6.47 26.22
C SER A 576 -28.59 -7.36 25.06
N ILE A 577 -27.59 -8.22 24.58
CA ILE A 577 -27.65 -8.92 23.34
C ILE A 577 -27.16 -10.29 23.67
N ALA A 578 -27.51 -11.30 22.86
CA ALA A 578 -27.17 -12.72 23.14
C ALA A 578 -25.70 -12.86 23.14
N HIS A 579 -25.22 -13.72 24.04
CA HIS A 579 -23.80 -14.13 24.14
C HIS A 579 -23.90 -15.19 25.14
N TYR A 580 -22.72 -15.87 25.36
CA TYR A 580 -22.57 -16.99 26.34
C TYR A 580 -22.54 -16.44 27.74
N ALA A 581 -22.12 -15.12 27.83
CA ALA A 581 -22.01 -14.35 29.03
C ALA A 581 -23.16 -13.39 29.23
N GLY A 582 -23.35 -13.04 30.49
CA GLY A 582 -24.42 -12.28 31.03
C GLY A 582 -24.88 -11.02 30.38
N THR A 583 -25.88 -10.40 31.06
CA THR A 583 -26.47 -9.16 30.87
C THR A 583 -25.58 -8.06 31.17
N VAL A 584 -25.58 -7.05 30.31
CA VAL A 584 -24.67 -5.92 30.42
C VAL A 584 -25.57 -4.71 30.58
N PRO A 585 -25.59 -3.97 31.66
CA PRO A 585 -26.10 -2.59 31.76
C PRO A 585 -25.21 -1.64 30.95
N TYR A 586 -25.80 -1.09 29.86
CA TYR A 586 -25.03 -0.15 29.06
C TYR A 586 -25.28 1.29 29.49
N ASN A 587 -24.34 2.22 29.17
CA ASN A 587 -24.52 3.63 29.24
C ASN A 587 -24.40 4.01 27.70
N ILE A 588 -25.28 4.79 27.17
CA ILE A 588 -25.50 4.99 25.69
C ILE A 588 -24.84 6.28 25.32
N THR A 589 -24.81 7.31 26.26
CA THR A 589 -24.20 8.58 25.97
C THR A 589 -22.71 8.40 26.04
N GLY A 590 -22.09 9.35 25.37
CA GLY A 590 -20.65 9.49 25.22
C GLY A 590 -20.25 8.81 23.94
N TRP A 591 -21.16 7.98 23.37
CA TRP A 591 -20.90 7.26 22.15
C TRP A 591 -20.87 8.29 20.99
N LEU A 592 -21.70 9.31 21.15
CA LEU A 592 -21.86 10.53 20.44
C LEU A 592 -20.69 11.29 20.23
N GLU A 593 -20.17 11.79 21.33
CA GLU A 593 -18.91 12.57 21.35
C GLU A 593 -17.70 11.90 20.74
N LYS A 594 -17.68 10.55 20.70
CA LYS A 594 -16.55 9.84 20.24
C LYS A 594 -16.45 9.69 18.76
N ASN A 595 -17.52 9.98 18.02
CA ASN A 595 -17.54 9.99 16.64
C ASN A 595 -17.95 11.38 16.17
N LYS A 596 -17.87 12.33 17.13
CA LYS A 596 -17.61 13.74 16.80
C LYS A 596 -16.22 14.07 17.29
N ASP A 597 -15.57 13.09 17.96
CA ASP A 597 -14.20 13.01 18.36
C ASP A 597 -13.88 14.05 19.43
N PRO A 598 -13.34 13.64 20.58
CA PRO A 598 -13.07 14.57 21.68
C PRO A 598 -11.86 15.40 21.35
N VAL A 599 -10.92 14.71 20.60
CA VAL A 599 -9.73 15.28 19.94
C VAL A 599 -9.81 14.54 18.63
N ASN A 600 -10.22 15.44 17.70
CA ASN A 600 -10.31 15.49 16.26
C ASN A 600 -9.32 14.71 15.53
N ASP A 601 -9.53 14.62 14.19
CA ASP A 601 -8.76 14.13 13.04
C ASP A 601 -7.56 15.01 12.94
N THR A 602 -7.68 16.23 12.44
CA THR A 602 -6.67 17.34 12.29
C THR A 602 -5.55 17.36 13.30
N VAL A 603 -5.83 17.33 14.59
CA VAL A 603 -4.86 17.55 15.67
C VAL A 603 -3.83 16.46 15.79
N VAL A 604 -4.34 15.27 15.52
CA VAL A 604 -3.54 14.06 15.49
C VAL A 604 -2.72 14.00 14.28
N ASP A 605 -3.39 14.42 13.16
CA ASP A 605 -2.88 14.26 11.79
C ASP A 605 -1.61 14.95 11.54
N GLN A 606 -1.22 15.92 12.34
CA GLN A 606 -0.08 16.77 12.14
C GLN A 606 1.21 16.36 12.92
N PHE A 607 1.02 15.43 13.88
CA PHE A 607 2.13 14.65 14.35
C PHE A 607 2.54 13.62 13.39
N LYS A 608 1.62 13.07 12.58
CA LYS A 608 1.85 12.14 11.51
C LYS A 608 2.79 12.68 10.45
N LYS A 609 2.59 13.98 10.04
CA LYS A 609 3.33 14.73 9.02
C LYS A 609 4.80 14.85 9.42
N GLY A 610 5.72 14.87 8.46
CA GLY A 610 7.17 14.84 8.68
C GLY A 610 7.86 16.00 8.22
N SER A 611 9.16 15.77 7.76
CA SER A 611 10.11 16.89 7.54
C SER A 611 11.30 16.28 6.81
N ASN A 612 11.17 15.02 6.33
CA ASN A 612 12.06 14.27 5.48
C ASN A 612 11.23 13.17 4.78
N LYS A 613 9.91 13.01 5.13
CA LYS A 613 8.90 12.16 4.52
C LYS A 613 9.03 10.73 4.91
N LEU A 614 10.18 10.36 5.58
CA LEU A 614 10.38 9.05 6.13
C LEU A 614 9.45 8.74 7.24
N VAL A 615 9.15 9.83 8.01
CA VAL A 615 8.23 9.94 9.17
C VAL A 615 6.86 9.54 8.69
N GLN A 616 6.46 10.01 7.43
CA GLN A 616 5.12 9.87 6.86
C GLN A 616 4.79 8.39 6.60
N GLU A 617 5.69 7.62 5.91
CA GLU A 617 5.58 6.20 5.60
C GLU A 617 5.25 5.35 6.83
N ILE A 618 5.92 5.63 7.93
CA ILE A 618 5.69 5.03 9.24
C ILE A 618 4.19 5.10 9.70
N PHE A 619 3.28 5.91 9.12
CA PHE A 619 1.90 6.11 9.64
C PHE A 619 0.82 6.20 8.55
N GLU A 620 1.21 6.24 7.25
CA GLU A 620 0.41 6.72 6.16
C GLU A 620 1.16 6.47 4.87
N ASP A 621 0.35 6.32 3.76
CA ASP A 621 0.85 6.51 2.39
C ASP A 621 -0.31 7.16 1.82
N HIS A 622 0.03 8.32 1.19
CA HIS A 622 -0.35 9.62 1.66
C HIS A 622 -1.79 9.87 1.72
N PRO A 623 -2.65 9.58 0.76
CA PRO A 623 -4.12 9.48 1.05
C PRO A 623 -4.59 8.81 2.35
N GLY A 624 -5.06 9.73 3.22
CA GLY A 624 -5.58 9.43 4.53
C GLY A 624 -4.49 9.01 5.56
N LEU A 625 -4.92 9.10 6.82
CA LEU A 625 -4.23 8.79 8.05
C LEU A 625 -3.04 9.79 8.25
N GLY A 626 -3.21 11.11 8.21
CA GLY A 626 -2.09 12.05 8.49
C GLY A 626 -2.04 12.98 7.33
N ALA A 627 -2.99 12.91 6.37
CA ALA A 627 -2.96 13.85 5.26
C ALA A 627 -4.31 13.76 4.70
N GLU A 628 -4.86 14.97 4.30
CA GLU A 628 -6.21 15.31 4.41
C GLU A 628 -6.61 15.99 3.12
N GLU A 629 -7.91 15.65 2.74
CA GLU A 629 -8.40 16.01 1.42
C GLU A 629 -9.12 17.36 1.59
N LYS A 630 -9.35 17.59 2.96
CA LYS A 630 -10.03 18.73 3.56
C LYS A 630 -11.53 18.57 3.46
N GLY A 631 -12.22 19.69 3.87
CA GLY A 631 -13.65 19.89 3.88
C GLY A 631 -14.28 19.23 5.07
N GLY A 632 -15.56 19.54 5.34
CA GLY A 632 -16.34 18.81 6.27
C GLY A 632 -17.00 17.67 5.41
N GLY A 633 -17.87 16.88 6.05
CA GLY A 633 -18.52 15.69 5.49
C GLY A 633 -17.71 14.42 5.78
N GLY A 634 -18.40 13.25 5.48
CA GLY A 634 -17.97 11.95 5.24
C GLY A 634 -17.86 11.18 6.49
N LYS A 635 -17.65 9.90 6.35
CA LYS A 635 -17.46 8.88 7.37
C LYS A 635 -16.11 8.28 7.16
N GLY A 636 -15.42 7.95 8.32
CA GLY A 636 -14.16 7.28 8.32
C GLY A 636 -13.00 8.22 8.12
N GLY A 637 -11.71 7.78 8.45
CA GLY A 637 -10.53 8.52 8.29
C GLY A 637 -10.26 9.18 9.61
N GLY A 638 -9.11 9.81 9.79
CA GLY A 638 -8.15 9.95 8.75
C GLY A 638 -8.43 11.20 7.98
N GLY A 639 -8.09 11.26 6.68
CA GLY A 639 -8.51 12.38 5.90
C GLY A 639 -8.84 11.89 4.49
N ARG A 640 -9.06 10.52 4.40
CA ARG A 640 -10.03 10.14 3.47
C ARG A 640 -11.06 9.44 4.34
N LYS A 641 -12.36 9.65 4.19
CA LYS A 641 -13.08 10.71 3.50
C LYS A 641 -13.92 11.46 4.49
N LYS A 642 -13.94 12.81 4.51
CA LYS A 642 -13.02 13.75 3.83
C LYS A 642 -12.69 14.72 4.95
N GLY A 643 -11.40 15.04 5.12
CA GLY A 643 -10.99 16.08 5.92
C GLY A 643 -10.99 15.67 7.39
N ALA A 644 -11.61 16.53 8.24
CA ALA A 644 -11.95 16.27 9.61
C ALA A 644 -13.32 15.72 9.39
N SER A 645 -13.43 14.39 9.49
CA SER A 645 -14.66 13.66 9.11
C SER A 645 -15.36 13.39 10.41
N PHE A 646 -14.49 13.32 11.50
CA PHE A 646 -14.69 12.72 12.75
C PHE A 646 -15.00 11.25 12.54
N GLN A 647 -13.99 10.36 12.83
CA GLN A 647 -13.82 8.98 12.49
C GLN A 647 -15.06 8.16 12.76
N THR A 648 -15.28 7.22 11.81
CA THR A 648 -16.40 6.28 11.69
C THR A 648 -15.86 5.08 10.93
N VAL A 649 -14.82 4.46 11.50
CA VAL A 649 -14.04 3.39 10.94
C VAL A 649 -14.77 2.11 11.09
N SER A 650 -15.86 2.13 11.98
CA SER A 650 -16.80 1.11 12.35
C SER A 650 -17.70 0.81 11.13
N ALA A 651 -17.85 1.66 10.14
CA ALA A 651 -18.71 1.51 9.01
C ALA A 651 -17.93 0.82 7.95
N LEU A 652 -16.64 1.13 7.82
CA LEU A 652 -15.63 0.53 6.97
C LEU A 652 -15.43 -0.95 7.30
N TYR A 653 -15.58 -1.20 8.59
CA TYR A 653 -15.64 -2.44 9.30
C TYR A 653 -17.03 -3.14 9.21
N ARG A 654 -17.98 -2.76 8.30
CA ARG A 654 -19.15 -3.51 7.90
C ARG A 654 -18.60 -4.31 6.76
N GLU A 655 -18.02 -3.49 5.78
CA GLU A 655 -17.51 -3.90 4.51
C GLU A 655 -16.65 -5.08 4.65
N GLN A 656 -15.54 -4.87 5.36
CA GLN A 656 -14.55 -5.92 5.66
C GLN A 656 -15.00 -7.05 6.49
N LEU A 657 -15.97 -6.72 7.30
CA LEU A 657 -16.57 -7.68 8.24
C LEU A 657 -17.26 -8.82 7.46
N ASN A 658 -17.91 -8.47 6.28
CA ASN A 658 -18.57 -9.45 5.40
C ASN A 658 -17.47 -10.44 4.97
N ARG A 659 -16.32 -9.87 4.60
CA ARG A 659 -15.20 -10.57 3.98
C ARG A 659 -14.44 -11.57 4.84
N LEU A 660 -14.41 -11.31 6.17
CA LEU A 660 -13.82 -12.20 7.06
C LEU A 660 -14.80 -13.34 7.26
N MET A 661 -16.13 -13.02 7.44
CA MET A 661 -17.15 -13.87 8.07
C MET A 661 -17.49 -14.98 7.07
N ALA A 662 -17.88 -14.68 5.79
CA ALA A 662 -18.42 -15.61 4.85
C ALA A 662 -17.53 -16.77 4.48
N SER A 663 -16.16 -16.49 4.24
CA SER A 663 -15.29 -17.65 3.91
C SER A 663 -15.26 -18.66 5.04
N LEU A 664 -15.18 -18.17 6.28
CA LEU A 664 -15.09 -18.95 7.47
C LEU A 664 -16.33 -19.72 7.78
N HIS A 665 -17.45 -19.25 7.14
CA HIS A 665 -18.70 -19.94 7.25
C HIS A 665 -18.68 -21.29 6.63
N SER A 666 -18.04 -21.38 5.40
CA SER A 666 -17.98 -22.60 4.60
C SER A 666 -16.97 -23.61 4.97
N THR A 667 -16.07 -23.39 5.93
CA THR A 667 -15.04 -24.29 6.37
C THR A 667 -15.56 -25.28 7.36
N GLN A 668 -15.13 -26.56 7.19
CA GLN A 668 -15.46 -27.68 8.04
C GLN A 668 -14.83 -27.55 9.46
N PRO A 669 -15.69 -27.67 10.49
CA PRO A 669 -15.41 -27.46 11.91
C PRO A 669 -14.41 -28.44 12.63
N HIS A 670 -13.42 -27.79 13.30
CA HIS A 670 -12.82 -28.22 14.59
C HIS A 670 -13.22 -26.97 15.42
N PHE A 671 -13.55 -27.15 16.67
CA PHE A 671 -14.14 -26.11 17.50
C PHE A 671 -13.51 -26.22 18.82
N VAL A 672 -13.39 -25.12 19.60
CA VAL A 672 -13.05 -25.08 20.96
C VAL A 672 -13.95 -24.03 21.60
N ARG A 673 -14.81 -24.44 22.52
CA ARG A 673 -15.71 -23.59 23.20
C ARG A 673 -15.16 -23.18 24.52
N CYS A 674 -14.44 -22.08 24.58
CA CYS A 674 -13.70 -21.68 25.81
C CYS A 674 -14.56 -21.10 26.86
N ILE A 675 -14.61 -21.83 28.04
CA ILE A 675 -15.48 -21.63 29.17
C ILE A 675 -14.62 -20.95 30.22
N ILE A 676 -15.24 -20.11 31.10
CA ILE A 676 -14.52 -19.51 32.19
C ILE A 676 -14.38 -20.62 33.20
N PRO A 677 -13.25 -21.13 33.64
CA PRO A 677 -13.26 -22.06 34.79
C PRO A 677 -13.47 -21.29 36.05
N ASN A 678 -12.46 -20.41 36.45
CA ASN A 678 -12.56 -19.55 37.60
C ASN A 678 -11.96 -18.23 37.11
N GLU A 679 -12.33 -17.11 37.82
CA GLU A 679 -11.83 -15.79 37.64
C GLU A 679 -10.41 -15.57 37.95
N LEU A 680 -9.84 -16.29 38.94
CA LEU A 680 -8.47 -15.99 39.44
C LEU A 680 -7.44 -16.50 38.42
N LYS A 681 -7.84 -17.47 37.56
CA LYS A 681 -7.16 -17.99 36.35
C LYS A 681 -6.01 -18.86 36.75
N GLN A 682 -6.28 -19.99 37.54
CA GLN A 682 -5.31 -20.66 38.42
C GLN A 682 -5.67 -22.14 38.40
N PRO A 683 -4.78 -23.05 38.24
CA PRO A 683 -5.08 -24.44 38.27
C PRO A 683 -5.52 -24.91 39.65
N GLY A 684 -6.62 -25.71 39.66
CA GLY A 684 -7.16 -26.48 40.74
C GLY A 684 -8.28 -25.69 41.34
N VAL A 685 -8.69 -24.61 40.70
CA VAL A 685 -9.82 -23.81 41.18
C VAL A 685 -10.66 -23.79 39.97
N ILE A 686 -11.92 -24.19 40.21
CA ILE A 686 -12.90 -24.03 39.15
C ILE A 686 -14.16 -23.77 39.92
N ASP A 687 -15.02 -22.97 39.31
CA ASP A 687 -16.27 -22.56 39.84
C ASP A 687 -17.31 -23.23 39.08
N SER A 688 -18.35 -23.66 39.81
CA SER A 688 -19.50 -24.35 39.30
C SER A 688 -20.48 -23.40 38.73
N GLY A 689 -20.68 -22.28 39.38
CA GLY A 689 -21.69 -21.31 39.09
C GLY A 689 -21.56 -20.66 37.72
N LEU A 690 -20.27 -20.30 37.36
CA LEU A 690 -19.76 -19.67 36.08
C LEU A 690 -20.07 -20.64 34.96
N VAL A 691 -19.57 -21.88 35.05
CA VAL A 691 -19.64 -22.97 34.03
C VAL A 691 -21.09 -23.40 33.80
N MET A 692 -21.89 -23.44 34.86
CA MET A 692 -23.31 -23.70 34.78
C MET A 692 -24.00 -22.73 33.91
N HIS A 693 -23.75 -21.40 34.15
CA HIS A 693 -24.27 -20.26 33.40
C HIS A 693 -23.80 -20.30 31.89
N GLN A 694 -22.46 -20.46 31.54
CA GLN A 694 -21.85 -20.36 30.24
C GLN A 694 -22.49 -21.51 29.40
N LEU A 695 -22.66 -22.74 29.91
CA LEU A 695 -23.19 -23.81 29.21
C LEU A 695 -24.64 -23.81 28.91
N THR A 696 -25.50 -23.15 29.66
CA THR A 696 -26.92 -23.03 29.35
C THR A 696 -27.15 -22.15 28.15
N CYS A 697 -26.30 -21.11 27.93
CA CYS A 697 -26.34 -20.17 26.81
C CYS A 697 -25.57 -20.79 25.68
N ASN A 698 -24.67 -21.74 25.96
CA ASN A 698 -23.98 -22.42 24.85
C ASN A 698 -24.66 -23.74 24.48
N GLY A 699 -25.99 -23.87 24.69
CA GLY A 699 -26.86 -24.96 24.27
C GLY A 699 -26.22 -26.35 24.38
N VAL A 700 -25.89 -26.72 25.62
CA VAL A 700 -25.00 -27.88 25.89
C VAL A 700 -25.69 -29.19 25.60
N LEU A 701 -27.03 -29.25 25.57
CA LEU A 701 -27.81 -30.51 25.37
C LEU A 701 -27.63 -30.97 23.93
N GLU A 702 -28.23 -30.18 23.00
CA GLU A 702 -27.98 -30.17 21.56
C GLU A 702 -26.48 -30.35 21.20
N GLY A 703 -25.65 -29.67 22.00
CA GLY A 703 -24.23 -29.71 21.65
C GLY A 703 -23.48 -31.03 21.87
N ILE A 704 -24.00 -31.98 22.72
CA ILE A 704 -23.72 -33.38 22.90
C ILE A 704 -24.58 -34.39 22.03
N ARG A 705 -25.77 -34.00 21.50
CA ARG A 705 -26.63 -34.85 20.72
C ARG A 705 -26.12 -35.28 19.42
N ILE A 706 -25.30 -34.48 18.81
CA ILE A 706 -24.67 -34.81 17.55
C ILE A 706 -23.28 -35.35 17.99
N CYS A 707 -22.53 -34.62 18.91
CA CYS A 707 -21.25 -34.89 19.35
C CYS A 707 -21.33 -35.99 20.37
N ARG A 708 -22.27 -36.92 20.29
CA ARG A 708 -22.20 -38.09 21.10
C ARG A 708 -21.40 -39.11 20.42
N LYS A 709 -21.07 -38.82 19.14
CA LYS A 709 -20.14 -39.58 18.37
C LYS A 709 -18.87 -38.76 18.03
N GLY A 710 -18.59 -37.65 18.79
CA GLY A 710 -17.46 -36.73 18.57
C GLY A 710 -16.20 -37.35 18.24
N PHE A 711 -15.44 -36.96 17.24
CA PHE A 711 -14.10 -37.60 16.97
C PHE A 711 -13.20 -36.34 16.78
N PRO A 712 -12.20 -36.19 17.65
CA PRO A 712 -11.28 -35.05 17.46
C PRO A 712 -9.90 -35.62 17.29
N ASN A 713 -9.82 -36.94 17.02
CA ASN A 713 -8.62 -37.58 16.42
C ASN A 713 -9.09 -38.13 15.08
N ARG A 714 -8.28 -37.80 14.06
CA ARG A 714 -8.47 -38.25 12.74
C ARG A 714 -7.10 -38.31 12.09
N MET A 715 -6.81 -39.55 11.65
CA MET A 715 -5.45 -39.92 11.13
C MET A 715 -5.52 -40.72 9.90
N VAL A 716 -4.61 -41.73 9.65
CA VAL A 716 -4.51 -42.59 8.49
C VAL A 716 -4.61 -43.99 9.06
N TYR A 717 -5.51 -44.78 8.58
CA TYR A 717 -5.71 -46.18 8.93
C TYR A 717 -4.55 -47.07 8.63
N PRO A 718 -3.83 -46.93 7.53
CA PRO A 718 -2.51 -47.55 7.35
C PRO A 718 -1.54 -47.29 8.51
N ASP A 719 -1.53 -46.01 8.97
CA ASP A 719 -0.44 -45.43 9.87
C ASP A 719 -0.51 -46.20 11.22
N PHE A 720 -1.65 -46.17 11.89
CA PHE A 720 -2.21 -46.89 13.05
C PHE A 720 -2.16 -48.44 12.94
N LYS A 721 -2.35 -49.05 11.69
CA LYS A 721 -2.14 -50.49 11.45
C LYS A 721 -0.69 -50.83 11.62
N GLN A 722 0.18 -49.93 11.08
CA GLN A 722 1.62 -49.99 11.05
C GLN A 722 2.19 -49.75 12.48
N ARG A 723 1.54 -49.01 13.48
CA ARG A 723 2.11 -48.59 14.74
C ARG A 723 1.95 -49.82 15.63
N TYR A 724 1.02 -50.73 15.38
CA TYR A 724 0.92 -51.92 16.13
C TYR A 724 1.72 -53.03 15.49
N THR A 725 1.82 -52.97 14.10
CA THR A 725 2.65 -53.91 13.37
C THR A 725 2.02 -55.24 13.39
N ILE A 726 1.76 -55.79 12.21
CA ILE A 726 1.01 -57.04 12.15
C ILE A 726 1.84 -58.05 11.33
N LEU A 727 2.34 -59.10 12.03
CA LEU A 727 3.16 -60.13 11.54
C LEU A 727 2.42 -61.44 11.49
N ALA A 728 1.23 -61.55 11.97
CA ALA A 728 0.40 -62.75 11.95
C ALA A 728 -0.48 -62.50 10.79
N ALA A 729 -0.86 -63.61 10.08
CA ALA A 729 -1.69 -63.54 8.89
C ALA A 729 -2.49 -64.80 8.78
N SER A 730 -3.82 -64.66 8.53
CA SER A 730 -4.59 -65.85 8.13
C SER A 730 -5.52 -65.29 7.17
N ALA A 731 -5.79 -63.93 7.21
CA ALA A 731 -6.98 -63.30 6.65
C ALA A 731 -6.87 -61.87 7.17
N VAL A 732 -5.81 -61.48 7.85
CA VAL A 732 -5.67 -60.15 8.42
C VAL A 732 -5.31 -59.27 7.24
N PRO A 733 -6.07 -58.21 6.91
CA PRO A 733 -5.54 -57.10 6.08
C PRO A 733 -4.07 -56.71 6.28
N LYS A 734 -3.64 -56.19 5.12
CA LYS A 734 -2.48 -55.25 5.05
C LYS A 734 -2.93 -54.10 4.12
N GLY A 735 -4.04 -54.37 3.42
CA GLY A 735 -4.86 -53.49 2.54
C GLY A 735 -5.35 -52.22 3.13
N PHE A 736 -5.62 -51.16 2.27
CA PHE A 736 -6.18 -49.86 2.70
C PHE A 736 -7.63 -49.93 2.36
N VAL A 737 -8.38 -50.02 3.51
CA VAL A 737 -9.74 -50.55 3.41
C VAL A 737 -10.51 -50.02 4.59
N ASP A 738 -11.77 -50.50 4.77
CA ASP A 738 -12.67 -50.05 5.81
C ASP A 738 -12.20 -50.38 7.29
N ALA A 739 -12.65 -49.61 8.31
CA ALA A 739 -12.40 -49.84 9.71
C ALA A 739 -13.74 -49.95 10.45
N LYS A 740 -14.85 -50.22 9.78
CA LYS A 740 -16.19 -50.32 10.39
C LYS A 740 -16.35 -51.26 11.56
N LYS A 741 -15.73 -52.43 11.41
CA LYS A 741 -15.73 -53.56 12.32
C LYS A 741 -14.44 -54.37 12.05
N VAL A 742 -13.60 -53.85 11.13
CA VAL A 742 -12.29 -54.34 10.76
C VAL A 742 -11.21 -53.94 11.76
N THR A 743 -11.38 -52.86 12.49
CA THR A 743 -10.38 -52.29 13.43
C THR A 743 -10.24 -53.30 14.56
N GLU A 744 -11.21 -54.14 14.88
CA GLU A 744 -11.23 -55.15 15.95
C GLU A 744 -10.30 -56.33 15.51
N ALA A 745 -10.12 -56.57 14.25
CA ALA A 745 -9.18 -57.67 13.79
C ALA A 745 -7.77 -57.34 13.72
N VAL A 746 -7.34 -56.11 13.31
CA VAL A 746 -5.93 -55.64 13.20
C VAL A 746 -5.43 -55.14 14.61
N LEU A 747 -6.35 -55.08 15.61
CA LEU A 747 -5.89 -54.97 16.93
C LEU A 747 -5.69 -56.36 17.45
N GLY A 748 -6.76 -57.13 17.52
CA GLY A 748 -6.74 -58.44 18.22
C GLY A 748 -5.89 -59.54 17.65
N ALA A 749 -5.23 -59.30 16.51
CA ALA A 749 -4.44 -60.34 15.92
C ALA A 749 -3.37 -60.84 16.84
N ILE A 750 -2.59 -59.88 17.31
CA ILE A 750 -1.55 -60.15 18.32
C ILE A 750 -1.72 -59.21 19.43
N GLN A 751 -2.21 -59.73 20.57
CA GLN A 751 -2.47 -58.99 21.77
C GLN A 751 -3.49 -57.82 21.56
N LEU A 752 -3.50 -56.77 22.46
CA LEU A 752 -4.38 -55.64 22.44
C LEU A 752 -5.81 -55.92 22.85
N ASP A 753 -6.32 -54.73 23.41
CA ASP A 753 -7.60 -54.63 23.85
C ASP A 753 -8.16 -53.44 23.03
N ALA A 754 -9.53 -53.43 22.86
CA ALA A 754 -10.17 -52.59 21.89
C ALA A 754 -11.39 -52.06 22.49
N ASN A 755 -11.73 -50.78 22.36
CA ASN A 755 -12.92 -50.22 22.93
C ASN A 755 -13.44 -49.06 21.89
N ASP A 756 -12.56 -48.42 21.12
CA ASP A 756 -12.83 -47.22 20.34
C ASP A 756 -12.28 -47.47 18.94
N TYR A 757 -13.21 -47.35 17.91
CA TYR A 757 -12.90 -47.26 16.52
C TYR A 757 -14.02 -46.67 15.70
N ARG A 758 -13.65 -46.19 14.51
CA ARG A 758 -14.78 -45.80 13.66
C ARG A 758 -14.28 -45.88 12.20
N LEU A 759 -15.19 -46.47 11.35
CA LEU A 759 -15.21 -46.49 9.88
C LEU A 759 -14.37 -45.39 9.19
N GLY A 760 -13.67 -45.78 8.11
CA GLY A 760 -12.74 -44.93 7.49
C GLY A 760 -12.02 -45.63 6.35
N ASN A 761 -11.83 -44.91 5.22
CA ASN A 761 -11.27 -45.51 4.01
C ASN A 761 -10.40 -44.48 3.37
N THR A 762 -10.40 -43.31 3.96
CA THR A 762 -9.48 -42.24 3.76
C THR A 762 -9.13 -41.91 5.20
N LYS A 763 -9.78 -40.85 5.79
CA LYS A 763 -9.60 -40.57 7.25
C LYS A 763 -10.28 -41.72 8.10
N VAL A 764 -9.48 -42.17 9.06
CA VAL A 764 -9.88 -42.99 10.10
C VAL A 764 -10.08 -42.12 11.27
N PHE A 765 -11.01 -42.48 12.14
CA PHE A 765 -11.48 -41.59 13.16
C PHE A 765 -11.31 -42.31 14.47
N PHE A 766 -10.63 -41.59 15.41
CA PHE A 766 -10.59 -42.13 16.78
C PHE A 766 -11.03 -41.06 17.76
N ARG A 767 -11.42 -41.56 18.92
CA ARG A 767 -11.66 -40.96 20.22
C ARG A 767 -10.64 -41.53 21.09
N ALA A 768 -10.21 -40.69 22.06
CA ALA A 768 -9.39 -40.96 23.20
C ALA A 768 -9.73 -42.14 24.09
N GLY A 769 -8.68 -42.77 24.61
CA GLY A 769 -8.79 -43.84 25.56
C GLY A 769 -7.90 -44.86 25.07
N VAL A 770 -8.47 -46.06 24.75
CA VAL A 770 -7.81 -47.33 24.54
C VAL A 770 -6.50 -47.29 23.74
N LEU A 771 -6.28 -46.49 22.66
CA LEU A 771 -5.12 -46.48 21.72
C LEU A 771 -3.77 -46.25 22.29
N GLY A 772 -3.58 -45.05 22.88
CA GLY A 772 -2.30 -44.47 23.11
C GLY A 772 -1.34 -45.21 23.91
N ARG A 773 -1.70 -45.71 25.14
CA ARG A 773 -0.85 -46.35 26.09
C ARG A 773 -0.41 -47.81 25.68
N LEU A 774 -1.33 -48.48 24.98
CA LEU A 774 -1.05 -49.72 24.31
C LEU A 774 -0.08 -49.58 23.16
N GLU A 775 0.09 -48.40 22.65
CA GLU A 775 1.05 -48.13 21.64
C GLU A 775 2.37 -47.75 22.24
N GLU A 776 2.49 -47.44 23.57
CA GLU A 776 3.75 -47.26 24.25
C GLU A 776 4.26 -48.50 24.67
N MET A 777 3.43 -49.43 25.13
CA MET A 777 3.88 -50.82 25.26
C MET A 777 4.41 -51.54 24.03
N ARG A 778 3.94 -51.16 22.80
CA ARG A 778 4.66 -51.61 21.55
C ARG A 778 6.03 -51.10 21.35
N ASP A 779 6.56 -50.13 22.17
CA ASP A 779 7.95 -49.82 22.13
C ASP A 779 8.78 -50.95 22.84
N ASP A 780 8.22 -51.31 23.98
CA ASP A 780 8.75 -52.44 24.85
C ASP A 780 8.69 -53.85 24.20
N ARG A 781 7.56 -54.20 23.50
CA ARG A 781 7.43 -55.50 22.88
C ARG A 781 8.16 -55.59 21.59
N LEU A 782 8.15 -54.52 20.76
CA LEU A 782 8.73 -54.54 19.47
C LEU A 782 10.12 -54.28 19.60
N GLY A 783 10.83 -55.47 19.35
CA GLY A 783 12.22 -55.77 19.27
C GLY A 783 12.29 -56.05 17.85
N LYS A 784 13.11 -57.02 17.41
CA LYS A 784 13.33 -57.64 16.12
C LYS A 784 13.29 -56.64 15.03
N ILE A 785 12.23 -56.74 14.20
CA ILE A 785 12.19 -56.31 12.75
C ILE A 785 12.14 -54.79 12.61
N VAL A 786 11.35 -54.20 13.58
CA VAL A 786 11.10 -52.79 13.72
C VAL A 786 12.36 -52.08 14.03
N THR A 787 13.09 -52.50 15.04
CA THR A 787 14.25 -51.86 15.60
C THR A 787 15.46 -52.06 14.72
N TRP A 788 15.40 -53.18 13.87
CA TRP A 788 16.42 -53.45 12.88
C TRP A 788 16.25 -52.70 11.63
N LEU A 789 15.04 -52.14 11.27
CA LEU A 789 14.80 -51.16 10.24
C LEU A 789 15.47 -49.97 10.74
N GLN A 790 15.24 -49.58 11.99
CA GLN A 790 15.83 -48.39 12.64
C GLN A 790 17.35 -48.48 12.62
N ALA A 791 17.91 -49.64 12.91
CA ALA A 791 19.40 -49.72 12.80
C ALA A 791 19.91 -49.60 11.44
N TRP A 792 19.23 -50.19 10.47
CA TRP A 792 19.42 -50.03 9.06
C TRP A 792 19.30 -48.63 8.52
N ILE A 793 18.32 -47.77 9.02
CA ILE A 793 18.24 -46.32 8.74
C ILE A 793 19.51 -45.58 9.25
N ARG A 794 20.11 -46.03 10.41
CA ARG A 794 21.40 -45.52 10.91
C ARG A 794 22.54 -45.81 9.98
N TRP A 795 22.52 -47.05 9.39
CA TRP A 795 23.54 -47.52 8.44
C TRP A 795 23.32 -46.79 7.12
N TYR A 796 22.06 -46.44 6.76
CA TYR A 796 21.63 -45.67 5.57
C TYR A 796 22.20 -44.33 5.57
N LEU A 797 21.85 -43.54 6.65
CA LEU A 797 22.26 -42.19 6.94
C LEU A 797 23.78 -42.16 6.88
N SER A 798 24.45 -42.95 7.74
CA SER A 798 25.85 -42.84 7.85
C SER A 798 26.57 -43.07 6.56
N LYS A 799 26.14 -43.99 5.71
CA LYS A 799 26.80 -44.22 4.47
C LYS A 799 26.63 -43.04 3.48
N LYS A 800 25.49 -42.34 3.48
CA LYS A 800 25.26 -41.41 2.50
C LYS A 800 25.94 -40.15 2.93
N GLU A 801 25.86 -39.71 4.24
CA GLU A 801 26.00 -38.31 4.57
C GLU A 801 27.27 -38.05 5.35
N PHE A 802 28.32 -39.00 5.33
CA PHE A 802 29.70 -38.85 5.70
C PHE A 802 30.23 -37.73 4.78
N LYS A 803 29.96 -37.85 3.46
CA LYS A 803 30.26 -36.82 2.46
C LYS A 803 31.57 -37.06 1.86
N LYS A 804 32.24 -38.22 2.10
CA LYS A 804 33.42 -38.57 1.39
C LYS A 804 33.65 -40.01 1.34
N LEU A 805 32.83 -40.81 2.07
CA LEU A 805 33.14 -42.25 2.16
C LEU A 805 32.01 -43.00 1.50
N GLN A 806 31.12 -42.13 0.95
CA GLN A 806 29.84 -42.48 0.24
C GLN A 806 30.18 -43.14 -1.08
N GLU A 807 29.76 -42.60 -2.30
CA GLU A 807 29.96 -43.21 -3.62
C GLU A 807 31.30 -42.74 -4.19
N GLN A 808 32.10 -41.98 -3.35
CA GLN A 808 33.38 -41.42 -3.72
C GLN A 808 34.36 -42.58 -4.03
N ARG A 809 34.41 -43.55 -3.08
CA ARG A 809 35.33 -44.66 -3.18
C ARG A 809 35.29 -45.48 -4.45
N VAL A 810 34.09 -45.84 -4.96
CA VAL A 810 34.08 -46.74 -6.09
C VAL A 810 34.63 -46.06 -7.24
N ALA A 811 34.20 -44.81 -7.48
CA ALA A 811 34.74 -44.00 -8.56
C ALA A 811 36.16 -43.83 -8.43
N LEU A 812 36.74 -43.46 -7.22
CA LEU A 812 38.17 -43.08 -6.99
C LEU A 812 39.03 -44.23 -7.38
N LEU A 813 38.68 -45.56 -7.07
CA LEU A 813 39.45 -46.73 -7.48
C LEU A 813 39.55 -46.95 -8.94
N VAL A 814 38.47 -46.73 -9.75
CA VAL A 814 38.50 -46.78 -11.22
C VAL A 814 39.27 -45.68 -11.85
N ILE A 815 39.20 -44.44 -11.23
CA ILE A 815 39.94 -43.22 -11.49
C ILE A 815 41.41 -43.48 -11.45
N GLN A 816 41.86 -44.19 -10.41
CA GLN A 816 43.22 -44.72 -10.16
C GLN A 816 43.76 -45.69 -11.12
N ARG A 817 42.84 -46.68 -11.47
CA ARG A 817 43.11 -47.70 -12.49
C ARG A 817 43.44 -47.04 -13.86
N ASN A 818 43.05 -45.75 -14.08
CA ASN A 818 43.46 -44.97 -15.24
C ASN A 818 44.72 -44.11 -14.99
N LEU A 819 44.79 -43.54 -13.76
CA LEU A 819 45.86 -42.66 -13.28
C LEU A 819 47.25 -43.37 -13.26
N ARG A 820 47.33 -44.73 -12.94
CA ARG A 820 48.48 -45.51 -12.93
C ARG A 820 49.12 -45.66 -14.29
N LYS A 821 48.49 -45.17 -15.38
CA LYS A 821 48.83 -45.51 -16.70
C LYS A 821 48.21 -44.49 -17.69
N PHE A 822 48.07 -43.26 -17.18
CA PHE A 822 47.32 -42.20 -17.77
C PHE A 822 48.01 -41.79 -19.02
N LEU A 823 49.33 -41.72 -19.07
CA LEU A 823 50.24 -41.48 -20.24
C LEU A 823 50.05 -42.50 -21.41
N THR A 824 49.68 -43.76 -21.07
CA THR A 824 49.52 -44.87 -22.05
C THR A 824 48.18 -44.90 -22.64
N LEU A 825 47.19 -44.81 -21.80
CA LEU A 825 45.82 -45.18 -21.92
C LEU A 825 45.02 -44.04 -22.47
N ARG A 826 45.65 -42.90 -22.70
CA ARG A 826 45.01 -41.78 -23.30
C ARG A 826 45.28 -41.72 -24.77
N ASN A 827 45.95 -42.82 -25.22
CA ASN A 827 46.18 -43.13 -26.61
C ASN A 827 46.27 -44.55 -26.73
N TRP A 828 46.60 -45.01 -27.99
CA TRP A 828 46.46 -46.41 -28.31
C TRP A 828 47.51 -46.57 -29.45
N LEU A 829 47.49 -47.70 -30.17
CA LEU A 829 48.46 -48.01 -31.22
C LEU A 829 48.42 -46.97 -32.23
N TRP A 830 47.21 -46.50 -32.65
CA TRP A 830 47.13 -45.57 -33.73
C TRP A 830 46.57 -44.30 -33.22
N TYR A 831 47.41 -43.29 -33.26
CA TYR A 831 47.16 -41.92 -32.92
C TYR A 831 46.30 -41.36 -34.00
N LYS A 832 45.09 -40.90 -33.55
CA LYS A 832 43.94 -40.61 -34.40
C LYS A 832 43.62 -39.18 -34.34
N LEU A 833 44.30 -38.42 -33.49
CA LEU A 833 44.07 -37.04 -33.19
C LEU A 833 44.96 -36.29 -34.06
N TYR A 834 44.38 -35.49 -35.00
CA TYR A 834 45.04 -34.68 -35.89
C TYR A 834 44.14 -33.49 -36.14
N ILE A 835 43.23 -33.19 -35.13
CA ILE A 835 41.94 -32.49 -35.42
C ILE A 835 42.03 -31.17 -34.70
N LYS A 836 42.72 -31.05 -33.53
CA LYS A 836 42.44 -30.06 -32.53
C LYS A 836 43.37 -30.39 -31.34
N VAL A 837 44.68 -30.06 -31.60
CA VAL A 837 45.72 -30.46 -30.61
C VAL A 837 46.57 -29.19 -30.52
N LYS A 838 47.14 -28.87 -29.34
CA LYS A 838 47.75 -27.64 -29.00
C LYS A 838 48.96 -27.36 -29.85
N PRO A 839 49.85 -28.27 -30.22
CA PRO A 839 50.76 -28.02 -31.33
C PRO A 839 50.56 -28.72 -32.55
N LEU A 840 49.90 -29.92 -32.57
CA LEU A 840 49.81 -30.81 -33.76
C LEU A 840 48.75 -30.20 -34.68
N MET B 1 23.20 -66.15 13.23
CA MET B 1 24.61 -66.27 13.77
C MET B 1 25.67 -66.70 12.77
N ALA B 2 26.89 -66.86 13.33
CA ALA B 2 27.99 -67.50 12.67
C ALA B 2 29.21 -67.16 13.48
N ASP B 3 30.17 -68.11 13.47
CA ASP B 3 31.40 -68.10 14.17
C ASP B 3 32.38 -67.51 13.25
N LEU B 4 33.62 -67.68 13.53
CA LEU B 4 34.67 -67.05 12.72
C LEU B 4 34.87 -67.94 11.55
N LYS B 5 34.62 -67.49 10.27
CA LYS B 5 34.61 -68.23 9.08
C LYS B 5 35.08 -67.29 7.89
N ALA B 6 35.71 -67.86 6.81
CA ALA B 6 36.26 -67.06 5.69
C ALA B 6 35.36 -65.97 5.12
N ALA B 7 34.07 -66.32 5.04
CA ALA B 7 32.95 -65.56 4.45
C ALA B 7 32.71 -64.27 5.19
N GLU B 8 32.73 -64.30 6.54
CA GLU B 8 32.62 -63.11 7.43
C GLU B 8 33.83 -62.20 7.22
N VAL B 9 35.05 -62.81 7.09
CA VAL B 9 36.27 -62.02 6.96
C VAL B 9 36.17 -61.19 5.70
N GLU B 10 35.66 -61.73 4.57
CA GLU B 10 35.39 -61.08 3.37
C GLU B 10 34.36 -59.96 3.48
N LYS B 11 33.29 -60.21 4.24
CA LYS B 11 32.25 -59.25 4.48
C LYS B 11 32.77 -58.03 5.14
N ALA B 12 33.61 -58.25 6.25
CA ALA B 12 34.28 -57.20 6.93
C ALA B 12 35.31 -56.41 6.12
N ARG B 13 36.13 -57.12 5.23
CA ARG B 13 37.14 -56.48 4.35
C ARG B 13 36.43 -55.60 3.33
N GLU B 14 35.34 -56.10 2.68
CA GLU B 14 34.50 -55.40 1.75
C GLU B 14 33.90 -54.09 2.30
N HIS B 15 33.26 -54.09 3.52
CA HIS B 15 32.69 -52.90 4.08
C HIS B 15 33.77 -51.87 4.39
N PHE B 16 34.91 -52.36 4.91
CA PHE B 16 36.01 -51.55 5.26
C PHE B 16 36.55 -50.77 4.09
N GLU B 17 36.72 -51.51 2.95
CA GLU B 17 37.24 -50.99 1.67
C GLU B 17 36.39 -49.95 1.02
N ILE B 18 35.04 -50.04 1.19
CA ILE B 18 34.18 -48.96 0.91
C ILE B 18 34.41 -47.73 1.74
N TYR B 19 34.52 -47.97 3.09
CA TYR B 19 34.57 -46.95 4.13
C TYR B 19 35.84 -46.10 4.13
N ASP B 20 37.02 -46.51 3.51
CA ASP B 20 38.19 -45.74 3.37
C ASP B 20 37.93 -44.83 2.17
N TRP B 21 38.96 -44.10 1.78
CA TRP B 21 38.86 -43.39 0.53
C TRP B 21 40.21 -42.84 0.22
N GLU B 22 41.05 -42.89 1.22
CA GLU B 22 42.39 -42.26 1.29
C GLU B 22 43.38 -43.17 0.51
N GLY B 23 43.05 -44.46 0.51
CA GLY B 23 43.81 -45.43 -0.19
C GLY B 23 44.92 -45.87 0.72
N GLU B 24 44.77 -45.65 2.10
CA GLU B 24 45.81 -45.85 3.03
C GLU B 24 45.40 -46.96 3.98
N GLY B 25 44.17 -47.51 3.74
CA GLY B 25 43.65 -48.51 4.60
C GLY B 25 43.34 -48.05 6.03
N LYS B 26 42.92 -46.78 6.22
CA LYS B 26 42.63 -46.30 7.53
C LYS B 26 41.20 -45.73 7.44
N ILE B 27 40.34 -46.19 8.35
CA ILE B 27 39.00 -45.70 8.58
C ILE B 27 39.00 -45.07 9.99
N ASP B 28 38.15 -44.02 10.19
CA ASP B 28 37.97 -43.42 11.48
C ASP B 28 37.12 -44.27 12.39
N ALA B 29 37.18 -43.92 13.71
CA ALA B 29 36.54 -44.49 14.86
C ALA B 29 35.04 -44.72 14.71
N ARG B 30 34.40 -43.69 14.10
CA ARG B 30 32.94 -43.70 13.95
C ARG B 30 32.36 -44.71 13.02
N ASP B 31 33.13 -45.15 12.02
CA ASP B 31 32.82 -46.03 10.99
C ASP B 31 32.72 -47.50 11.37
N LEU B 32 33.22 -47.83 12.63
CA LEU B 32 33.10 -49.07 13.34
C LEU B 32 31.63 -49.45 13.57
N GLY B 33 30.82 -48.39 13.63
CA GLY B 33 29.43 -48.34 13.91
C GLY B 33 28.74 -49.00 12.82
N ASP B 34 28.75 -48.34 11.64
CA ASP B 34 28.03 -48.81 10.48
C ASP B 34 28.63 -50.00 9.86
N LEU B 35 29.93 -50.35 10.09
CA LEU B 35 30.64 -51.58 9.61
C LEU B 35 29.99 -52.73 10.26
N LEU B 36 29.95 -52.71 11.58
CA LEU B 36 29.29 -53.71 12.35
C LEU B 36 27.77 -53.96 12.01
N ARG B 37 26.98 -52.91 11.72
CA ARG B 37 25.63 -52.92 11.27
C ARG B 37 25.48 -53.61 9.94
N SER B 38 26.33 -53.29 8.96
CA SER B 38 26.36 -53.91 7.66
C SER B 38 26.68 -55.38 7.69
N LEU B 39 27.57 -55.74 8.71
CA LEU B 39 27.89 -57.12 8.99
C LEU B 39 26.81 -57.94 9.55
N ASP B 40 25.70 -57.28 10.07
CA ASP B 40 24.46 -57.89 10.46
C ASP B 40 24.78 -58.56 11.87
N CYS B 41 25.35 -57.78 12.81
CA CYS B 41 25.35 -58.09 14.22
C CYS B 41 24.23 -57.42 14.93
N LYS B 42 23.65 -56.40 14.23
CA LYS B 42 22.52 -55.62 14.74
C LYS B 42 22.92 -54.87 16.05
N PRO B 43 24.07 -54.22 16.15
CA PRO B 43 24.34 -53.41 17.33
C PRO B 43 23.45 -52.29 17.60
N THR B 44 23.48 -51.81 18.88
CA THR B 44 22.93 -50.54 19.24
C THR B 44 24.02 -49.60 19.41
N LEU B 45 23.66 -48.31 19.53
CA LEU B 45 24.63 -47.18 19.65
C LEU B 45 25.50 -47.33 20.87
N ALA B 46 24.99 -47.93 21.98
CA ALA B 46 25.71 -48.39 23.07
C ALA B 46 26.83 -49.32 22.81
N MET B 47 26.56 -50.35 21.97
CA MET B 47 27.60 -51.30 21.50
C MET B 47 28.69 -50.66 20.71
N VAL B 48 28.38 -49.62 19.85
CA VAL B 48 29.36 -48.83 19.21
C VAL B 48 30.26 -48.10 20.22
N LYS B 49 29.64 -47.34 21.19
CA LYS B 49 30.42 -46.55 22.15
C LYS B 49 31.25 -47.36 23.11
N LYS B 50 30.82 -48.60 23.39
CA LYS B 50 31.53 -49.63 24.09
C LYS B 50 32.87 -49.95 23.42
N ASN B 51 32.95 -49.83 22.05
CA ASN B 51 34.09 -50.20 21.23
C ASN B 51 34.81 -48.96 20.85
N GLY B 52 34.66 -47.89 21.69
CA GLY B 52 35.33 -46.64 21.52
C GLY B 52 35.06 -45.91 20.28
N GLY B 53 33.79 -46.12 19.84
CA GLY B 53 33.37 -45.55 18.55
C GLY B 53 32.88 -44.14 18.85
N SER B 54 32.19 -43.55 17.77
CA SER B 54 31.64 -42.27 17.97
C SER B 54 30.40 -42.08 17.03
N ASP B 55 29.54 -41.06 17.44
CA ASP B 55 28.52 -40.46 16.65
C ASP B 55 28.83 -39.05 16.43
N LYS B 56 30.14 -38.76 16.55
CA LYS B 56 30.71 -37.44 16.24
C LYS B 56 31.88 -37.71 15.36
N ARG B 57 32.39 -36.61 14.79
CA ARG B 57 33.69 -36.64 14.12
C ARG B 57 34.71 -37.50 14.75
N GLY B 58 35.52 -38.20 13.91
CA GLY B 58 36.63 -39.06 14.37
C GLY B 58 37.65 -38.45 15.24
N GLU B 59 38.50 -39.27 15.87
CA GLU B 59 39.40 -38.83 16.96
C GLU B 59 40.68 -39.49 16.62
N LYS B 60 40.59 -40.68 16.04
CA LYS B 60 41.73 -41.49 15.69
C LYS B 60 41.44 -42.43 14.53
N LYS B 61 42.45 -43.06 13.95
CA LYS B 61 42.32 -43.96 12.73
C LYS B 61 42.49 -45.41 13.19
N LEU B 62 41.67 -46.23 12.59
CA LEU B 62 41.71 -47.70 12.82
C LEU B 62 42.12 -48.43 11.55
N THR B 63 43.01 -49.41 11.73
CA THR B 63 43.37 -50.42 10.73
C THR B 63 42.52 -51.60 11.03
N LEU B 64 42.41 -52.52 10.04
CA LEU B 64 41.61 -53.71 10.17
C LEU B 64 42.15 -54.65 11.23
N GLU B 65 43.47 -54.58 11.42
CA GLU B 65 44.14 -55.31 12.40
C GLU B 65 43.67 -54.96 13.83
N GLU B 66 43.18 -53.69 14.11
CA GLU B 66 42.55 -53.36 15.35
C GLU B 66 41.14 -53.86 15.38
N PHE B 67 40.35 -53.50 14.38
CA PHE B 67 38.98 -53.77 14.22
C PHE B 67 38.53 -55.25 14.41
N LEU B 68 39.27 -56.23 13.88
CA LEU B 68 38.94 -57.65 13.98
C LEU B 68 38.94 -58.40 15.34
N PRO B 69 39.89 -58.27 16.33
CA PRO B 69 39.66 -58.65 17.71
C PRO B 69 38.62 -57.93 18.54
N ILE B 70 37.96 -56.89 18.00
CA ILE B 70 36.66 -56.36 18.46
C ILE B 70 35.57 -57.18 17.90
N PHE B 71 35.67 -57.29 16.53
CA PHE B 71 34.64 -57.99 15.79
C PHE B 71 34.37 -59.41 16.11
N SER B 72 35.41 -60.24 16.25
CA SER B 72 35.25 -61.64 16.71
C SER B 72 34.62 -61.78 18.08
N GLN B 73 34.51 -60.73 18.90
CA GLN B 73 33.71 -60.72 20.07
C GLN B 73 32.25 -60.37 19.69
N ILE B 74 32.09 -59.26 18.94
CA ILE B 74 30.71 -58.79 18.52
C ILE B 74 29.74 -59.88 17.97
N LYS B 75 30.33 -60.84 17.09
CA LYS B 75 29.55 -61.89 16.43
C LYS B 75 28.68 -62.72 17.40
N LYS B 76 29.03 -62.75 18.66
CA LYS B 76 28.33 -63.66 19.56
C LYS B 76 27.04 -63.03 20.04
N GLU B 77 25.88 -63.72 19.74
CA GLU B 77 24.52 -63.27 19.89
C GLU B 77 24.30 -62.26 18.77
N LYS B 78 23.70 -62.71 17.71
CA LYS B 78 23.33 -61.86 16.60
C LYS B 78 22.38 -62.74 15.79
N GLU B 79 21.62 -62.06 14.98
CA GLU B 79 20.74 -62.62 14.02
C GLU B 79 21.17 -61.87 12.80
N VAL B 80 21.29 -62.62 11.68
CA VAL B 80 21.69 -62.07 10.39
C VAL B 80 20.42 -61.46 9.78
N GLY B 81 19.23 -61.63 10.36
CA GLY B 81 17.97 -61.07 9.80
C GLY B 81 17.67 -61.66 8.47
N THR B 82 16.38 -61.63 8.14
CA THR B 82 15.85 -62.09 6.86
C THR B 82 15.51 -60.83 6.16
N LEU B 83 15.25 -60.90 4.83
CA LEU B 83 14.77 -59.86 4.08
C LEU B 83 13.27 -59.75 4.06
N GLU B 84 12.63 -60.90 4.01
CA GLU B 84 11.24 -61.04 3.63
C GLU B 84 10.44 -60.48 4.74
N ASP B 85 11.01 -60.45 5.97
CA ASP B 85 10.37 -59.88 7.18
C ASP B 85 10.05 -58.38 7.09
N PHE B 86 11.00 -57.57 6.60
CA PHE B 86 10.84 -56.14 6.44
C PHE B 86 9.82 -55.90 5.36
N MET B 87 9.73 -56.64 4.27
CA MET B 87 8.69 -56.48 3.23
C MET B 87 7.31 -56.67 3.83
N GLU B 88 7.05 -57.84 4.49
CA GLU B 88 5.78 -58.24 5.15
C GLU B 88 5.27 -57.23 6.14
N GLY B 89 6.26 -56.65 6.97
CA GLY B 89 6.14 -55.65 7.99
C GLY B 89 5.61 -54.41 7.35
N LEU B 90 6.30 -53.88 6.33
CA LEU B 90 6.07 -52.58 5.62
C LEU B 90 4.86 -52.70 4.63
N LYS B 91 4.41 -53.93 4.34
CA LYS B 91 3.17 -54.03 3.62
C LYS B 91 2.01 -53.56 4.41
N VAL B 92 2.16 -53.52 5.75
CA VAL B 92 1.06 -53.20 6.64
C VAL B 92 0.47 -51.84 6.41
N TYR B 93 1.37 -50.87 6.13
CA TYR B 93 0.98 -49.49 5.70
C TYR B 93 0.81 -49.58 4.21
N ASP B 94 -0.27 -48.92 3.70
CA ASP B 94 -0.65 -48.89 2.31
C ASP B 94 -1.18 -47.55 2.04
N LYS B 95 -1.37 -47.10 0.73
CA LYS B 95 -1.74 -45.74 0.47
C LYS B 95 -2.25 -45.72 -0.98
N ALA B 96 -2.53 -46.94 -1.54
CA ALA B 96 -3.00 -47.13 -2.87
C ALA B 96 -3.50 -48.50 -3.06
N GLU B 97 -3.18 -49.37 -2.03
CA GLU B 97 -3.43 -50.79 -1.89
C GLU B 97 -2.27 -51.43 -2.65
N ASN B 98 -1.08 -50.71 -2.72
CA ASN B 98 -0.01 -51.24 -3.50
C ASN B 98 1.26 -51.28 -2.67
N GLY B 99 1.23 -50.94 -1.35
CA GLY B 99 2.47 -51.00 -0.51
C GLY B 99 3.17 -49.67 -0.72
N THR B 100 2.49 -48.54 -0.79
CA THR B 100 3.04 -47.23 -0.97
C THR B 100 2.92 -46.48 0.28
N MET B 101 3.87 -45.50 0.54
CA MET B 101 4.16 -45.05 1.89
C MET B 101 4.40 -43.65 1.88
N LEU B 102 3.55 -42.78 2.48
CA LEU B 102 4.00 -41.44 2.64
C LEU B 102 5.20 -41.29 3.63
N ALA B 103 6.19 -40.54 3.17
CA ALA B 103 7.46 -40.29 3.80
C ALA B 103 7.42 -39.82 5.19
N ALA B 104 6.55 -38.89 5.54
CA ALA B 104 6.48 -38.40 6.91
C ALA B 104 5.99 -39.51 7.78
N GLU B 105 4.93 -40.14 7.30
CA GLU B 105 4.23 -41.19 7.99
C GLU B 105 5.09 -42.45 8.35
N LEU B 106 6.10 -42.63 7.44
CA LEU B 106 7.02 -43.74 7.59
C LEU B 106 8.12 -43.42 8.57
N ALA B 107 8.50 -42.13 8.65
CA ALA B 107 9.40 -41.68 9.68
C ALA B 107 8.79 -41.75 11.09
N HIS B 108 7.57 -41.28 11.18
CA HIS B 108 6.85 -41.17 12.45
C HIS B 108 6.59 -42.43 13.19
N VAL B 109 6.12 -43.50 12.49
CA VAL B 109 5.96 -44.81 13.14
C VAL B 109 7.21 -45.46 13.72
N LEU B 110 8.42 -45.13 13.17
CA LEU B 110 9.70 -45.61 13.64
C LEU B 110 10.18 -44.87 14.80
N LEU B 111 9.83 -43.58 14.86
CA LEU B 111 10.19 -42.62 15.86
C LEU B 111 9.62 -43.00 17.16
N SER B 112 8.43 -43.53 17.21
CA SER B 112 7.62 -43.53 18.31
C SER B 112 7.72 -44.95 18.83
N LEU B 113 8.58 -45.86 18.21
CA LEU B 113 8.84 -47.25 18.63
C LEU B 113 10.30 -47.55 18.81
N GLY B 114 10.59 -48.56 19.69
CA GLY B 114 11.97 -49.04 19.78
C GLY B 114 12.85 -48.26 20.64
N GLU B 115 14.10 -48.15 20.26
CA GLU B 115 15.08 -47.28 20.87
C GLU B 115 14.79 -45.80 20.49
N ARG B 116 13.99 -45.53 19.48
CA ARG B 116 13.42 -44.26 19.02
C ARG B 116 14.49 -43.47 18.19
N LEU B 117 13.94 -43.22 16.93
CA LEU B 117 14.54 -42.48 15.86
C LEU B 117 14.88 -41.11 16.38
N THR B 118 16.03 -40.73 15.89
CA THR B 118 16.63 -39.43 16.14
C THR B 118 16.02 -38.45 15.16
N ASP B 119 16.24 -37.07 15.42
CA ASP B 119 15.86 -35.92 14.54
C ASP B 119 16.38 -36.10 13.13
N ILE B 120 17.74 -36.48 12.98
CA ILE B 120 18.46 -36.67 11.81
C ILE B 120 17.90 -37.81 10.97
N GLU B 121 17.71 -38.98 11.48
CA GLU B 121 17.19 -40.13 10.66
C GLU B 121 15.86 -40.01 10.11
N CYS B 122 14.85 -39.37 10.79
CA CYS B 122 13.60 -39.04 10.27
C CYS B 122 13.77 -38.09 9.15
N GLU B 123 14.68 -37.07 9.16
CA GLU B 123 15.08 -36.29 7.95
C GLU B 123 15.61 -37.10 6.78
N GLU B 124 16.41 -38.19 7.07
CA GLU B 124 16.93 -39.08 6.10
C GLU B 124 15.80 -39.91 5.55
N ILE B 125 14.85 -40.42 6.35
CA ILE B 125 13.71 -41.27 5.77
C ILE B 125 12.89 -40.42 4.85
N MET B 126 12.69 -39.10 5.29
CA MET B 126 11.99 -38.09 4.63
C MET B 126 12.67 -37.61 3.33
N ARG B 127 14.05 -37.70 3.29
CA ARG B 127 14.97 -36.99 2.39
C ARG B 127 14.66 -37.09 0.88
N VAL B 128 14.31 -38.28 0.47
CA VAL B 128 13.98 -38.72 -0.85
C VAL B 128 12.92 -37.80 -1.52
N CYS B 129 11.82 -37.55 -0.77
CA CYS B 129 10.67 -36.87 -1.30
C CYS B 129 10.58 -35.52 -0.60
N ASP B 130 11.67 -34.92 0.01
CA ASP B 130 11.58 -33.74 0.87
C ASP B 130 10.83 -32.55 0.24
N GLU B 131 9.93 -31.97 1.02
CA GLU B 131 9.45 -30.59 0.93
C GLU B 131 8.90 -30.17 -0.41
N ASP B 132 7.72 -30.83 -0.65
CA ASP B 132 7.08 -30.67 -1.94
C ASP B 132 5.56 -30.89 -1.81
N ASP B 133 5.09 -32.12 -1.47
CA ASP B 133 3.69 -32.51 -1.38
C ASP B 133 3.55 -33.62 -0.33
N ASP B 134 4.65 -34.36 -0.01
CA ASP B 134 4.80 -35.49 0.85
C ASP B 134 3.80 -36.57 0.39
N GLY B 135 4.26 -37.48 -0.54
CA GLY B 135 5.62 -37.73 -1.01
C GLY B 135 5.73 -39.19 -0.73
N PHE B 136 5.67 -39.98 -1.82
CA PHE B 136 5.34 -41.37 -1.71
C PHE B 136 6.49 -42.24 -2.14
N LEU B 137 6.85 -43.15 -1.22
CA LEU B 137 7.76 -44.25 -1.39
C LEU B 137 6.95 -45.45 -1.80
N LYS B 138 7.65 -46.54 -2.05
CA LYS B 138 7.09 -47.82 -2.38
C LYS B 138 8.01 -48.76 -1.62
N TYR B 139 7.46 -49.85 -0.96
CA TYR B 139 8.22 -50.72 0.01
C TYR B 139 9.36 -51.45 -0.68
N GLU B 140 9.18 -51.89 -1.89
CA GLU B 140 10.12 -52.79 -2.51
C GLU B 140 11.44 -52.13 -2.92
N PRO B 141 11.49 -51.05 -3.69
CA PRO B 141 12.67 -50.22 -4.01
C PRO B 141 13.17 -49.54 -2.72
N PHE B 142 12.35 -49.27 -1.63
CA PHE B 142 12.87 -48.77 -0.39
C PHE B 142 13.83 -49.60 0.28
N VAL B 143 13.43 -50.91 0.70
CA VAL B 143 14.20 -51.83 1.43
C VAL B 143 15.44 -52.18 0.68
N LYS B 144 15.20 -52.49 -0.62
CA LYS B 144 16.27 -52.89 -1.56
C LYS B 144 17.43 -52.02 -1.82
N THR B 145 17.26 -50.64 -1.88
CA THR B 145 18.36 -49.72 -2.00
C THR B 145 19.15 -49.52 -0.73
N ILE B 146 18.45 -49.65 0.42
CA ILE B 146 19.07 -49.72 1.68
C ILE B 146 20.00 -50.89 1.89
N ILE B 147 19.49 -52.14 1.69
CA ILE B 147 20.33 -53.35 1.93
C ILE B 147 21.45 -53.53 0.99
N ALA B 148 21.15 -53.18 -0.28
CA ALA B 148 22.17 -53.35 -1.36
C ALA B 148 23.40 -52.48 -1.18
N GLY B 149 23.08 -51.30 -0.59
CA GLY B 149 24.00 -50.24 -0.31
C GLY B 149 23.99 -49.45 -1.59
N PRO B 150 24.21 -48.09 -1.50
CA PRO B 150 24.17 -47.27 -2.75
C PRO B 150 25.61 -47.18 -3.35
N PHE B 151 25.93 -48.08 -4.26
CA PHE B 151 27.16 -48.36 -4.96
C PHE B 151 28.12 -49.05 -4.01
N PRO B 152 28.01 -50.34 -3.57
CA PRO B 152 29.09 -51.10 -2.94
C PRO B 152 30.19 -51.32 -3.92
N ASP B 153 29.90 -51.29 -5.22
CA ASP B 153 30.73 -51.30 -6.35
C ASP B 153 29.70 -51.71 -7.36
N GLU B 154 29.89 -51.28 -8.66
CA GLU B 154 29.03 -51.67 -9.80
C GLU B 154 29.93 -51.93 -10.92
N GLY B 155 29.46 -52.61 -12.03
CA GLY B 155 30.25 -52.74 -13.22
C GLY B 155 29.86 -51.63 -14.16
N LYS B 156 28.91 -50.66 -13.90
CA LYS B 156 28.53 -49.60 -14.74
C LYS B 156 28.78 -48.32 -13.99
N MET C 1 39.96 -53.78 4.51
CA MET C 1 41.32 -54.08 4.22
C MET C 1 42.24 -53.06 4.97
N GLY C 2 43.11 -53.50 5.90
CA GLY C 2 44.10 -52.73 6.69
C GLY C 2 45.10 -52.07 5.78
N ASP C 3 45.98 -51.23 6.32
CA ASP C 3 47.08 -50.63 5.72
C ASP C 3 47.90 -51.40 4.70
N GLU C 4 48.35 -52.53 5.22
CA GLU C 4 49.24 -53.48 4.65
C GLU C 4 48.62 -54.21 3.49
N GLU C 5 47.34 -54.57 3.70
CA GLU C 5 46.47 -55.29 2.82
C GLU C 5 46.27 -54.67 1.52
N LYS C 6 46.07 -53.36 1.47
CA LYS C 6 45.69 -52.74 0.21
C LYS C 6 46.98 -52.54 -0.60
N LYS C 7 48.23 -52.67 -0.01
CA LYS C 7 49.52 -52.79 -0.78
C LYS C 7 49.45 -54.09 -1.54
N GLU C 8 49.16 -55.21 -0.75
CA GLU C 8 49.11 -56.57 -1.28
C GLU C 8 48.12 -56.79 -2.40
N LYS C 9 46.81 -56.36 -2.26
CA LYS C 9 45.80 -56.53 -3.28
C LYS C 9 45.77 -55.41 -4.28
N LYS C 10 46.85 -54.62 -4.58
CA LYS C 10 47.12 -54.05 -5.85
C LYS C 10 47.67 -55.23 -6.69
N LYS C 11 48.72 -55.91 -6.14
CA LYS C 11 49.49 -56.94 -6.87
C LYS C 11 48.72 -58.17 -7.00
N LYS C 12 47.78 -58.38 -6.04
CA LYS C 12 46.88 -59.49 -5.92
C LYS C 12 45.45 -59.12 -6.42
N SER C 13 45.18 -57.90 -6.93
CA SER C 13 43.90 -57.68 -7.53
C SER C 13 44.08 -56.50 -8.41
N LYS C 14 44.48 -56.58 -9.76
CA LYS C 14 44.77 -57.78 -10.57
C LYS C 14 43.49 -58.55 -10.91
N LYS C 15 42.48 -57.90 -11.50
CA LYS C 15 41.35 -58.58 -12.09
C LYS C 15 41.37 -57.85 -13.39
N LYS C 16 41.46 -58.59 -14.51
CA LYS C 16 41.70 -58.15 -15.84
C LYS C 16 40.66 -57.13 -16.28
N SER C 17 41.04 -56.01 -16.99
CA SER C 17 42.45 -55.63 -17.17
C SER C 17 42.93 -54.81 -16.00
N GLU C 18 43.71 -55.46 -15.21
CA GLU C 18 44.50 -54.85 -14.12
C GLU C 18 45.64 -55.69 -13.87
N GLU C 19 45.87 -56.83 -14.62
CA GLU C 19 46.86 -57.78 -14.36
C GLU C 19 47.94 -57.38 -15.29
N GLU C 20 48.73 -56.42 -14.80
CA GLU C 20 49.69 -55.61 -15.57
C GLU C 20 50.76 -55.33 -14.52
N GLY C 21 51.98 -54.90 -14.94
CA GLY C 21 53.08 -54.91 -13.97
C GLY C 21 52.97 -53.62 -13.13
N GLY C 22 52.51 -52.49 -13.72
CA GLY C 22 52.23 -51.36 -12.88
C GLY C 22 53.33 -50.27 -13.02
N ASP C 23 53.29 -49.44 -11.99
CA ASP C 23 54.25 -48.35 -11.76
C ASP C 23 54.90 -48.63 -10.44
N ALA C 24 54.39 -49.53 -9.57
CA ALA C 24 54.76 -49.77 -8.18
C ALA C 24 53.51 -50.51 -7.76
N ALA C 25 53.13 -51.58 -8.55
CA ALA C 25 52.00 -52.41 -8.43
C ALA C 25 50.87 -51.83 -9.29
N PRO C 26 49.92 -52.53 -9.85
CA PRO C 26 48.89 -52.01 -10.67
C PRO C 26 47.69 -51.57 -9.73
N ALA C 27 46.44 -51.60 -10.19
CA ALA C 27 45.31 -50.90 -9.65
C ALA C 27 44.98 -51.25 -8.24
N PRO C 28 44.37 -50.27 -7.49
CA PRO C 28 44.09 -50.33 -5.98
C PRO C 28 42.95 -51.28 -5.84
N PRO C 29 42.84 -52.04 -4.83
CA PRO C 29 41.89 -53.11 -4.62
C PRO C 29 40.44 -52.80 -5.09
N PRO C 30 39.75 -53.44 -5.98
CA PRO C 30 38.35 -53.29 -6.09
C PRO C 30 37.74 -54.02 -4.92
N PRO C 31 36.60 -53.70 -4.31
CA PRO C 31 35.96 -54.49 -3.28
C PRO C 31 35.66 -55.90 -3.73
N LYS C 32 35.46 -56.81 -2.73
CA LYS C 32 35.57 -58.28 -2.74
C LYS C 32 34.75 -58.92 -3.83
N PRO C 33 33.52 -58.63 -4.10
CA PRO C 33 32.85 -59.07 -5.30
C PRO C 33 33.39 -58.56 -6.66
N PRO C 34 33.56 -59.33 -7.71
CA PRO C 34 34.13 -58.87 -8.95
C PRO C 34 33.10 -58.35 -9.95
N SER C 35 32.24 -57.26 -9.55
CA SER C 35 31.47 -56.44 -10.44
C SER C 35 32.26 -55.51 -11.31
N GLN C 36 33.29 -54.85 -10.68
CA GLN C 36 34.04 -53.74 -11.15
C GLN C 36 35.09 -54.06 -12.25
N LYS C 37 35.40 -55.31 -12.51
CA LYS C 37 36.11 -55.81 -13.64
C LYS C 37 35.71 -55.26 -14.95
N ARG C 38 34.44 -54.88 -15.06
CA ARG C 38 33.84 -54.40 -16.27
C ARG C 38 34.28 -53.02 -16.50
N ARG C 39 34.78 -52.28 -15.47
CA ARG C 39 35.30 -50.96 -15.62
C ARG C 39 36.78 -50.99 -15.72
N ALA C 40 37.39 -52.11 -15.33
CA ALA C 40 38.74 -52.50 -15.68
C ALA C 40 39.02 -52.86 -17.07
N GLN C 41 38.02 -53.43 -17.77
CA GLN C 41 38.16 -53.70 -19.17
C GLN C 41 36.77 -53.43 -19.80
N ARG C 42 36.70 -52.68 -20.88
CA ARG C 42 35.63 -52.72 -21.72
C ARG C 42 36.14 -53.11 -23.04
N SER C 43 35.24 -53.76 -23.92
CA SER C 43 35.69 -54.26 -25.20
C SER C 43 34.43 -54.21 -26.09
N GLY C 44 34.61 -53.86 -27.40
CA GLY C 44 33.56 -53.66 -28.35
C GLY C 44 33.90 -54.68 -29.41
N SER C 45 33.59 -54.39 -30.70
CA SER C 45 34.10 -55.11 -31.81
C SER C 45 33.65 -54.53 -33.19
N ASN C 46 34.27 -53.33 -33.59
CA ASN C 46 34.14 -52.91 -35.03
C ASN C 46 35.50 -52.85 -35.61
N VAL C 47 35.75 -53.41 -36.81
CA VAL C 47 36.99 -53.54 -37.45
C VAL C 47 37.02 -52.39 -38.41
N PHE C 48 38.17 -51.68 -38.44
CA PHE C 48 38.31 -50.66 -39.44
C PHE C 48 39.40 -50.95 -40.40
N ALA C 49 39.17 -50.65 -41.68
CA ALA C 49 40.03 -50.88 -42.76
C ALA C 49 41.37 -50.16 -42.66
N MET C 50 42.46 -50.78 -43.19
CA MET C 50 43.83 -50.41 -43.27
C MET C 50 44.01 -49.89 -44.64
N PHE C 51 44.88 -48.82 -44.89
CA PHE C 51 45.15 -48.23 -46.15
C PHE C 51 44.03 -47.56 -46.78
N THR C 52 43.19 -46.78 -45.99
CA THR C 52 42.00 -46.17 -46.44
C THR C 52 42.15 -44.71 -46.17
N GLN C 53 43.19 -44.43 -45.40
CA GLN C 53 43.44 -43.18 -44.78
C GLN C 53 44.49 -42.52 -45.53
N HIS C 54 45.31 -41.73 -44.83
CA HIS C 54 46.65 -41.31 -45.25
C HIS C 54 47.23 -40.81 -43.95
N GLN C 55 46.49 -41.01 -42.83
CA GLN C 55 47.11 -40.95 -41.50
C GLN C 55 47.40 -42.38 -41.18
N VAL C 56 47.48 -43.26 -42.20
CA VAL C 56 47.74 -44.67 -42.14
C VAL C 56 49.20 -44.93 -41.76
N GLN C 57 50.09 -43.94 -42.18
CA GLN C 57 51.48 -43.68 -41.81
C GLN C 57 51.78 -44.03 -40.39
N GLU C 58 50.85 -43.73 -39.41
CA GLU C 58 50.90 -44.05 -38.01
C GLU C 58 51.38 -45.45 -37.66
N PHE C 59 51.00 -46.55 -38.43
CA PHE C 59 51.29 -47.93 -38.22
C PHE C 59 52.86 -48.05 -38.36
N LYS C 60 53.53 -47.23 -39.25
CA LYS C 60 54.95 -47.19 -39.48
C LYS C 60 55.66 -46.51 -38.32
N GLU C 61 54.95 -45.58 -37.64
CA GLU C 61 55.46 -44.93 -36.44
C GLU C 61 55.57 -45.93 -35.27
N ALA C 62 54.63 -46.84 -35.10
CA ALA C 62 54.57 -47.79 -34.06
C ALA C 62 55.55 -48.93 -34.39
N PHE C 63 55.56 -49.40 -35.63
CA PHE C 63 56.20 -50.53 -36.24
C PHE C 63 57.41 -51.18 -35.53
N GLN C 64 58.45 -50.37 -35.25
CA GLN C 64 59.81 -50.79 -34.89
C GLN C 64 59.83 -51.62 -33.61
N LEU C 65 59.00 -51.19 -32.61
CA LEU C 65 58.85 -51.84 -31.38
C LEU C 65 58.10 -53.16 -31.49
N ILE C 66 57.26 -53.34 -32.54
CA ILE C 66 56.34 -54.43 -32.64
C ILE C 66 56.68 -55.34 -33.80
N ASP C 67 57.86 -55.20 -34.33
CA ASP C 67 58.42 -55.68 -35.61
C ASP C 67 59.78 -55.16 -35.48
N GLN C 68 60.62 -55.93 -34.81
CA GLN C 68 62.06 -55.86 -34.89
C GLN C 68 62.43 -56.21 -36.33
N ASP C 69 61.82 -57.22 -37.04
CA ASP C 69 62.30 -57.74 -38.28
C ASP C 69 61.63 -56.86 -39.35
N LYS C 70 62.18 -56.91 -40.54
CA LYS C 70 61.81 -56.12 -41.67
C LYS C 70 60.52 -56.72 -42.37
N ASP C 71 60.13 -57.99 -42.20
CA ASP C 71 58.78 -58.51 -42.54
C ASP C 71 58.04 -59.05 -41.29
N GLY C 72 58.36 -58.58 -40.06
CA GLY C 72 57.75 -58.85 -38.77
C GLY C 72 57.77 -60.42 -38.51
N PHE C 73 56.69 -60.96 -37.82
CA PHE C 73 56.48 -62.31 -37.25
C PHE C 73 57.68 -62.65 -36.29
N ILE C 74 58.06 -61.63 -35.39
CA ILE C 74 58.84 -61.75 -34.25
C ILE C 74 58.04 -62.35 -33.13
N SER C 75 58.75 -62.48 -32.01
CA SER C 75 58.31 -63.07 -30.77
C SER C 75 57.10 -62.43 -30.15
N LYS C 76 56.32 -63.22 -29.37
CA LYS C 76 54.92 -62.91 -29.28
C LYS C 76 54.71 -62.12 -28.06
N ASN C 77 55.71 -61.96 -27.18
CA ASN C 77 55.58 -61.25 -25.94
C ASN C 77 56.19 -59.88 -26.11
N ASP C 78 56.70 -59.55 -27.34
CA ASP C 78 57.62 -58.43 -27.41
C ASP C 78 56.84 -57.22 -27.68
N ILE C 79 55.61 -57.43 -28.17
CA ILE C 79 54.58 -56.45 -28.16
C ILE C 79 54.10 -56.05 -26.80
N ARG C 80 54.05 -57.12 -25.94
CA ARG C 80 53.59 -57.09 -24.56
C ARG C 80 54.66 -56.59 -23.64
N ALA C 81 55.94 -56.29 -24.16
CA ALA C 81 57.05 -55.91 -23.35
C ALA C 81 57.53 -54.59 -23.65
N THR C 82 57.97 -54.41 -24.95
CA THR C 82 58.73 -53.18 -25.29
C THR C 82 57.94 -52.03 -25.50
N PHE C 83 56.74 -52.26 -26.14
CA PHE C 83 55.79 -51.23 -26.59
C PHE C 83 55.26 -50.55 -25.38
N ASP C 84 55.25 -51.26 -24.21
CA ASP C 84 54.88 -50.72 -22.93
C ASP C 84 55.58 -49.50 -22.55
N SER C 85 56.95 -49.41 -22.87
CA SER C 85 57.83 -48.47 -22.24
C SER C 85 58.11 -47.13 -23.07
N LEU C 86 57.53 -46.93 -24.27
CA LEU C 86 57.77 -45.62 -24.89
C LEU C 86 56.80 -45.68 -26.12
N GLY C 87 56.20 -46.82 -26.46
CA GLY C 87 55.24 -46.86 -27.59
C GLY C 87 53.90 -46.46 -27.05
N ARG C 88 53.10 -45.60 -27.68
CA ARG C 88 51.93 -44.78 -27.19
C ARG C 88 52.19 -44.05 -25.88
N LEU C 89 53.50 -43.63 -25.80
CA LEU C 89 54.20 -42.81 -24.82
C LEU C 89 54.69 -43.72 -23.70
N CYS C 90 55.60 -43.22 -22.83
CA CYS C 90 56.35 -43.86 -21.70
C CYS C 90 55.62 -44.65 -20.65
N THR C 91 56.40 -45.30 -19.74
CA THR C 91 56.01 -45.97 -18.51
C THR C 91 55.25 -47.25 -18.79
N GLU C 92 55.82 -48.41 -18.39
CA GLU C 92 55.24 -49.73 -18.57
C GLU C 92 54.08 -50.07 -17.67
N GLN C 93 53.21 -50.87 -18.24
CA GLN C 93 52.08 -51.56 -17.66
C GLN C 93 51.05 -51.85 -18.73
N GLU C 94 51.48 -51.84 -20.03
CA GLU C 94 50.66 -51.91 -21.15
C GLU C 94 50.45 -53.34 -21.51
N LEU C 95 50.70 -54.28 -20.59
CA LEU C 95 50.71 -55.74 -20.79
C LEU C 95 49.40 -56.20 -21.44
N ASP C 96 48.27 -56.23 -20.65
CA ASP C 96 47.00 -56.67 -21.06
C ASP C 96 46.33 -55.75 -22.07
N SER C 97 46.83 -54.51 -22.24
CA SER C 97 46.34 -53.67 -23.23
C SER C 97 46.80 -54.09 -24.62
N MET C 98 48.09 -54.46 -24.63
CA MET C 98 48.77 -55.01 -25.76
C MET C 98 48.38 -56.42 -26.22
N VAL C 99 47.94 -57.25 -25.28
CA VAL C 99 47.49 -58.58 -25.53
C VAL C 99 46.00 -58.67 -25.96
N ALA C 100 45.42 -57.46 -26.13
CA ALA C 100 43.99 -57.27 -26.32
C ALA C 100 43.78 -56.23 -27.44
N GLU C 101 44.91 -55.74 -28.01
CA GLU C 101 44.95 -54.91 -29.24
C GLU C 101 45.75 -55.63 -30.31
N ALA C 102 46.37 -56.82 -29.94
CA ALA C 102 47.08 -57.61 -30.89
C ALA C 102 46.76 -59.05 -30.58
N PRO C 103 46.49 -59.87 -31.54
CA PRO C 103 45.95 -61.20 -31.18
C PRO C 103 47.00 -62.17 -31.61
N GLY C 104 48.24 -61.76 -31.43
CA GLY C 104 49.43 -62.45 -31.95
C GLY C 104 50.12 -61.39 -32.75
N PRO C 105 51.28 -61.76 -33.38
CA PRO C 105 52.23 -60.84 -33.92
C PRO C 105 51.63 -59.81 -34.84
N ILE C 106 52.03 -58.53 -34.67
CA ILE C 106 51.48 -57.46 -35.49
C ILE C 106 52.42 -57.22 -36.62
N ASN C 107 51.86 -56.98 -37.85
CA ASN C 107 52.62 -56.59 -39.00
C ASN C 107 51.55 -55.95 -39.90
N PHE C 108 52.03 -55.36 -41.07
CA PHE C 108 51.21 -54.67 -42.07
C PHE C 108 50.09 -55.43 -42.57
N THR C 109 50.17 -56.80 -42.83
CA THR C 109 49.08 -57.70 -43.15
C THR C 109 48.00 -57.79 -42.03
N MET C 110 48.39 -57.78 -40.71
CA MET C 110 47.73 -58.19 -39.49
C MET C 110 46.95 -56.95 -38.98
N PHE C 111 47.38 -55.76 -39.42
CA PHE C 111 46.92 -54.38 -39.16
C PHE C 111 45.46 -54.14 -39.19
N LEU C 112 44.68 -54.79 -40.06
CA LEU C 112 43.23 -54.66 -40.02
C LEU C 112 42.60 -54.99 -38.67
N THR C 113 42.97 -56.11 -38.05
CA THR C 113 42.63 -56.52 -36.73
C THR C 113 43.80 -56.21 -35.83
N ILE C 114 44.35 -55.00 -35.82
CA ILE C 114 44.71 -54.38 -34.65
C ILE C 114 44.05 -53.04 -34.55
N PHE C 115 43.72 -52.46 -35.68
CA PHE C 115 43.13 -51.19 -35.85
C PHE C 115 41.68 -51.33 -35.41
N GLY C 116 41.13 -52.48 -35.82
CA GLY C 116 39.90 -53.03 -35.32
C GLY C 116 39.84 -53.39 -33.81
N ASP C 117 40.91 -54.04 -33.24
CA ASP C 117 41.18 -54.48 -31.86
C ASP C 117 41.63 -53.37 -30.97
N ARG C 118 41.83 -52.13 -31.51
CA ARG C 118 41.90 -50.90 -30.77
C ARG C 118 40.57 -50.69 -30.12
N ILE C 119 39.51 -50.88 -30.89
CA ILE C 119 38.06 -50.63 -30.52
C ILE C 119 37.59 -51.81 -29.66
N ALA C 120 38.36 -52.83 -29.49
CA ALA C 120 38.04 -53.83 -28.46
C ALA C 120 38.89 -53.55 -27.20
N GLY C 121 40.19 -53.85 -27.26
CA GLY C 121 41.15 -53.27 -26.36
C GLY C 121 40.78 -53.23 -24.90
N THR C 122 41.12 -52.14 -24.15
CA THR C 122 40.73 -52.02 -22.76
C THR C 122 40.15 -50.66 -22.49
N ASP C 123 38.90 -50.62 -22.01
CA ASP C 123 38.19 -49.33 -21.69
C ASP C 123 38.07 -48.54 -23.02
N GLU C 124 37.29 -49.29 -23.89
CA GLU C 124 36.91 -48.91 -25.23
C GLU C 124 35.40 -49.14 -25.37
N GLU C 125 34.60 -48.08 -25.70
CA GLU C 125 33.22 -48.10 -25.99
C GLU C 125 32.63 -48.62 -24.65
N ASP C 126 31.27 -49.03 -24.68
CA ASP C 126 30.47 -49.46 -23.57
C ASP C 126 30.31 -48.35 -22.53
N VAL C 127 30.61 -47.08 -23.07
CA VAL C 127 30.25 -45.71 -22.55
C VAL C 127 29.19 -45.65 -21.54
N ILE C 128 29.61 -45.10 -20.36
CA ILE C 128 28.74 -45.04 -19.28
C ILE C 128 29.24 -43.85 -18.54
N VAL C 129 28.31 -43.20 -17.89
CA VAL C 129 28.48 -41.90 -17.28
C VAL C 129 29.10 -42.20 -15.94
N ASN C 130 28.41 -43.04 -15.09
CA ASN C 130 28.65 -43.14 -13.69
C ASN C 130 30.05 -43.51 -13.18
N ALA C 131 30.83 -44.22 -13.99
CA ALA C 131 32.10 -44.73 -13.55
C ALA C 131 33.08 -43.79 -12.83
N PHE C 132 33.59 -42.76 -13.54
CA PHE C 132 34.42 -41.73 -12.96
C PHE C 132 33.49 -40.79 -12.20
N ASN C 133 32.32 -40.39 -12.83
CA ASN C 133 31.31 -39.41 -12.38
C ASN C 133 30.92 -39.36 -10.93
N LEU C 134 30.83 -40.54 -10.27
CA LEU C 134 30.48 -40.56 -8.89
C LEU C 134 31.42 -39.94 -7.84
N PHE C 135 32.65 -39.56 -8.35
CA PHE C 135 33.74 -38.83 -7.63
C PHE C 135 33.50 -37.32 -8.01
N ASP C 136 33.40 -36.47 -6.99
CA ASP C 136 32.92 -35.00 -6.96
C ASP C 136 31.48 -34.99 -6.43
N GLU C 137 31.10 -36.08 -5.79
CA GLU C 137 29.87 -36.28 -5.15
C GLU C 137 28.65 -36.25 -6.06
N GLY C 138 28.85 -36.74 -7.32
CA GLY C 138 27.90 -36.89 -8.40
C GLY C 138 27.60 -35.59 -9.06
N GLU C 139 28.43 -34.57 -8.86
CA GLU C 139 28.19 -33.25 -9.33
C GLU C 139 29.16 -32.90 -10.46
N GLY C 140 28.62 -32.82 -11.74
CA GLY C 140 29.26 -32.57 -12.97
C GLY C 140 30.18 -33.77 -13.34
N LYS C 141 30.57 -33.77 -14.65
CA LYS C 141 31.42 -34.75 -15.25
C LYS C 141 32.81 -34.59 -14.74
N CYS C 142 33.40 -35.77 -14.59
CA CYS C 142 34.56 -35.97 -13.82
C CYS C 142 35.55 -36.16 -14.96
N LYS C 143 36.59 -35.25 -15.05
CA LYS C 143 37.50 -34.94 -16.12
C LYS C 143 38.88 -34.80 -15.57
N GLU C 144 39.83 -34.95 -16.44
CA GLU C 144 41.27 -34.71 -16.22
C GLU C 144 41.84 -34.14 -14.95
N GLU C 145 41.60 -32.82 -14.61
CA GLU C 145 42.15 -31.98 -13.58
C GLU C 145 41.83 -32.43 -12.19
N THR C 146 40.64 -33.04 -11.92
CA THR C 146 40.29 -33.70 -10.69
C THR C 146 40.98 -35.05 -10.54
N LEU C 147 41.35 -35.73 -11.62
CA LEU C 147 42.13 -36.98 -11.55
C LEU C 147 43.53 -36.77 -11.11
N LYS C 148 44.16 -35.71 -11.62
CA LYS C 148 45.50 -35.27 -11.23
C LYS C 148 45.50 -34.94 -9.83
N ARG C 149 44.41 -34.23 -9.42
CA ARG C 149 44.25 -33.82 -8.02
C ARG C 149 44.32 -35.03 -7.12
N SER C 150 43.43 -35.95 -7.46
CA SER C 150 43.25 -37.11 -6.60
C SER C 150 44.49 -37.95 -6.35
N LEU C 151 45.43 -37.95 -7.39
CA LEU C 151 46.60 -38.78 -7.42
C LEU C 151 47.62 -38.31 -6.39
N THR C 152 47.67 -36.96 -6.11
CA THR C 152 48.55 -36.35 -5.08
C THR C 152 47.88 -36.22 -3.75
N THR C 153 46.53 -36.52 -3.58
CA THR C 153 45.99 -36.37 -2.29
C THR C 153 45.55 -37.71 -1.73
N TRP C 154 44.67 -38.46 -2.52
CA TRP C 154 44.02 -39.63 -1.95
C TRP C 154 44.47 -40.82 -2.84
N GLY C 155 43.80 -41.96 -2.70
CA GLY C 155 43.91 -43.06 -3.53
C GLY C 155 45.24 -43.72 -3.40
N GLU C 156 45.56 -44.88 -4.09
CA GLU C 156 46.85 -45.49 -4.04
C GLU C 156 47.79 -44.70 -4.88
N LYS C 157 49.12 -44.81 -4.62
CA LYS C 157 50.10 -43.92 -5.24
C LYS C 157 50.84 -44.58 -6.36
N PHE C 158 51.01 -43.77 -7.42
CA PHE C 158 51.57 -44.20 -8.69
C PHE C 158 52.30 -42.99 -9.25
N SER C 159 53.24 -43.36 -10.17
CA SER C 159 54.16 -42.42 -10.89
C SER C 159 53.64 -41.19 -11.51
N GLN C 160 54.13 -40.07 -10.94
CA GLN C 160 53.64 -38.76 -11.11
C GLN C 160 53.89 -38.20 -12.51
N ASP C 161 55.00 -38.75 -13.20
CA ASP C 161 55.40 -38.34 -14.53
C ASP C 161 54.23 -38.45 -15.51
N GLU C 162 53.60 -39.63 -15.53
CA GLU C 162 52.56 -39.99 -16.45
C GLU C 162 51.38 -38.99 -16.48
N VAL C 163 50.94 -38.54 -15.24
CA VAL C 163 49.89 -37.57 -15.07
C VAL C 163 50.18 -36.15 -15.59
N GLU C 164 51.40 -35.61 -15.30
CA GLU C 164 51.72 -34.22 -15.69
C GLU C 164 51.91 -34.09 -17.20
N GLU C 165 52.43 -35.25 -17.75
CA GLU C 165 52.54 -35.47 -19.17
C GLU C 165 51.19 -35.49 -19.85
N ALA C 166 50.31 -36.27 -19.29
CA ALA C 166 48.94 -36.46 -19.81
C ALA C 166 47.98 -35.24 -19.91
N LEU C 167 48.03 -34.36 -18.91
CA LEU C 167 47.37 -33.04 -18.90
C LEU C 167 47.89 -32.10 -20.05
N SER C 168 49.23 -31.94 -20.18
CA SER C 168 49.94 -31.22 -21.21
C SER C 168 49.64 -31.68 -22.58
N GLU C 169 49.31 -33.01 -22.74
CA GLU C 169 49.14 -33.64 -23.99
C GLU C 169 47.70 -33.59 -24.36
N ALA C 170 46.85 -33.08 -23.51
CA ALA C 170 45.41 -32.92 -23.73
C ALA C 170 45.06 -32.17 -24.98
N PRO C 171 44.02 -32.49 -25.77
CA PRO C 171 43.61 -31.81 -26.92
C PRO C 171 43.07 -30.48 -26.56
N ILE C 172 42.33 -30.50 -25.46
CA ILE C 172 41.44 -29.51 -24.86
C ILE C 172 40.19 -29.38 -25.68
N ASP C 173 39.02 -29.66 -25.01
CA ASP C 173 37.62 -29.42 -25.38
C ASP C 173 36.96 -28.38 -24.49
N GLY C 174 37.59 -28.19 -23.33
CA GLY C 174 37.32 -27.04 -22.49
C GLY C 174 36.88 -27.41 -21.18
N ASN C 175 36.21 -28.62 -21.07
CA ASN C 175 35.87 -29.29 -19.83
C ASN C 175 36.73 -30.54 -19.86
N GLY C 176 37.91 -30.47 -20.63
CA GLY C 176 38.90 -31.54 -20.49
C GLY C 176 38.38 -32.76 -21.15
N LEU C 177 38.74 -33.93 -20.61
CA LEU C 177 38.34 -35.28 -21.17
C LEU C 177 37.50 -35.94 -20.08
N ILE C 178 36.16 -35.89 -20.31
CA ILE C 178 35.04 -36.52 -19.60
C ILE C 178 35.14 -37.98 -19.78
N ASP C 179 34.38 -38.74 -18.91
CA ASP C 179 34.39 -40.16 -18.74
C ASP C 179 34.00 -40.86 -20.05
N ILE C 180 33.17 -40.15 -20.81
CA ILE C 180 32.65 -40.59 -22.05
C ILE C 180 33.75 -40.82 -23.04
N LYS C 181 34.69 -39.81 -23.05
CA LYS C 181 35.82 -39.77 -23.93
C LYS C 181 36.93 -40.57 -23.43
N LYS C 182 37.05 -40.76 -22.13
CA LYS C 182 37.99 -41.68 -21.49
C LYS C 182 37.80 -43.14 -21.87
N PHE C 183 36.52 -43.50 -22.23
CA PHE C 183 36.22 -44.75 -22.78
C PHE C 183 36.39 -44.66 -24.28
N ALA C 184 35.58 -43.74 -24.89
CA ALA C 184 35.36 -43.47 -26.33
C ALA C 184 36.53 -42.80 -27.07
N GLN C 185 37.72 -42.85 -26.41
CA GLN C 185 39.11 -42.32 -26.75
C GLN C 185 39.63 -42.81 -28.06
N ILE C 186 39.21 -44.06 -28.46
CA ILE C 186 39.55 -44.58 -29.77
C ILE C 186 38.96 -43.72 -30.89
N LEU C 187 37.66 -43.30 -30.71
CA LEU C 187 37.00 -42.43 -31.69
C LEU C 187 37.13 -41.03 -31.22
N THR C 188 38.15 -40.37 -31.69
CA THR C 188 38.56 -38.96 -31.41
C THR C 188 39.28 -38.96 -30.10
N LYS C 189 40.19 -37.99 -29.95
CA LYS C 189 40.90 -37.61 -28.78
C LYS C 189 41.99 -38.60 -28.39
N GLY C 190 43.25 -38.17 -28.43
CA GLY C 190 44.42 -39.13 -28.27
C GLY C 190 45.47 -38.38 -27.44
N ALA C 191 46.76 -38.40 -27.79
CA ALA C 191 47.82 -37.65 -27.08
C ALA C 191 48.77 -36.84 -27.97
N GLU C 192 49.89 -36.32 -27.43
CA GLU C 192 50.94 -35.53 -28.20
C GLU C 192 52.27 -36.20 -27.91
N GLU C 193 53.39 -35.41 -28.08
CA GLU C 193 54.78 -35.58 -27.61
C GLU C 193 55.32 -36.87 -28.04
N GLU C 194 56.33 -37.42 -27.36
CA GLU C 194 57.22 -38.49 -27.80
C GLU C 194 56.51 -39.81 -27.99
N GLY C 195 57.10 -40.61 -28.86
CA GLY C 195 56.52 -41.90 -29.19
C GLY C 195 55.63 -41.76 -30.41
N ALA C 196 55.23 -42.85 -31.03
CA ALA C 196 55.14 -44.12 -30.40
C ALA C 196 56.39 -44.85 -30.56
N MET D 1 -4.99 42.79 -17.58
CA MET D 1 -3.88 41.93 -17.11
C MET D 1 -3.05 42.55 -16.05
N ALA D 2 -1.96 41.82 -15.50
CA ALA D 2 -1.26 42.35 -14.38
C ALA D 2 0.07 41.62 -14.54
N GLU D 3 0.44 41.00 -15.71
CA GLU D 3 1.69 40.37 -15.95
C GLU D 3 1.52 39.67 -17.26
N ASP D 4 2.19 40.18 -18.29
CA ASP D 4 2.14 39.69 -19.62
C ASP D 4 3.48 39.61 -20.20
N PRO D 5 4.13 38.45 -20.36
CA PRO D 5 5.30 38.29 -21.27
C PRO D 5 5.41 38.91 -22.63
N ASP D 6 6.61 39.25 -23.10
CA ASP D 6 6.77 39.84 -24.41
C ASP D 6 6.35 38.93 -25.56
N PRO D 7 6.54 37.59 -25.54
CA PRO D 7 6.05 36.75 -26.66
C PRO D 7 4.56 36.49 -26.73
N THR D 8 3.80 36.92 -25.71
CA THR D 8 2.40 36.73 -25.51
C THR D 8 1.75 37.98 -26.03
N GLU D 9 2.55 38.84 -26.72
CA GLU D 9 2.04 40.04 -27.35
C GLU D 9 1.58 39.72 -28.78
N TYR D 10 0.27 39.54 -28.97
CA TYR D 10 -0.39 39.29 -30.28
C TYR D 10 -1.88 39.70 -30.06
N LEU D 11 -2.22 39.94 -28.74
CA LEU D 11 -3.53 40.33 -28.44
C LEU D 11 -3.64 41.06 -27.07
N TYR D 12 -2.46 41.11 -26.28
CA TYR D 12 -2.36 41.58 -24.97
C TYR D 12 -1.20 42.51 -24.88
N ILE D 13 -1.49 43.66 -24.21
CA ILE D 13 -0.44 44.60 -23.85
C ILE D 13 0.46 44.12 -22.80
N SER D 14 1.79 44.13 -23.01
CA SER D 14 2.75 43.67 -22.03
C SER D 14 2.75 44.48 -20.75
N MET D 15 3.14 43.82 -19.65
CA MET D 15 3.28 44.31 -18.35
C MET D 15 4.56 43.63 -17.83
N GLU D 16 5.54 44.43 -17.26
CA GLU D 16 6.84 43.97 -16.96
C GLU D 16 7.20 44.66 -15.70
N GLN D 17 7.91 43.83 -14.82
CA GLN D 17 8.53 44.20 -13.56
C GLN D 17 10.02 43.99 -13.76
N LYS D 18 10.43 43.70 -15.04
CA LYS D 18 11.81 43.66 -15.34
C LYS D 18 12.14 45.06 -15.64
N ARG D 19 13.18 45.62 -14.96
CA ARG D 19 13.53 47.09 -14.97
C ARG D 19 12.47 47.91 -14.28
N LYS D 20 11.48 48.50 -14.94
CA LYS D 20 10.41 49.28 -14.37
C LYS D 20 9.52 48.28 -13.77
N ASP D 21 8.70 48.78 -12.89
CA ASP D 21 7.69 47.95 -12.18
C ASP D 21 6.38 48.36 -12.69
N GLN D 22 6.38 49.10 -13.83
CA GLN D 22 5.21 49.83 -14.38
C GLN D 22 5.03 51.08 -13.64
N THR D 23 6.16 51.86 -13.66
CA THR D 23 6.42 53.06 -12.83
C THR D 23 7.06 52.52 -11.59
N LYS D 24 8.43 52.72 -11.57
CA LYS D 24 9.28 52.20 -10.50
C LYS D 24 8.95 52.74 -9.12
N PRO D 25 8.58 53.99 -8.83
CA PRO D 25 8.09 54.31 -7.55
C PRO D 25 6.60 54.21 -7.57
N TYR D 26 5.99 53.77 -6.46
CA TYR D 26 4.60 53.80 -6.20
C TYR D 26 4.45 55.06 -5.41
N ASP D 27 3.32 55.76 -5.46
CA ASP D 27 3.23 57.00 -4.68
C ASP D 27 1.74 57.18 -4.44
N GLY D 28 1.46 57.99 -3.40
CA GLY D 28 0.18 58.36 -2.87
C GLY D 28 -0.56 59.43 -3.57
N LYS D 29 -1.80 59.89 -3.18
CA LYS D 29 -2.59 60.94 -3.81
C LYS D 29 -3.77 61.28 -2.90
N LYS D 30 -3.75 60.83 -1.62
CA LYS D 30 -4.78 60.88 -0.65
C LYS D 30 -4.71 62.16 0.22
N MET D 31 -5.78 62.43 0.97
CA MET D 31 -5.81 63.52 1.93
C MET D 31 -6.62 62.94 3.10
N VAL D 32 -6.76 63.78 4.18
CA VAL D 32 -7.60 63.33 5.28
C VAL D 32 -8.92 63.94 5.19
N TRP D 33 -9.94 63.11 4.97
CA TRP D 33 -11.34 63.52 4.84
C TRP D 33 -12.17 62.93 6.03
N VAL D 34 -13.31 63.51 6.34
CA VAL D 34 -14.17 63.08 7.35
C VAL D 34 -15.51 63.03 6.66
N ALA D 35 -16.31 62.01 6.97
CA ALA D 35 -17.58 61.67 6.32
C ALA D 35 -18.64 62.68 6.84
N ASP D 36 -19.43 63.19 5.85
CA ASP D 36 -20.47 64.17 6.04
C ASP D 36 -21.67 63.31 6.35
N GLU D 37 -22.84 63.93 6.67
CA GLU D 37 -24.11 63.25 7.02
C GLU D 37 -25.17 63.85 6.08
N LYS D 38 -24.68 64.45 4.98
CA LYS D 38 -25.48 64.98 3.83
C LYS D 38 -24.98 64.29 2.61
N GLU D 39 -23.83 64.86 2.05
CA GLU D 39 -23.43 64.49 0.76
C GLU D 39 -21.94 64.60 0.87
N GLY D 40 -21.23 63.93 -0.04
CA GLY D 40 -19.77 64.09 -0.26
C GLY D 40 -18.86 64.01 0.93
N TYR D 41 -17.57 64.44 0.74
CA TYR D 41 -16.51 64.50 1.70
C TYR D 41 -16.15 65.95 1.77
N LEU D 42 -15.59 66.27 2.97
CA LEU D 42 -15.03 67.55 3.28
C LEU D 42 -13.81 67.23 4.14
N LEU D 43 -12.81 68.11 4.03
CA LEU D 43 -11.50 68.19 4.72
C LEU D 43 -11.71 68.12 6.17
N GLY D 44 -10.59 67.69 6.86
CA GLY D 44 -10.59 67.58 8.28
C GLY D 44 -9.24 67.20 8.76
N LEU D 45 -8.94 67.67 9.97
CA LEU D 45 -7.65 67.33 10.58
C LEU D 45 -7.82 66.48 11.78
N ILE D 46 -6.82 65.57 12.07
CA ILE D 46 -6.87 64.73 13.25
C ILE D 46 -6.53 65.68 14.41
N LYS D 47 -7.37 65.65 15.43
CA LYS D 47 -7.25 66.35 16.67
C LYS D 47 -6.40 65.50 17.61
N SER D 48 -6.83 64.27 17.93
CA SER D 48 -5.98 63.50 18.84
C SER D 48 -6.24 62.08 18.54
N THR D 49 -5.20 61.24 18.62
CA THR D 49 -5.29 59.82 18.37
C THR D 49 -5.00 59.21 19.75
N GLN D 50 -5.96 58.43 20.28
CA GLN D 50 -5.95 57.74 21.57
C GLN D 50 -6.37 56.35 21.21
N GLY D 51 -5.39 55.61 20.54
CA GLY D 51 -5.49 54.28 20.03
C GLY D 51 -6.33 54.27 18.79
N ASP D 52 -7.33 53.40 18.85
CA ASP D 52 -8.08 53.08 17.64
C ASP D 52 -9.20 54.02 17.43
N ILE D 53 -9.54 54.75 18.56
CA ILE D 53 -10.45 55.88 18.49
C ILE D 53 -9.59 57.03 17.90
N CYS D 54 -10.31 58.00 17.17
CA CYS D 54 -9.65 59.11 16.55
C CYS D 54 -10.63 60.19 16.42
N THR D 55 -10.40 61.16 17.35
CA THR D 55 -11.20 62.35 17.44
C THR D 55 -10.72 63.32 16.30
N VAL D 56 -11.65 63.78 15.49
CA VAL D 56 -11.48 64.55 14.32
C VAL D 56 -12.06 65.95 14.46
N ASP D 57 -11.51 66.98 13.63
CA ASP D 57 -11.96 68.31 13.56
C ASP D 57 -12.19 68.49 12.02
N ILE D 58 -13.47 68.57 11.53
CA ILE D 58 -13.84 68.90 10.18
C ILE D 58 -13.52 70.37 10.03
N GLU D 59 -12.73 70.75 9.00
CA GLU D 59 -12.30 72.14 8.82
C GLU D 59 -13.35 72.90 8.10
N GLY D 60 -14.17 73.69 8.91
CA GLY D 60 -15.26 74.49 8.28
C GLY D 60 -16.59 73.85 8.39
N GLN D 61 -16.79 73.09 9.49
CA GLN D 61 -18.03 72.35 9.72
C GLN D 61 -18.16 72.18 11.14
N GLU D 62 -17.70 71.05 11.69
CA GLU D 62 -17.98 70.78 13.11
C GLU D 62 -16.87 69.93 13.65
N SER D 63 -16.94 69.65 14.95
CA SER D 63 -15.93 68.84 15.55
C SER D 63 -16.63 67.70 16.23
N ARG D 64 -15.96 66.54 16.32
CA ARG D 64 -16.51 65.33 16.88
C ARG D 64 -15.53 64.86 17.87
N GLN D 65 -15.76 63.74 18.55
CA GLN D 65 -14.84 63.12 19.44
C GLN D 65 -15.61 61.83 19.86
N VAL D 66 -16.75 61.54 19.24
CA VAL D 66 -17.63 60.53 19.65
C VAL D 66 -17.07 59.19 19.19
N LYS D 67 -17.79 58.09 19.52
CA LYS D 67 -17.44 56.75 19.15
C LYS D 67 -17.35 56.52 17.70
N LYS D 68 -16.42 55.61 17.26
CA LYS D 68 -16.22 55.24 15.89
C LYS D 68 -17.09 54.22 15.36
N ASP D 69 -18.13 53.75 16.20
CA ASP D 69 -19.14 52.87 15.75
C ASP D 69 -20.29 53.53 15.19
N LEU D 70 -20.23 54.86 15.12
CA LEU D 70 -21.18 55.77 14.49
C LEU D 70 -20.41 56.87 13.82
N LEU D 71 -19.10 56.81 13.84
CA LEU D 71 -18.24 57.88 13.19
C LEU D 71 -17.34 57.22 12.29
N GLN D 72 -17.31 57.66 10.97
CA GLN D 72 -16.51 56.98 9.98
C GLN D 72 -15.65 58.01 9.23
N GLN D 73 -14.34 57.76 9.07
CA GLN D 73 -13.53 58.72 8.50
C GLN D 73 -12.28 58.13 7.82
N VAL D 74 -11.95 58.66 6.66
CA VAL D 74 -10.89 58.22 5.80
C VAL D 74 -9.54 58.39 6.52
N ASN D 75 -8.80 57.21 6.46
CA ASN D 75 -7.59 56.99 7.16
C ASN D 75 -6.48 57.80 6.48
N PRO D 76 -5.33 57.99 7.14
CA PRO D 76 -4.11 58.55 6.49
C PRO D 76 -3.73 57.79 5.22
N PRO D 77 -2.87 58.36 4.36
CA PRO D 77 -2.51 57.72 3.09
C PRO D 77 -1.98 56.32 3.14
N LYS D 78 -1.19 56.07 4.24
CA LYS D 78 -0.41 54.84 4.54
C LYS D 78 -1.44 53.78 4.74
N TYR D 79 -2.57 54.03 5.43
CA TYR D 79 -3.61 53.13 5.74
C TYR D 79 -4.77 53.12 4.73
N GLU D 80 -4.54 53.72 3.58
CA GLU D 80 -5.25 53.53 2.33
C GLU D 80 -4.23 52.79 1.52
N LYS D 81 -4.79 51.95 0.59
CA LYS D 81 -4.05 51.16 -0.39
C LYS D 81 -3.47 50.00 0.42
N CYS D 82 -4.38 49.20 1.05
CA CYS D 82 -4.01 48.10 1.97
C CYS D 82 -5.03 47.00 1.72
N GLU D 83 -4.67 45.77 2.11
CA GLU D 83 -5.60 44.68 1.88
C GLU D 83 -5.94 44.16 3.21
N ASP D 84 -7.19 43.73 3.25
CA ASP D 84 -7.83 43.12 4.36
C ASP D 84 -7.99 44.22 5.31
N MET D 85 -8.78 45.21 4.91
CA MET D 85 -8.92 46.45 5.60
C MET D 85 -9.89 46.30 6.73
N SER D 86 -9.29 45.93 7.92
CA SER D 86 -9.91 45.69 9.14
C SER D 86 -8.75 45.43 10.10
N ASN D 87 -7.52 45.51 9.53
CA ASN D 87 -6.24 45.26 10.24
C ASN D 87 -5.50 46.51 10.55
N LEU D 88 -6.09 47.63 10.19
CA LEU D 88 -5.53 48.95 10.24
C LEU D 88 -5.63 49.47 11.69
N THR D 89 -5.17 50.72 11.89
CA THR D 89 -5.04 51.29 13.11
C THR D 89 -6.33 52.06 13.44
N TYR D 90 -7.05 52.55 12.34
CA TYR D 90 -8.22 53.24 12.53
C TYR D 90 -9.19 52.42 11.73
N LEU D 91 -10.28 51.99 12.41
CA LEU D 91 -11.24 51.01 11.97
C LEU D 91 -12.43 51.75 11.34
N ASN D 92 -12.32 51.99 10.00
CA ASN D 92 -13.30 52.72 9.20
C ASN D 92 -13.66 52.00 7.91
N ASP D 93 -14.98 52.03 7.55
CA ASP D 93 -15.47 51.60 6.24
C ASP D 93 -15.30 52.75 5.23
N ALA D 94 -15.02 53.98 5.76
CA ALA D 94 -14.88 55.25 4.98
C ALA D 94 -13.54 55.24 4.25
N SER D 95 -12.54 54.60 4.90
CA SER D 95 -11.28 54.42 4.18
C SER D 95 -11.36 53.45 3.06
N VAL D 96 -12.28 52.48 3.18
CA VAL D 96 -12.43 51.53 2.05
C VAL D 96 -13.12 52.13 0.83
N LEU D 97 -14.14 52.96 1.17
CA LEU D 97 -14.94 53.67 0.23
C LEU D 97 -14.27 54.78 -0.51
N HIS D 98 -13.37 55.53 0.18
CA HIS D 98 -12.58 56.54 -0.40
C HIS D 98 -11.54 55.97 -1.29
N ASN D 99 -10.99 54.75 -0.97
CA ASN D 99 -9.92 54.15 -1.69
C ASN D 99 -10.61 53.65 -3.08
N LEU D 100 -11.83 53.14 -2.94
CA LEU D 100 -12.76 52.74 -3.97
C LEU D 100 -13.37 53.89 -4.83
N LYS D 101 -13.30 55.12 -4.34
CA LYS D 101 -13.86 56.24 -5.03
C LYS D 101 -12.96 56.63 -6.14
N GLN D 102 -11.65 56.66 -5.89
CA GLN D 102 -10.64 57.05 -6.87
C GLN D 102 -10.40 55.99 -7.89
N ARG D 103 -10.57 54.77 -7.34
CA ARG D 103 -10.36 53.57 -8.09
C ARG D 103 -11.55 53.21 -9.01
N TYR D 104 -12.79 53.68 -8.64
CA TYR D 104 -13.98 53.54 -9.53
C TYR D 104 -13.80 54.32 -10.82
N TYR D 105 -13.11 55.45 -10.72
CA TYR D 105 -12.93 56.23 -11.93
C TYR D 105 -11.91 55.56 -12.80
N ALA D 106 -11.02 54.77 -12.19
CA ALA D 106 -10.00 54.02 -12.86
C ALA D 106 -10.36 52.62 -13.10
N ASN D 107 -11.66 52.29 -13.06
CA ASN D 107 -12.20 50.99 -13.37
C ASN D 107 -11.50 49.88 -12.55
N LEU D 108 -11.55 50.02 -11.26
CA LEU D 108 -11.14 48.96 -10.28
C LEU D 108 -12.02 49.26 -9.14
N ILE D 109 -12.97 48.28 -8.91
CA ILE D 109 -14.13 48.43 -8.10
C ILE D 109 -14.10 47.52 -6.90
N TYR D 110 -12.94 46.80 -6.65
CA TYR D 110 -12.84 45.97 -5.44
C TYR D 110 -11.73 46.56 -4.56
N THR D 111 -12.02 46.70 -3.22
CA THR D 111 -11.07 47.14 -2.24
C THR D 111 -11.54 46.35 -1.04
N TYR D 112 -10.64 45.65 -0.35
CA TYR D 112 -11.01 44.81 0.75
C TYR D 112 -11.53 45.55 1.98
N SER D 113 -12.27 44.77 2.80
CA SER D 113 -13.01 45.25 3.93
C SER D 113 -12.99 44.06 4.90
N GLY D 114 -11.71 43.54 5.06
CA GLY D 114 -11.39 42.48 5.94
C GLY D 114 -11.76 41.24 5.25
N LEU D 115 -12.61 40.42 5.85
CA LEU D 115 -13.11 39.23 5.22
C LEU D 115 -13.70 39.38 3.89
N PHE D 116 -14.50 40.46 3.82
CA PHE D 116 -15.38 40.89 2.75
C PHE D 116 -14.72 42.02 1.93
N CYS D 117 -15.45 42.65 1.03
CA CYS D 117 -14.96 43.73 0.21
C CYS D 117 -16.15 44.54 -0.22
N VAL D 118 -15.97 45.86 -0.39
CA VAL D 118 -16.98 46.77 -0.84
C VAL D 118 -16.87 46.99 -2.31
N ALA D 119 -17.98 47.40 -2.97
CA ALA D 119 -18.09 47.44 -4.43
C ALA D 119 -19.01 48.59 -4.82
N ILE D 120 -18.68 49.29 -5.98
CA ILE D 120 -19.53 50.32 -6.54
C ILE D 120 -19.48 50.05 -8.01
N ASN D 121 -20.66 49.98 -8.71
CA ASN D 121 -20.64 49.52 -10.11
C ASN D 121 -21.89 50.02 -10.81
N PRO D 122 -21.98 50.21 -12.14
CA PRO D 122 -23.23 50.46 -12.76
C PRO D 122 -24.11 49.20 -13.12
N TYR D 123 -23.54 48.04 -12.81
CA TYR D 123 -24.02 46.70 -13.18
C TYR D 123 -23.64 46.38 -14.62
N LYS D 124 -22.41 46.85 -15.07
CA LYS D 124 -21.94 46.67 -16.42
C LYS D 124 -20.56 46.32 -16.49
N ARG D 125 -20.15 45.87 -17.73
CA ARG D 125 -18.86 45.37 -18.07
C ARG D 125 -17.78 46.41 -17.96
N PHE D 126 -16.52 46.06 -17.57
CA PHE D 126 -15.34 46.92 -17.58
C PHE D 126 -14.22 45.97 -18.05
N PRO D 127 -12.98 46.36 -18.48
CA PRO D 127 -11.94 45.37 -18.95
C PRO D 127 -11.30 44.58 -17.83
N ILE D 128 -11.75 44.67 -16.54
CA ILE D 128 -11.12 43.95 -15.43
C ILE D 128 -11.73 42.57 -15.29
N TYR D 129 -12.71 42.31 -16.18
CA TYR D 129 -13.53 41.11 -16.21
C TYR D 129 -13.17 39.94 -17.10
N THR D 130 -12.06 40.21 -17.86
CA THR D 130 -11.27 39.35 -18.68
C THR D 130 -10.90 38.10 -17.95
N ASN D 131 -10.68 36.93 -18.61
CA ASN D 131 -10.21 35.69 -17.96
C ASN D 131 -8.73 35.65 -17.76
N ARG D 132 -8.03 36.64 -18.42
CA ARG D 132 -6.59 36.73 -18.35
C ARG D 132 -5.98 37.11 -17.00
N THR D 133 -6.74 37.94 -16.27
CA THR D 133 -6.33 38.50 -14.99
C THR D 133 -6.72 37.53 -13.82
N VAL D 134 -7.52 36.40 -14.19
CA VAL D 134 -7.94 35.43 -13.27
C VAL D 134 -6.83 34.40 -13.08
N GLN D 135 -6.15 33.98 -14.16
CA GLN D 135 -5.01 33.07 -14.21
C GLN D 135 -3.83 33.68 -13.61
N ILE D 136 -3.66 35.01 -13.51
CA ILE D 136 -2.55 35.59 -12.87
C ILE D 136 -2.65 35.45 -11.38
N TYR D 137 -3.85 35.67 -10.88
CA TYR D 137 -4.11 35.61 -9.43
C TYR D 137 -4.42 34.19 -9.05
N LYS D 138 -4.28 33.18 -9.99
CA LYS D 138 -4.51 31.79 -9.82
C LYS D 138 -3.44 31.22 -8.89
N GLY D 139 -3.87 30.76 -7.70
CA GLY D 139 -3.07 30.18 -6.64
C GLY D 139 -2.29 31.17 -5.90
N ARG D 140 -2.74 32.45 -5.93
CA ARG D 140 -2.09 33.50 -5.17
C ARG D 140 -2.73 33.80 -3.89
N ARG D 141 -3.83 33.13 -3.63
CA ARG D 141 -4.68 33.29 -2.49
C ARG D 141 -5.17 34.72 -2.23
N ARG D 142 -5.43 35.09 -0.95
CA ARG D 142 -6.13 36.33 -0.71
C ARG D 142 -5.34 37.58 -0.93
N THR D 143 -4.09 37.56 -0.36
CA THR D 143 -3.20 38.65 -0.45
C THR D 143 -1.99 38.13 -1.06
N GLU D 144 -1.41 39.05 -1.89
CA GLU D 144 -0.28 38.93 -2.73
C GLU D 144 -0.61 39.64 -4.08
N VAL D 145 -1.90 39.60 -4.51
CA VAL D 145 -2.22 40.11 -5.79
C VAL D 145 -3.08 41.33 -5.61
N PRO D 146 -3.20 42.32 -6.41
CA PRO D 146 -4.06 43.58 -6.27
C PRO D 146 -5.55 43.23 -5.95
N PRO D 147 -6.28 43.87 -5.07
CA PRO D 147 -7.69 43.51 -4.68
C PRO D 147 -8.64 43.35 -5.83
N HIS D 148 -9.44 42.24 -5.82
CA HIS D 148 -10.34 41.82 -6.85
C HIS D 148 -11.26 40.81 -6.26
N LEU D 149 -12.48 40.60 -6.91
CA LEU D 149 -13.46 39.55 -6.57
C LEU D 149 -12.92 38.16 -6.83
N PHE D 150 -11.99 37.94 -7.85
CA PHE D 150 -11.44 36.66 -8.18
C PHE D 150 -10.54 36.20 -7.02
N ALA D 151 -9.83 37.13 -6.30
CA ALA D 151 -8.96 36.68 -5.26
C ALA D 151 -9.72 36.57 -3.96
N ILE D 152 -11.06 37.02 -3.93
CA ILE D 152 -11.86 36.73 -2.75
C ILE D 152 -12.21 35.29 -2.85
N SER D 153 -12.60 34.87 -4.13
CA SER D 153 -12.99 33.53 -4.33
C SER D 153 -11.81 32.64 -4.19
N ASP D 154 -10.58 33.15 -4.41
CA ASP D 154 -9.46 32.31 -4.14
C ASP D 154 -9.09 32.10 -2.68
N GLY D 155 -9.36 33.13 -1.91
CA GLY D 155 -9.13 33.25 -0.49
C GLY D 155 -10.04 32.41 0.27
N ALA D 156 -11.22 32.14 -0.40
CA ALA D 156 -12.30 31.33 0.06
C ALA D 156 -12.17 29.89 -0.50
N TYR D 157 -11.39 29.71 -1.59
CA TYR D 157 -11.18 28.35 -2.16
C TYR D 157 -10.24 27.65 -1.16
N SER D 158 -9.29 28.39 -0.65
CA SER D 158 -8.27 28.01 0.26
C SER D 158 -8.76 27.98 1.69
N ALA D 159 -9.68 28.94 2.06
CA ALA D 159 -10.16 28.81 3.45
C ALA D 159 -11.17 27.69 3.48
N MET D 160 -11.69 27.31 2.29
CA MET D 160 -12.55 26.11 2.32
C MET D 160 -11.76 24.89 2.42
N LEU D 161 -10.59 24.88 1.76
CA LEU D 161 -9.74 23.81 1.87
C LEU D 161 -8.77 24.00 3.09
N ALA D 162 -9.09 24.60 4.19
CA ALA D 162 -8.23 24.80 5.25
C ALA D 162 -8.96 24.87 6.55
N ASN D 163 -10.31 25.10 6.57
CA ASN D 163 -11.13 25.03 7.78
C ASN D 163 -11.74 23.63 8.15
N ARG D 164 -11.90 22.76 7.17
CA ARG D 164 -12.56 21.50 7.31
C ARG D 164 -14.04 21.69 7.55
N GLU D 165 -14.61 22.55 6.68
CA GLU D 165 -16.02 22.81 6.67
C GLU D 165 -16.23 23.05 5.21
N ASN D 166 -17.56 23.34 4.88
CA ASN D 166 -17.91 23.80 3.54
C ASN D 166 -17.92 25.34 3.67
N GLN D 167 -18.15 26.06 2.57
CA GLN D 167 -17.93 27.48 2.46
C GLN D 167 -19.15 27.93 1.75
N SER D 168 -19.51 29.16 1.86
CA SER D 168 -20.67 29.69 1.08
C SER D 168 -20.45 31.11 0.78
N MET D 169 -20.14 31.41 -0.49
CA MET D 169 -20.03 32.84 -0.90
C MET D 169 -21.46 33.41 -0.98
N LEU D 170 -21.67 34.67 -0.53
CA LEU D 170 -22.99 35.24 -0.64
C LEU D 170 -22.71 36.69 -0.91
N ILE D 171 -23.74 37.39 -1.42
CA ILE D 171 -23.61 38.76 -1.67
C ILE D 171 -24.58 39.49 -0.76
N THR D 172 -24.03 40.24 0.22
CA THR D 172 -24.73 41.12 1.11
C THR D 172 -24.60 42.49 0.49
N GLY D 173 -25.32 43.56 1.02
CA GLY D 173 -25.29 44.95 0.65
C GLY D 173 -26.57 45.45 0.28
N GLU D 174 -26.57 46.72 -0.16
CA GLU D 174 -27.70 47.47 -0.62
C GLU D 174 -27.48 47.60 -2.08
N SER D 175 -28.48 47.31 -2.89
CA SER D 175 -28.43 47.37 -4.36
C SER D 175 -28.16 48.79 -4.78
N GLY D 176 -27.45 48.90 -5.94
CA GLY D 176 -27.02 50.10 -6.49
C GLY D 176 -25.74 49.74 -7.16
N ALA D 177 -25.07 48.71 -6.69
CA ALA D 177 -23.80 48.28 -7.12
C ALA D 177 -23.97 46.89 -7.37
N GLY D 178 -23.44 46.47 -8.47
CA GLY D 178 -23.51 45.17 -9.05
C GLY D 178 -23.34 44.00 -8.10
N LYS D 179 -24.39 43.17 -8.00
CA LYS D 179 -24.50 41.95 -7.14
C LYS D 179 -24.44 40.79 -8.16
N THR D 180 -25.29 40.87 -9.26
CA THR D 180 -25.51 39.90 -10.29
C THR D 180 -24.21 39.77 -11.14
N GLU D 181 -23.54 40.93 -11.36
CA GLU D 181 -22.20 41.14 -12.01
C GLU D 181 -21.09 40.57 -11.16
N ASN D 182 -21.21 40.79 -9.85
CA ASN D 182 -20.30 40.25 -8.92
C ASN D 182 -20.47 38.75 -8.76
N THR D 183 -21.65 38.17 -9.20
CA THR D 183 -21.86 36.73 -8.97
C THR D 183 -21.05 35.97 -9.89
N LYS D 184 -20.85 36.57 -11.09
CA LYS D 184 -20.15 36.08 -12.27
C LYS D 184 -18.71 35.94 -12.03
N LYS D 185 -18.26 36.83 -11.05
CA LYS D 185 -16.90 36.76 -10.76
C LYS D 185 -16.57 35.68 -9.78
N VAL D 186 -17.61 35.06 -9.07
CA VAL D 186 -17.38 34.03 -8.13
C VAL D 186 -17.32 32.72 -8.87
N ILE D 187 -18.34 32.48 -9.75
CA ILE D 187 -18.62 31.33 -10.56
C ILE D 187 -17.45 31.17 -11.57
N ALA D 188 -16.91 32.33 -12.13
CA ALA D 188 -15.72 32.31 -13.03
C ALA D 188 -14.39 32.02 -12.43
N TYR D 189 -14.26 31.99 -11.10
CA TYR D 189 -12.97 31.67 -10.46
C TYR D 189 -12.91 30.18 -10.37
N TYR D 190 -14.09 29.58 -9.98
CA TYR D 190 -14.27 28.11 -9.86
C TYR D 190 -14.32 27.37 -11.18
N ALA D 191 -14.62 28.12 -12.29
CA ALA D 191 -14.56 27.72 -13.68
C ALA D 191 -13.10 27.53 -14.12
N ASN D 192 -12.16 28.11 -13.34
CA ASN D 192 -10.79 28.23 -13.81
C ASN D 192 -10.01 27.14 -13.15
N VAL D 193 -10.13 26.97 -11.81
CA VAL D 193 -9.49 25.95 -11.12
C VAL D 193 -10.13 24.59 -11.37
N GLY D 194 -11.47 24.61 -11.82
CA GLY D 194 -12.27 23.47 -12.04
C GLY D 194 -11.94 22.85 -13.36
N ALA D 195 -11.17 23.51 -14.20
CA ALA D 195 -10.69 22.98 -15.52
C ALA D 195 -9.16 23.06 -15.55
N ALA D 196 -8.62 23.59 -14.48
CA ALA D 196 -7.21 23.78 -14.11
C ALA D 196 -6.58 24.84 -15.00
N THR D 197 -5.29 25.31 -14.71
CA THR D 197 -4.58 26.38 -15.38
C THR D 197 -3.12 26.01 -15.35
N PRO D 198 -2.41 25.87 -16.46
CA PRO D 198 -0.94 25.69 -16.40
C PRO D 198 -0.18 27.00 -16.36
N LYS D 199 -0.88 28.15 -16.37
CA LYS D 199 -0.37 29.55 -16.25
C LYS D 199 -0.20 30.21 -17.62
N PRO D 200 -0.48 31.52 -17.91
CA PRO D 200 -0.45 32.19 -19.18
C PRO D 200 0.61 31.76 -20.25
N GLY D 201 0.09 31.34 -21.49
CA GLY D 201 0.89 30.91 -22.62
C GLY D 201 1.98 31.88 -23.05
N LYS D 202 2.86 31.56 -24.04
CA LYS D 202 3.83 32.47 -24.58
C LYS D 202 3.30 32.69 -25.98
N GLU D 203 1.90 32.50 -26.08
CA GLU D 203 1.19 32.70 -27.32
C GLU D 203 0.00 33.44 -27.01
N ALA D 204 -0.61 34.18 -27.98
CA ALA D 204 -1.88 34.79 -27.85
C ALA D 204 -2.42 34.64 -29.30
N PRO D 205 -3.73 34.73 -29.48
CA PRO D 205 -4.34 34.59 -30.87
C PRO D 205 -3.57 35.23 -32.07
N THR D 206 -3.38 34.43 -33.15
CA THR D 206 -2.87 34.77 -34.46
C THR D 206 -3.70 34.14 -35.59
N LYS D 207 -4.02 32.78 -35.69
CA LYS D 207 -3.93 31.72 -34.72
C LYS D 207 -4.95 31.75 -33.57
N GLU D 208 -6.22 31.95 -33.85
CA GLU D 208 -7.34 32.11 -32.96
C GLU D 208 -7.63 30.90 -32.10
N LYS D 209 -7.56 31.05 -30.70
CA LYS D 209 -7.63 29.98 -29.78
C LYS D 209 -8.16 30.68 -28.51
N LYS D 210 -8.06 29.91 -27.30
CA LYS D 210 -8.49 30.23 -25.97
C LYS D 210 -9.98 29.93 -25.93
N ALA D 211 -10.30 28.68 -25.38
CA ALA D 211 -11.67 28.23 -25.24
C ALA D 211 -11.62 27.34 -23.95
N THR D 212 -12.75 27.45 -23.24
CA THR D 212 -12.99 26.61 -22.06
C THR D 212 -14.51 26.63 -22.06
N LEU D 213 -15.28 25.57 -21.55
CA LEU D 213 -16.78 25.67 -21.57
C LEU D 213 -17.31 25.74 -20.19
N GLU D 214 -16.53 26.08 -19.14
CA GLU D 214 -16.94 26.37 -17.78
C GLU D 214 -17.55 27.71 -17.67
N ASP D 215 -17.37 28.54 -18.80
CA ASP D 215 -17.82 29.96 -18.83
C ASP D 215 -19.35 29.95 -18.82
N GLN D 216 -20.06 28.89 -19.27
CA GLN D 216 -21.50 28.91 -19.47
C GLN D 216 -22.22 29.01 -18.15
N VAL D 217 -21.58 28.62 -17.00
CA VAL D 217 -22.14 28.72 -15.72
C VAL D 217 -22.18 30.13 -15.39
N VAL D 218 -21.18 30.91 -15.77
CA VAL D 218 -20.95 32.27 -15.46
C VAL D 218 -22.03 33.11 -16.16
N GLN D 219 -22.40 32.73 -17.40
CA GLN D 219 -23.37 33.42 -18.18
C GLN D 219 -24.78 33.20 -17.74
N THR D 220 -25.00 32.39 -16.63
CA THR D 220 -26.30 32.15 -16.04
C THR D 220 -26.80 33.40 -15.43
N ASN D 221 -25.86 34.18 -14.89
CA ASN D 221 -26.14 35.40 -14.19
C ASN D 221 -26.69 36.58 -15.00
N PRO D 222 -26.20 36.97 -16.19
CA PRO D 222 -26.78 38.04 -17.00
C PRO D 222 -28.11 37.73 -17.58
N VAL D 223 -28.52 36.43 -17.73
CA VAL D 223 -29.85 36.09 -18.19
C VAL D 223 -30.84 36.50 -17.09
N LEU D 224 -30.47 36.20 -15.78
CA LEU D 224 -31.34 36.47 -14.65
C LEU D 224 -31.33 37.92 -14.22
N GLU D 225 -30.26 38.66 -14.68
CA GLU D 225 -30.15 40.10 -14.46
C GLU D 225 -31.14 40.95 -15.27
N ALA D 226 -31.57 40.31 -16.41
CA ALA D 226 -32.56 40.95 -17.23
C ALA D 226 -33.97 40.90 -16.67
N PHE D 227 -34.25 39.82 -15.97
CA PHE D 227 -35.51 39.55 -15.27
C PHE D 227 -35.21 39.71 -13.82
N GLY D 228 -34.69 40.93 -13.47
CA GLY D 228 -34.36 41.26 -12.13
C GLY D 228 -33.79 42.63 -11.91
N ASN D 229 -33.10 43.28 -12.91
CA ASN D 229 -32.53 44.57 -12.63
C ASN D 229 -32.99 45.56 -13.66
N ALA D 230 -33.28 46.76 -13.23
CA ALA D 230 -33.70 47.83 -14.12
C ALA D 230 -33.42 49.09 -13.34
N LYS D 231 -33.75 50.28 -13.94
CA LYS D 231 -33.53 51.58 -13.26
C LYS D 231 -34.38 51.69 -11.94
N THR D 232 -33.74 52.27 -10.89
CA THR D 232 -34.50 52.38 -9.71
C THR D 232 -33.89 53.60 -9.25
N VAL D 233 -34.02 53.98 -7.87
CA VAL D 233 -33.58 55.25 -7.29
C VAL D 233 -32.11 55.17 -6.87
N ARG D 234 -31.41 54.05 -7.05
CA ARG D 234 -30.01 53.95 -6.79
C ARG D 234 -29.20 53.53 -7.99
N ASN D 235 -28.32 54.48 -8.47
CA ASN D 235 -27.53 54.37 -9.74
C ASN D 235 -28.36 53.84 -10.98
N ASP D 236 -27.64 53.23 -11.95
CA ASP D 236 -28.20 52.83 -13.25
C ASP D 236 -29.17 51.63 -13.15
N ASN D 237 -28.87 50.63 -12.34
CA ASN D 237 -29.71 49.51 -12.02
C ASN D 237 -29.55 49.31 -10.52
N SER D 238 -30.44 48.41 -10.00
CA SER D 238 -30.47 47.91 -8.68
C SER D 238 -31.09 46.63 -8.79
N SER D 239 -30.72 45.72 -7.95
CA SER D 239 -31.40 44.47 -7.76
C SER D 239 -32.65 44.59 -7.01
N ARG D 240 -33.73 44.00 -7.54
CA ARG D 240 -34.99 43.97 -6.93
C ARG D 240 -35.65 42.65 -7.11
N PHE D 241 -34.83 41.57 -7.20
CA PHE D 241 -35.32 40.23 -7.30
C PHE D 241 -34.38 39.50 -6.42
N GLY D 242 -34.75 38.27 -5.93
CA GLY D 242 -33.92 37.41 -5.25
C GLY D 242 -33.47 36.32 -6.20
N LYS D 243 -32.18 36.15 -6.39
CA LYS D 243 -31.45 35.09 -7.03
C LYS D 243 -30.79 34.24 -5.97
N PHE D 244 -30.90 32.89 -5.95
CA PHE D 244 -30.19 32.09 -5.01
C PHE D 244 -29.65 30.96 -5.79
N ILE D 245 -28.47 31.12 -6.47
CA ILE D 245 -27.88 29.97 -7.19
C ILE D 245 -26.93 29.20 -6.23
N ARG D 246 -27.22 27.83 -6.09
CA ARG D 246 -26.41 26.96 -5.35
C ARG D 246 -25.61 26.28 -6.39
N ILE D 247 -24.38 26.84 -6.64
CA ILE D 247 -23.47 26.30 -7.63
C ILE D 247 -22.77 25.15 -7.02
N HIS D 248 -22.84 23.82 -7.61
CA HIS D 248 -22.18 22.67 -6.99
C HIS D 248 -20.86 22.57 -7.61
N PHE D 249 -19.85 22.45 -6.78
CA PHE D 249 -18.51 22.02 -7.00
C PHE D 249 -18.41 20.52 -6.59
N GLY D 250 -17.44 19.74 -7.04
CA GLY D 250 -17.37 18.32 -6.79
C GLY D 250 -16.51 18.11 -5.54
N PRO D 251 -16.17 16.86 -5.22
CA PRO D 251 -15.33 16.48 -4.16
C PRO D 251 -13.83 16.71 -4.40
N MET D 252 -13.50 17.60 -5.43
CA MET D 252 -12.20 18.05 -5.75
C MET D 252 -12.37 19.53 -5.65
N GLY D 253 -13.44 20.03 -6.28
CA GLY D 253 -13.68 21.46 -6.30
C GLY D 253 -13.89 21.92 -7.69
N LYS D 254 -14.13 20.87 -8.62
CA LYS D 254 -14.20 21.09 -10.04
C LYS D 254 -15.56 21.47 -10.33
N LEU D 255 -15.81 22.48 -11.20
CA LEU D 255 -17.09 22.95 -11.47
C LEU D 255 -17.85 22.07 -12.49
N ALA D 256 -19.14 21.62 -12.16
CA ALA D 256 -19.84 20.79 -13.09
C ALA D 256 -21.30 21.29 -13.22
N GLY D 257 -21.92 21.81 -12.08
CA GLY D 257 -23.33 22.09 -12.09
C GLY D 257 -23.69 23.27 -11.28
N ALA D 258 -24.99 23.66 -11.44
CA ALA D 258 -25.60 24.78 -10.71
C ALA D 258 -27.12 24.67 -10.67
N ASP D 259 -27.72 24.89 -9.43
CA ASP D 259 -29.16 24.75 -9.09
C ASP D 259 -29.64 26.16 -8.76
N ILE D 260 -30.54 26.71 -9.60
CA ILE D 260 -31.11 28.04 -9.57
C ILE D 260 -32.39 27.76 -8.80
N GLU D 261 -32.51 28.37 -7.56
CA GLU D 261 -33.72 28.46 -6.73
C GLU D 261 -34.09 29.93 -6.82
N THR D 262 -35.23 30.14 -7.59
CA THR D 262 -35.84 31.53 -7.77
C THR D 262 -36.72 31.87 -6.56
N TYR D 263 -36.51 33.08 -5.92
CA TYR D 263 -37.17 33.59 -4.72
C TYR D 263 -38.45 34.24 -5.12
N LEU D 264 -38.40 35.48 -5.53
CA LEU D 264 -39.49 36.33 -5.86
C LEU D 264 -38.87 37.44 -6.73
N LEU D 265 -39.57 37.74 -7.85
CA LEU D 265 -39.25 38.79 -8.74
C LEU D 265 -40.47 39.65 -8.48
N GLU D 266 -40.30 40.98 -8.27
CA GLU D 266 -41.36 41.98 -7.95
C GLU D 266 -42.75 41.76 -8.47
N LYS D 267 -43.77 41.89 -7.60
CA LYS D 267 -45.18 41.60 -7.84
C LYS D 267 -45.84 42.92 -7.91
N ALA D 268 -45.55 43.61 -9.03
CA ALA D 268 -46.29 44.81 -9.29
C ALA D 268 -46.34 44.94 -10.80
N ARG D 269 -45.54 45.81 -11.51
CA ARG D 269 -44.49 46.74 -11.22
C ARG D 269 -44.34 47.38 -12.58
N VAL D 270 -45.44 47.46 -13.37
CA VAL D 270 -45.64 47.93 -14.68
C VAL D 270 -46.92 48.78 -14.56
N ILE D 271 -47.77 48.35 -13.63
CA ILE D 271 -48.98 48.92 -13.26
C ILE D 271 -48.75 50.18 -12.54
N SER D 272 -47.60 50.41 -11.97
CA SER D 272 -47.27 51.60 -11.26
C SER D 272 -45.81 51.83 -11.58
N GLN D 273 -45.39 53.09 -11.49
CA GLN D 273 -44.03 53.50 -11.84
C GLN D 273 -43.63 54.52 -10.77
N GLN D 274 -42.29 54.54 -10.56
CA GLN D 274 -41.71 55.40 -9.53
C GLN D 274 -41.67 56.85 -10.15
N THR D 275 -41.33 57.88 -9.33
CA THR D 275 -41.50 59.33 -9.67
C THR D 275 -40.23 59.88 -9.97
N LEU D 276 -40.06 60.18 -11.29
CA LEU D 276 -38.89 60.76 -11.95
C LEU D 276 -37.94 59.71 -12.44
N GLU D 277 -38.20 58.40 -12.10
CA GLU D 277 -37.41 57.25 -12.39
C GLU D 277 -38.43 56.35 -12.93
N ARG D 278 -37.92 55.12 -13.16
CA ARG D 278 -38.66 53.97 -13.60
C ARG D 278 -38.52 52.97 -12.50
N SER D 279 -39.37 51.91 -12.49
CA SER D 279 -39.41 50.95 -11.44
C SER D 279 -38.88 49.59 -11.89
N TYR D 280 -39.07 49.42 -13.20
CA TYR D 280 -38.63 48.20 -13.76
C TYR D 280 -38.92 48.50 -15.24
N HIS D 281 -37.90 48.49 -16.00
CA HIS D 281 -37.79 48.80 -17.47
C HIS D 281 -37.60 47.50 -18.23
N ILE D 282 -37.86 46.31 -17.62
CA ILE D 282 -37.64 44.98 -18.12
C ILE D 282 -38.86 44.39 -18.76
N PHE D 283 -39.96 45.17 -18.72
CA PHE D 283 -41.09 44.74 -19.49
C PHE D 283 -41.01 45.56 -20.78
N TYR D 284 -40.07 46.53 -20.80
CA TYR D 284 -39.94 47.51 -21.87
C TYR D 284 -38.77 47.11 -22.75
N GLN D 285 -38.26 45.87 -22.68
CA GLN D 285 -37.24 45.32 -23.52
C GLN D 285 -37.77 44.81 -24.82
N LEU D 286 -39.09 44.89 -25.07
CA LEU D 286 -39.66 44.60 -26.33
C LEU D 286 -40.45 45.86 -26.76
N MET D 287 -40.28 46.96 -26.01
CA MET D 287 -40.86 48.25 -26.31
C MET D 287 -39.75 49.16 -26.91
N SER D 288 -38.48 48.73 -26.99
CA SER D 288 -37.38 49.55 -27.48
C SER D 288 -36.28 48.54 -28.00
N GLY D 289 -36.39 47.22 -27.78
CA GLY D 289 -35.54 46.15 -28.28
C GLY D 289 -36.50 45.07 -28.58
N GLY D 290 -36.10 43.78 -28.50
CA GLY D 290 -36.76 42.52 -28.87
C GLY D 290 -37.36 42.53 -30.19
N ILE D 291 -38.54 41.87 -30.24
CA ILE D 291 -39.21 41.68 -31.55
C ILE D 291 -40.38 42.66 -31.46
N GLU D 292 -40.18 43.82 -32.12
CA GLU D 292 -41.12 44.92 -32.18
C GLU D 292 -42.46 44.67 -32.86
N ASN D 293 -42.40 43.63 -33.73
CA ASN D 293 -43.56 43.21 -34.50
C ASN D 293 -44.61 42.46 -33.71
N LEU D 294 -44.16 41.74 -32.62
CA LEU D 294 -44.95 40.84 -31.67
C LEU D 294 -45.26 41.74 -30.53
N LYS D 295 -44.89 43.08 -30.63
CA LYS D 295 -45.47 44.02 -29.71
C LYS D 295 -46.86 44.48 -30.18
N ALA D 296 -47.03 44.68 -31.55
CA ALA D 296 -48.25 45.19 -32.10
C ALA D 296 -49.22 44.05 -32.35
N ASP D 297 -48.72 42.76 -32.35
CA ASP D 297 -49.55 41.62 -32.71
C ASP D 297 -50.46 41.13 -31.55
N LEU D 298 -49.97 41.49 -30.33
CA LEU D 298 -50.56 41.14 -29.07
C LEU D 298 -51.53 42.19 -28.66
N LEU D 299 -51.63 43.38 -29.34
CA LEU D 299 -52.55 44.48 -29.24
C LEU D 299 -52.19 45.44 -28.13
N LEU D 300 -50.97 45.98 -28.24
CA LEU D 300 -50.43 46.95 -27.37
C LEU D 300 -49.84 48.01 -28.24
N SER D 301 -50.31 49.26 -28.01
CA SER D 301 -49.85 50.46 -28.74
C SER D 301 -49.78 51.54 -27.69
N ASP D 302 -48.63 52.18 -27.52
CA ASP D 302 -48.54 53.31 -26.62
C ASP D 302 -48.20 54.49 -27.44
N ASP D 303 -48.77 55.67 -27.20
CA ASP D 303 -48.64 56.91 -27.95
C ASP D 303 -47.51 57.61 -27.33
N ILE D 304 -46.44 57.89 -28.09
CA ILE D 304 -45.33 58.44 -27.44
C ILE D 304 -45.63 59.87 -26.91
N TYR D 305 -45.10 60.19 -25.68
CA TYR D 305 -45.30 61.51 -25.11
C TYR D 305 -44.81 62.65 -25.96
N ASP D 306 -43.73 62.32 -26.71
CA ASP D 306 -43.02 63.20 -27.62
C ASP D 306 -42.18 64.22 -26.93
N TYR D 307 -41.61 63.84 -25.76
CA TYR D 307 -40.68 64.56 -24.89
C TYR D 307 -41.50 65.10 -23.75
N HIS D 308 -40.87 65.32 -22.59
CA HIS D 308 -41.59 65.86 -21.44
C HIS D 308 -42.27 67.20 -21.72
N PHE D 309 -43.35 67.44 -21.00
CA PHE D 309 -44.17 68.63 -21.11
C PHE D 309 -45.05 68.73 -19.84
N VAL D 310 -45.00 67.62 -19.04
CA VAL D 310 -45.57 67.36 -17.71
C VAL D 310 -46.98 66.77 -17.91
N SER D 311 -47.11 65.51 -17.60
CA SER D 311 -48.29 64.72 -17.59
C SER D 311 -47.85 63.39 -17.11
N GLN D 312 -46.54 63.29 -16.73
CA GLN D 312 -45.88 62.06 -16.45
C GLN D 312 -44.85 62.40 -15.36
N GLY D 313 -43.77 61.58 -15.27
CA GLY D 313 -42.80 61.69 -14.30
C GLY D 313 -43.12 61.29 -12.86
N LYS D 314 -43.74 60.09 -12.56
CA LYS D 314 -44.04 58.97 -13.37
C LYS D 314 -43.02 58.51 -14.37
N ILE D 315 -43.41 58.43 -15.66
CA ILE D 315 -42.51 58.06 -16.77
C ILE D 315 -41.37 59.09 -16.87
N GLU D 316 -40.10 58.71 -16.77
CA GLU D 316 -38.93 59.54 -16.88
C GLU D 316 -37.79 58.61 -16.50
N ILE D 317 -36.97 58.32 -17.53
CA ILE D 317 -35.73 57.55 -17.45
C ILE D 317 -34.63 58.57 -17.34
N PRO D 318 -33.71 58.59 -16.31
CA PRO D 318 -32.68 59.56 -16.26
C PRO D 318 -31.47 58.89 -16.71
N GLY D 319 -31.39 57.51 -16.77
CA GLY D 319 -30.24 56.85 -17.21
C GLY D 319 -30.29 56.49 -18.65
N VAL D 320 -29.35 55.62 -19.07
CA VAL D 320 -29.22 55.21 -20.51
C VAL D 320 -30.52 54.40 -20.72
N ASP D 321 -31.19 54.56 -21.94
CA ASP D 321 -32.53 54.23 -22.37
C ASP D 321 -32.79 52.76 -22.16
N ASP D 322 -34.15 52.44 -22.00
CA ASP D 322 -34.75 51.12 -21.76
C ASP D 322 -34.36 50.29 -22.89
N ALA D 323 -34.16 49.01 -22.52
CA ALA D 323 -33.71 47.95 -23.37
C ALA D 323 -32.23 47.74 -23.35
N GLU D 324 -31.72 48.19 -22.21
CA GLU D 324 -30.28 48.14 -21.86
C GLU D 324 -29.86 46.75 -21.33
N GLU D 325 -30.93 45.98 -20.88
CA GLU D 325 -30.93 44.63 -20.34
C GLU D 325 -31.07 43.67 -21.53
N LEU D 326 -31.46 44.14 -22.72
CA LEU D 326 -31.85 43.35 -23.87
C LEU D 326 -30.59 42.89 -24.59
N ARG D 327 -29.58 43.77 -24.64
CA ARG D 327 -28.29 43.38 -25.10
C ARG D 327 -27.53 42.40 -24.18
N LEU D 328 -27.73 42.54 -22.87
CA LEU D 328 -26.97 41.69 -21.97
C LEU D 328 -27.47 40.30 -22.12
N THR D 329 -28.81 40.09 -22.12
CA THR D 329 -29.46 38.82 -22.10
C THR D 329 -29.42 38.02 -23.44
N ASP D 330 -29.38 38.73 -24.58
CA ASP D 330 -29.40 37.93 -25.79
C ASP D 330 -28.12 37.16 -26.15
N THR D 331 -26.99 37.80 -25.82
CA THR D 331 -25.66 37.19 -25.99
C THR D 331 -25.50 36.12 -25.02
N ALA D 332 -25.98 36.28 -23.72
CA ALA D 332 -25.85 35.23 -22.74
C ALA D 332 -26.65 34.01 -22.89
N PHE D 333 -27.74 33.99 -23.66
CA PHE D 333 -28.57 32.82 -23.88
C PHE D 333 -27.90 31.80 -24.77
N ASP D 334 -27.16 32.23 -25.84
CA ASP D 334 -26.47 31.36 -26.79
C ASP D 334 -25.30 30.64 -26.25
N ILE D 335 -24.57 31.10 -25.16
CA ILE D 335 -23.49 30.49 -24.50
C ILE D 335 -24.01 29.29 -23.71
N LEU D 336 -25.23 29.45 -23.02
CA LEU D 336 -25.90 28.48 -22.27
C LEU D 336 -26.55 27.40 -23.08
N GLY D 337 -26.94 27.74 -24.28
CA GLY D 337 -27.63 26.80 -25.17
C GLY D 337 -29.05 26.85 -24.97
N PHE D 338 -29.48 28.11 -24.55
CA PHE D 338 -30.85 28.54 -24.28
C PHE D 338 -31.43 28.98 -25.65
N SER D 339 -32.31 28.10 -26.24
CA SER D 339 -33.00 28.22 -27.54
C SER D 339 -33.55 29.57 -27.89
N HIS D 340 -33.46 29.88 -29.21
CA HIS D 340 -34.09 31.11 -29.67
C HIS D 340 -35.56 31.14 -29.61
N GLU D 341 -36.21 29.94 -29.68
CA GLU D 341 -37.60 29.77 -29.60
C GLU D 341 -38.09 29.92 -28.17
N TYR D 342 -37.19 29.62 -27.17
CA TYR D 342 -37.54 29.74 -25.80
C TYR D 342 -37.54 31.16 -25.36
N LYS D 343 -36.66 32.11 -25.88
CA LYS D 343 -36.74 33.51 -25.46
C LYS D 343 -37.93 34.22 -25.96
N THR D 344 -38.56 33.79 -27.06
CA THR D 344 -39.63 34.47 -27.65
C THR D 344 -40.86 34.43 -26.78
N ASP D 345 -41.06 33.20 -26.20
CA ASP D 345 -42.13 32.88 -25.30
C ASP D 345 -42.04 33.55 -23.96
N VAL D 346 -40.89 33.99 -23.53
CA VAL D 346 -40.74 34.77 -22.28
C VAL D 346 -41.46 36.15 -22.43
N TYR D 347 -41.07 36.75 -23.59
CA TYR D 347 -41.38 38.11 -23.92
C TYR D 347 -42.83 38.27 -24.24
N LYS D 348 -43.51 37.18 -24.53
CA LYS D 348 -44.94 37.20 -24.71
C LYS D 348 -45.66 37.37 -23.48
N ILE D 349 -45.22 36.62 -22.43
CA ILE D 349 -45.90 36.60 -21.18
C ILE D 349 -45.58 37.89 -20.44
N THR D 350 -44.45 38.52 -20.88
CA THR D 350 -44.07 39.81 -20.35
C THR D 350 -44.96 40.85 -20.98
N ALA D 351 -45.30 40.85 -22.24
CA ALA D 351 -46.33 41.79 -22.77
C ALA D 351 -47.68 41.35 -22.32
N SER D 352 -47.86 40.12 -21.72
CA SER D 352 -49.17 39.81 -21.16
C SER D 352 -49.31 40.60 -19.88
N CYS D 353 -48.23 40.80 -19.16
CA CYS D 353 -48.18 41.47 -17.89
C CYS D 353 -48.43 42.96 -18.09
N MET D 354 -48.07 43.41 -19.33
CA MET D 354 -48.32 44.84 -19.77
C MET D 354 -49.76 45.14 -20.13
N HIS D 355 -50.57 44.12 -20.58
CA HIS D 355 -51.87 44.48 -20.95
C HIS D 355 -52.76 44.84 -19.85
N LEU D 356 -52.63 44.31 -18.61
CA LEU D 356 -53.38 44.81 -17.51
C LEU D 356 -52.91 46.11 -17.05
N GLY D 357 -51.56 46.31 -16.97
CA GLY D 357 -50.90 47.47 -16.61
C GLY D 357 -50.73 48.54 -17.69
N GLU D 358 -49.51 49.16 -17.56
CA GLU D 358 -48.98 50.27 -18.31
C GLU D 358 -49.34 51.58 -17.61
N MET D 359 -48.55 52.66 -17.88
CA MET D 359 -48.72 54.02 -17.37
C MET D 359 -48.00 54.80 -18.49
N LYS D 360 -47.21 54.13 -19.45
CA LYS D 360 -46.44 54.74 -20.47
C LYS D 360 -47.32 55.37 -21.52
N PHE D 361 -46.95 56.54 -22.05
CA PHE D 361 -45.78 57.37 -21.70
C PHE D 361 -46.22 58.56 -20.78
N LYS D 362 -47.53 58.71 -20.47
CA LYS D 362 -48.00 59.74 -19.59
C LYS D 362 -49.35 59.24 -19.11
N GLN D 363 -49.82 59.95 -18.01
CA GLN D 363 -51.00 59.47 -17.26
C GLN D 363 -52.19 59.80 -18.08
N ARG D 364 -53.34 59.00 -17.99
CA ARG D 364 -54.54 59.29 -18.69
C ARG D 364 -55.19 60.51 -18.04
N PRO D 365 -55.87 61.37 -18.74
CA PRO D 365 -56.62 62.54 -18.21
C PRO D 365 -57.97 62.23 -17.46
N ARG D 366 -58.19 61.00 -16.95
CA ARG D 366 -59.36 60.69 -16.18
C ARG D 366 -59.17 59.27 -15.69
N GLU D 367 -57.96 58.67 -15.79
CA GLU D 367 -57.61 57.37 -15.28
C GLU D 367 -56.29 57.71 -14.67
N GLU D 368 -56.14 57.51 -13.35
CA GLU D 368 -56.93 57.03 -12.23
C GLU D 368 -57.21 55.59 -12.45
N GLN D 369 -56.18 54.84 -12.88
CA GLN D 369 -56.20 53.44 -13.20
C GLN D 369 -55.27 53.23 -14.34
N ALA D 370 -54.54 52.14 -14.30
CA ALA D 370 -53.66 51.67 -15.28
C ALA D 370 -54.23 51.48 -16.63
N GLU D 371 -53.59 52.01 -17.69
CA GLU D 371 -54.20 51.73 -19.02
C GLU D 371 -53.14 52.31 -19.89
N ALA D 372 -53.23 52.12 -21.29
CA ALA D 372 -52.22 52.51 -22.16
C ALA D 372 -52.70 53.83 -22.72
N ASP D 373 -51.76 54.57 -23.43
CA ASP D 373 -52.14 55.68 -24.25
C ASP D 373 -52.60 55.06 -25.58
N GLY D 374 -53.90 55.21 -25.93
CA GLY D 374 -54.47 54.99 -27.19
C GLY D 374 -55.82 54.48 -26.96
N THR D 375 -56.13 54.09 -25.68
CA THR D 375 -57.46 53.82 -25.15
C THR D 375 -57.90 52.44 -25.68
N GLU D 376 -57.07 51.41 -25.30
CA GLU D 376 -57.17 50.03 -25.80
C GLU D 376 -58.13 49.16 -25.04
N GLU D 377 -58.72 49.72 -23.93
CA GLU D 377 -59.65 49.02 -23.07
C GLU D 377 -59.07 47.72 -22.54
N GLY D 378 -59.87 46.82 -21.96
CA GLY D 378 -59.43 45.58 -21.41
C GLY D 378 -59.58 44.49 -22.43
N GLU D 379 -59.65 44.81 -23.72
CA GLU D 379 -59.78 43.90 -24.80
C GLU D 379 -58.50 43.18 -25.12
N ARG D 380 -57.38 43.85 -24.84
CA ARG D 380 -56.10 43.16 -24.99
C ARG D 380 -55.71 42.30 -23.88
N VAL D 381 -56.33 42.42 -22.73
CA VAL D 381 -56.21 41.55 -21.56
C VAL D 381 -56.91 40.27 -21.88
N ALA D 382 -58.09 40.42 -22.49
CA ALA D 382 -58.96 39.31 -22.89
C ALA D 382 -58.51 38.57 -24.10
N HIS D 383 -57.56 39.09 -24.94
CA HIS D 383 -57.10 38.40 -26.08
C HIS D 383 -56.29 37.22 -25.80
N LEU D 384 -55.45 37.35 -24.71
CA LEU D 384 -54.62 36.22 -24.21
C LEU D 384 -55.12 35.36 -23.07
N LEU D 385 -56.15 35.86 -22.26
CA LEU D 385 -56.69 35.08 -21.19
C LEU D 385 -58.18 34.74 -21.42
N GLY D 386 -58.91 35.60 -22.27
CA GLY D 386 -60.34 35.34 -22.57
C GLY D 386 -61.25 35.96 -21.44
N VAL D 387 -60.76 36.97 -20.72
CA VAL D 387 -61.52 37.52 -19.58
C VAL D 387 -62.72 38.33 -20.05
N ASN D 388 -63.82 38.24 -19.31
CA ASN D 388 -65.07 38.90 -19.59
C ASN D 388 -65.61 39.26 -18.31
N ALA D 389 -66.49 40.25 -18.28
CA ALA D 389 -67.00 40.79 -17.13
C ALA D 389 -67.62 42.02 -17.65
N ALA D 390 -68.61 42.58 -16.93
CA ALA D 390 -69.29 43.79 -17.24
C ALA D 390 -68.77 44.74 -16.27
N ASP D 391 -67.67 44.43 -15.61
CA ASP D 391 -66.87 45.19 -14.73
C ASP D 391 -65.53 45.29 -15.29
N LEU D 392 -65.29 44.77 -16.59
CA LEU D 392 -63.99 44.79 -17.33
C LEU D 392 -63.84 46.19 -17.90
N TYR D 393 -63.17 47.09 -17.13
CA TYR D 393 -62.93 48.50 -17.41
C TYR D 393 -64.03 49.46 -17.41
N LYS D 394 -63.68 50.72 -16.97
CA LYS D 394 -64.54 51.86 -16.95
C LYS D 394 -65.45 51.76 -15.71
N ASN D 395 -65.07 50.89 -14.74
CA ASN D 395 -65.69 50.63 -13.50
C ASN D 395 -64.56 50.22 -12.58
N LEU D 396 -63.36 49.90 -13.19
CA LEU D 396 -62.11 49.75 -12.42
C LEU D 396 -61.40 51.04 -12.14
N VAL D 397 -61.81 52.08 -12.94
CA VAL D 397 -61.35 53.46 -12.90
C VAL D 397 -61.65 53.96 -11.52
N LYS D 398 -62.81 53.65 -10.99
CA LYS D 398 -63.20 53.97 -9.59
C LYS D 398 -62.54 52.84 -8.76
N PRO D 399 -61.63 53.05 -7.81
CA PRO D 399 -61.05 52.03 -6.92
C PRO D 399 -62.17 51.21 -6.22
N LYS D 400 -62.04 49.86 -6.15
CA LYS D 400 -62.89 48.93 -5.43
C LYS D 400 -62.03 47.85 -4.88
N ILE D 401 -62.18 47.47 -3.56
CA ILE D 401 -61.28 46.48 -2.97
C ILE D 401 -62.29 45.35 -2.60
N LYS D 402 -62.25 44.08 -3.29
CA LYS D 402 -63.21 43.04 -3.16
C LYS D 402 -62.83 41.96 -2.19
N VAL D 403 -63.59 41.93 -1.10
CA VAL D 403 -63.49 41.09 0.11
C VAL D 403 -64.74 40.20 -0.11
N GLY D 404 -64.46 38.95 -0.54
CA GLY D 404 -65.54 38.07 -0.79
C GLY D 404 -66.26 38.40 -2.11
N ASN D 405 -67.58 38.67 -1.96
CA ASN D 405 -68.54 38.88 -3.02
C ASN D 405 -68.93 40.31 -2.75
N GLU D 406 -68.45 40.92 -1.60
CA GLU D 406 -68.70 42.30 -1.18
C GLU D 406 -67.68 43.28 -1.84
N MET D 407 -67.98 44.61 -1.68
CA MET D 407 -67.01 45.59 -2.16
C MET D 407 -66.81 46.54 -1.08
N VAL D 408 -65.70 46.37 -0.30
CA VAL D 408 -65.45 47.22 0.85
C VAL D 408 -64.64 48.32 0.23
N THR D 409 -65.11 49.59 0.16
CA THR D 409 -64.29 50.67 -0.50
C THR D 409 -63.70 51.47 0.67
N GLN D 410 -62.39 51.28 0.99
CA GLN D 410 -61.71 51.87 2.11
C GLN D 410 -60.30 52.44 1.61
N GLY D 411 -59.93 53.60 2.12
CA GLY D 411 -58.65 54.14 1.71
C GLY D 411 -58.59 54.46 0.18
N ARG D 412 -57.37 54.19 -0.37
CA ARG D 412 -56.95 54.31 -1.78
C ARG D 412 -56.72 55.80 -2.13
N ASN D 413 -55.37 56.09 -2.28
CA ASN D 413 -54.84 57.39 -2.65
C ASN D 413 -54.91 57.26 -4.19
N ALA D 414 -54.53 58.34 -4.94
CA ALA D 414 -54.77 58.46 -6.34
C ALA D 414 -53.73 57.87 -7.19
N THR D 415 -52.59 57.54 -6.56
CA THR D 415 -51.47 57.02 -7.23
C THR D 415 -51.48 55.52 -7.19
N GLN D 416 -52.45 54.91 -6.35
CA GLN D 416 -52.58 53.60 -5.91
C GLN D 416 -53.74 52.90 -6.60
N VAL D 417 -54.37 53.56 -7.68
CA VAL D 417 -55.43 52.96 -8.40
C VAL D 417 -54.86 52.12 -9.56
N SER D 418 -54.97 50.84 -9.36
CA SER D 418 -54.42 49.82 -10.27
C SER D 418 -54.54 48.47 -9.63
N TYR D 419 -55.17 48.34 -8.51
CA TYR D 419 -55.37 47.01 -7.86
C TYR D 419 -56.69 46.49 -8.34
N SER D 420 -57.54 47.34 -8.98
CA SER D 420 -58.90 46.96 -9.32
C SER D 420 -58.78 46.02 -10.59
N VAL D 421 -57.70 46.19 -11.47
CA VAL D 421 -57.41 45.27 -12.58
C VAL D 421 -56.61 44.12 -12.02
N GLY D 422 -55.82 44.43 -10.95
CA GLY D 422 -54.91 43.54 -10.30
C GLY D 422 -53.75 43.02 -11.17
N GLY D 423 -53.05 41.84 -10.87
CA GLY D 423 -53.39 40.84 -9.90
C GLY D 423 -52.97 39.65 -10.66
N LEU D 424 -53.48 39.36 -11.90
CA LEU D 424 -52.95 38.23 -12.72
C LEU D 424 -51.59 38.48 -13.24
N ALA D 425 -51.28 39.77 -13.63
CA ALA D 425 -49.98 40.15 -14.27
C ALA D 425 -48.82 40.08 -13.28
N LYS D 426 -49.13 40.27 -11.95
CA LYS D 426 -48.16 40.07 -10.90
C LYS D 426 -47.82 38.63 -10.72
N ALA D 427 -48.85 37.80 -10.70
CA ALA D 427 -48.79 36.39 -10.64
C ALA D 427 -48.23 35.72 -11.86
N MET D 428 -48.22 36.39 -13.02
CA MET D 428 -47.68 35.93 -14.29
C MET D 428 -46.26 36.30 -14.46
N PHE D 429 -45.78 37.52 -13.95
CA PHE D 429 -44.38 37.92 -14.09
C PHE D 429 -43.40 37.19 -13.21
N ASP D 430 -43.81 36.85 -11.93
CA ASP D 430 -42.97 36.08 -10.99
C ASP D 430 -42.89 34.66 -11.49
N ARG D 431 -44.03 34.11 -12.10
CA ARG D 431 -44.05 32.75 -12.52
C ARG D 431 -43.20 32.60 -13.74
N THR D 432 -43.06 33.63 -14.56
CA THR D 432 -42.26 33.68 -15.76
C THR D 432 -40.74 33.60 -15.31
N PHE D 433 -40.47 34.22 -14.18
CA PHE D 433 -39.17 34.21 -13.52
C PHE D 433 -38.79 32.88 -13.14
N LYS D 434 -39.72 32.06 -12.71
CA LYS D 434 -39.50 30.61 -12.42
C LYS D 434 -39.55 29.66 -13.61
N TRP D 435 -39.92 30.13 -14.76
CA TRP D 435 -39.83 29.37 -16.05
C TRP D 435 -38.45 29.16 -16.49
N LEU D 436 -37.63 30.19 -16.12
CA LEU D 436 -36.21 30.28 -16.34
C LEU D 436 -35.38 29.24 -15.61
N VAL D 437 -36.02 28.77 -14.48
CA VAL D 437 -35.35 27.71 -13.70
C VAL D 437 -35.45 26.37 -14.51
N LYS D 438 -36.57 26.08 -15.27
CA LYS D 438 -36.79 24.78 -15.89
C LYS D 438 -36.03 24.57 -17.13
N ARG D 439 -35.46 25.63 -17.72
CA ARG D 439 -34.74 25.62 -18.96
C ARG D 439 -33.28 25.77 -18.77
N LEU D 440 -32.84 26.66 -17.91
CA LEU D 440 -31.43 26.91 -17.67
C LEU D 440 -30.79 25.77 -16.91
N ASN D 441 -31.44 25.11 -15.91
CA ASN D 441 -30.87 23.93 -15.25
C ASN D 441 -30.78 22.68 -16.11
N GLU D 442 -31.48 22.64 -17.29
CA GLU D 442 -31.46 21.49 -18.25
C GLU D 442 -30.07 21.27 -18.87
N THR D 443 -29.37 22.41 -19.14
CA THR D 443 -28.11 22.41 -19.69
C THR D 443 -27.04 22.57 -18.60
N LEU D 444 -27.30 23.22 -17.44
CA LEU D 444 -26.23 23.48 -16.43
C LEU D 444 -25.82 22.25 -15.65
N ASP D 445 -26.78 21.50 -15.10
CA ASP D 445 -26.51 20.31 -14.35
C ASP D 445 -26.07 19.18 -15.25
N THR D 446 -25.10 18.32 -14.81
CA THR D 446 -24.63 17.09 -15.43
C THR D 446 -24.54 16.17 -14.25
N LYS D 447 -24.41 16.68 -13.03
CA LYS D 447 -24.74 15.97 -11.79
C LYS D 447 -25.29 17.05 -10.84
N GLN D 448 -25.91 16.62 -9.73
CA GLN D 448 -26.48 17.54 -8.80
C GLN D 448 -26.47 16.99 -7.43
N LYS D 449 -26.24 17.89 -6.45
CA LYS D 449 -26.16 17.73 -5.03
C LYS D 449 -25.02 16.88 -4.58
N ARG D 450 -24.13 17.53 -3.81
CA ARG D 450 -22.92 16.88 -3.26
C ARG D 450 -22.17 18.09 -2.78
N GLN D 451 -21.11 17.81 -1.93
CA GLN D 451 -20.23 18.85 -1.33
C GLN D 451 -19.02 18.87 -2.20
N TYR D 452 -18.42 20.06 -2.45
CA TYR D 452 -18.78 21.36 -1.88
C TYR D 452 -19.87 22.01 -2.70
N PHE D 453 -20.50 23.01 -2.05
CA PHE D 453 -21.46 23.82 -2.79
C PHE D 453 -21.62 25.03 -2.04
N ILE D 454 -21.89 26.08 -2.77
CA ILE D 454 -21.90 27.49 -2.31
C ILE D 454 -23.29 27.97 -2.52
N GLY D 455 -23.81 28.55 -1.41
CA GLY D 455 -25.13 29.22 -1.30
C GLY D 455 -24.96 30.64 -1.74
N VAL D 456 -25.33 31.10 -2.95
CA VAL D 456 -25.08 32.50 -3.31
C VAL D 456 -26.35 33.32 -3.46
N LEU D 457 -26.56 34.24 -2.52
CA LEU D 457 -27.70 35.17 -2.54
C LEU D 457 -27.34 36.48 -3.20
N ASP D 458 -28.25 37.01 -4.02
CA ASP D 458 -28.24 38.33 -4.63
C ASP D 458 -29.67 38.82 -4.59
N ILE D 459 -29.86 39.67 -3.57
CA ILE D 459 -31.13 40.14 -3.18
C ILE D 459 -31.15 41.65 -3.26
N ALA D 460 -32.24 42.26 -2.71
CA ALA D 460 -32.56 43.63 -2.86
C ALA D 460 -31.77 44.44 -1.80
N GLY D 461 -32.12 45.79 -1.77
CA GLY D 461 -31.48 46.69 -0.87
C GLY D 461 -32.44 47.68 -0.37
N PHE D 462 -31.93 48.98 -0.23
CA PHE D 462 -32.66 50.14 0.24
C PHE D 462 -33.11 50.94 -0.95
N GLU D 463 -34.48 51.22 -0.95
CA GLU D 463 -35.15 52.02 -2.03
C GLU D 463 -36.15 52.88 -1.36
N ILE D 464 -36.47 54.11 -1.86
CA ILE D 464 -37.50 54.96 -1.28
C ILE D 464 -38.41 55.25 -2.38
N PHE D 465 -39.74 55.45 -2.03
CA PHE D 465 -40.84 55.77 -2.89
C PHE D 465 -42.09 55.26 -2.25
N ASP D 466 -43.13 56.12 -2.35
CA ASP D 466 -44.40 55.89 -1.79
C ASP D 466 -44.93 54.57 -2.04
N TYR D 467 -44.87 54.10 -3.29
CA TYR D 467 -45.45 52.88 -3.78
C TYR D 467 -44.43 51.78 -3.63
N ASN D 468 -44.93 50.91 -2.68
CA ASN D 468 -44.24 49.69 -2.32
C ASN D 468 -45.35 48.99 -1.67
N GLY D 469 -45.56 47.68 -1.67
CA GLY D 469 -46.67 46.95 -1.08
C GLY D 469 -46.06 45.61 -1.05
N PHE D 470 -46.84 44.60 -1.52
CA PHE D 470 -46.30 43.24 -1.54
C PHE D 470 -45.70 43.21 -2.84
N GLU D 471 -44.42 43.01 -2.83
CA GLU D 471 -43.56 43.10 -3.97
C GLU D 471 -42.08 42.82 -3.48
N GLN D 472 -41.47 43.64 -2.62
CA GLN D 472 -40.10 43.72 -2.09
C GLN D 472 -40.07 42.96 -0.76
N LEU D 473 -41.18 42.21 -0.41
CA LEU D 473 -41.22 41.65 0.93
C LEU D 473 -40.31 40.53 1.16
N CYS D 474 -40.32 39.57 0.17
CA CYS D 474 -39.58 38.31 0.30
C CYS D 474 -38.26 38.32 -0.41
N ILE D 475 -37.80 39.63 -0.79
CA ILE D 475 -36.67 40.04 -1.49
C ILE D 475 -35.78 40.64 -0.43
N ASN D 476 -36.38 41.66 0.25
CA ASN D 476 -35.83 42.47 1.39
C ASN D 476 -35.71 41.69 2.64
N PHE D 477 -36.63 40.70 2.84
CA PHE D 477 -36.50 39.96 4.07
C PHE D 477 -35.37 39.01 3.99
N THR D 478 -34.94 38.59 2.71
CA THR D 478 -33.78 37.78 2.49
C THR D 478 -32.49 38.47 2.81
N ASN D 479 -32.40 39.81 2.36
CA ASN D 479 -31.29 40.62 2.78
C ASN D 479 -31.27 40.88 4.29
N GLU D 480 -32.46 40.88 4.85
CA GLU D 480 -32.59 41.12 6.30
C GLU D 480 -32.14 39.92 7.09
N LYS D 481 -32.38 38.75 6.60
CA LYS D 481 -31.89 37.52 7.22
C LYS D 481 -30.37 37.34 7.07
N LEU D 482 -29.84 37.76 5.84
CA LEU D 482 -28.40 37.78 5.62
C LEU D 482 -27.64 38.86 6.42
N GLN D 483 -28.34 40.06 6.59
CA GLN D 483 -27.82 41.21 7.36
C GLN D 483 -27.64 40.77 8.76
N GLN D 484 -28.64 39.94 9.18
CA GLN D 484 -28.70 39.37 10.52
C GLN D 484 -27.62 38.28 10.61
N PHE D 485 -27.27 37.49 9.57
CA PHE D 485 -26.15 36.53 9.69
C PHE D 485 -24.79 37.24 9.84
N PHE D 486 -24.64 38.41 9.19
CA PHE D 486 -23.44 39.26 9.19
C PHE D 486 -23.32 39.86 10.54
N ASN D 487 -24.48 40.14 11.15
CA ASN D 487 -24.40 40.63 12.51
C ASN D 487 -24.48 39.58 13.60
N HIS D 488 -24.42 38.26 13.33
CA HIS D 488 -24.74 37.13 14.23
C HIS D 488 -23.39 36.47 14.36
N HIS D 489 -22.81 36.13 13.17
CA HIS D 489 -21.60 35.39 12.99
C HIS D 489 -20.33 36.13 13.41
N MET D 490 -20.44 37.46 13.39
CA MET D 490 -19.46 38.43 13.72
C MET D 490 -19.55 38.90 15.14
N PHE D 491 -20.80 38.87 15.73
CA PHE D 491 -21.01 39.49 17.08
C PHE D 491 -21.56 38.55 18.06
N VAL D 492 -22.65 37.76 17.76
CA VAL D 492 -23.28 37.03 18.84
C VAL D 492 -22.76 35.64 18.98
N LEU D 493 -22.80 34.76 17.82
CA LEU D 493 -22.26 33.44 17.81
C LEU D 493 -20.79 33.49 17.96
N GLU D 494 -20.18 34.57 17.43
CA GLU D 494 -18.76 34.71 17.51
C GLU D 494 -18.22 34.90 18.91
N GLN D 495 -18.94 35.58 19.83
CA GLN D 495 -18.46 35.84 21.14
C GLN D 495 -18.98 34.72 22.03
N GLU D 496 -19.93 33.81 21.60
CA GLU D 496 -20.51 32.75 22.39
C GLU D 496 -19.50 31.70 22.44
N GLU D 497 -18.72 31.46 21.33
CA GLU D 497 -17.65 30.52 21.27
C GLU D 497 -16.44 31.01 21.94
N TYR D 498 -16.37 32.29 22.40
CA TYR D 498 -15.28 32.83 23.09
C TYR D 498 -15.80 32.96 24.52
N LYS D 499 -16.34 31.84 25.08
CA LYS D 499 -16.87 31.83 26.43
C LYS D 499 -17.12 30.31 26.53
N ARG D 500 -17.03 29.52 25.35
CA ARG D 500 -17.21 28.13 25.42
C ARG D 500 -15.91 27.49 25.14
N GLU D 501 -14.86 28.31 25.10
CA GLU D 501 -13.51 27.86 24.77
C GLU D 501 -12.58 28.37 25.82
N GLY D 502 -13.17 28.92 26.93
CA GLY D 502 -12.42 29.47 28.07
C GLY D 502 -11.64 30.65 27.68
N ILE D 503 -12.11 31.37 26.68
CA ILE D 503 -11.47 32.58 26.18
C ILE D 503 -11.86 33.85 26.87
N ASP D 504 -10.80 34.61 27.34
CA ASP D 504 -10.99 35.80 28.14
C ASP D 504 -10.96 36.98 27.23
N TRP D 505 -11.90 37.00 26.29
CA TRP D 505 -12.10 38.00 25.27
C TRP D 505 -13.62 38.07 25.11
N VAL D 506 -14.32 37.75 26.21
CA VAL D 506 -15.77 37.65 26.19
C VAL D 506 -16.37 38.99 25.78
N PHE D 507 -17.58 38.84 25.22
CA PHE D 507 -18.53 39.88 24.82
C PHE D 507 -17.95 41.21 24.50
N ILE D 508 -17.68 41.42 23.16
CA ILE D 508 -17.23 42.61 22.55
C ILE D 508 -18.29 42.85 21.46
N ASP D 509 -19.37 43.44 21.89
CA ASP D 509 -20.43 43.74 20.94
C ASP D 509 -20.68 45.15 20.80
N PHE D 510 -20.85 45.66 19.57
CA PHE D 510 -21.12 47.02 19.28
C PHE D 510 -22.35 46.98 18.50
N GLY D 511 -23.34 47.67 19.13
CA GLY D 511 -24.79 47.76 18.83
C GLY D 511 -25.22 47.62 17.42
N LEU D 512 -26.56 47.50 17.32
CA LEU D 512 -27.37 47.29 16.15
C LEU D 512 -27.27 45.99 15.55
N ASP D 513 -27.26 44.98 16.43
CA ASP D 513 -27.17 43.59 15.91
C ASP D 513 -28.44 42.84 16.06
N LEU D 514 -28.60 41.94 15.07
CA LEU D 514 -29.71 41.08 15.05
C LEU D 514 -29.09 39.66 14.98
N ALA D 515 -29.64 38.71 15.76
CA ALA D 515 -29.08 37.42 15.92
C ALA D 515 -30.29 36.40 16.04
N ALA D 516 -31.02 36.38 14.92
CA ALA D 516 -32.21 35.51 14.75
C ALA D 516 -33.32 36.07 15.53
N CYS D 517 -33.42 37.42 15.42
CA CYS D 517 -34.41 38.07 16.18
C CYS D 517 -35.52 38.45 15.23
N ILE D 518 -35.35 38.05 13.98
CA ILE D 518 -36.32 38.32 13.01
C ILE D 518 -36.54 37.03 12.29
N GLU D 519 -36.03 35.92 12.88
CA GLU D 519 -36.26 34.60 12.30
C GLU D 519 -37.51 33.97 12.83
N LEU D 520 -38.16 34.67 13.75
CA LEU D 520 -39.44 34.33 14.28
C LEU D 520 -40.42 34.59 13.10
N ILE D 521 -41.56 33.73 13.05
CA ILE D 521 -42.49 33.76 12.01
C ILE D 521 -43.48 34.87 12.25
N GLU D 522 -43.53 35.32 13.50
CA GLU D 522 -44.52 36.20 13.98
C GLU D 522 -43.94 37.53 14.40
N LYS D 523 -42.63 37.82 14.08
CA LYS D 523 -41.91 39.05 14.31
C LYS D 523 -40.84 39.27 13.23
N PRO D 524 -41.06 39.15 11.96
CA PRO D 524 -40.01 39.17 10.96
C PRO D 524 -39.62 40.65 10.74
N MET D 525 -40.66 41.46 10.56
CA MET D 525 -40.66 42.88 10.39
C MET D 525 -42.12 43.31 10.56
N GLY D 526 -43.07 42.38 10.85
CA GLY D 526 -44.44 42.71 11.12
C GLY D 526 -45.37 42.54 9.89
N ILE D 527 -45.04 43.10 8.69
CA ILE D 527 -46.03 43.03 7.58
C ILE D 527 -46.16 41.67 7.06
N LEU D 528 -45.04 40.85 6.85
CA LEU D 528 -44.96 39.52 6.25
C LEU D 528 -45.63 38.42 7.01
N SER D 529 -45.92 38.59 8.38
CA SER D 529 -46.61 37.59 9.10
C SER D 529 -48.10 37.70 8.74
N ILE D 530 -48.51 38.97 8.53
CA ILE D 530 -49.86 39.30 8.30
C ILE D 530 -50.41 38.97 6.86
N LEU D 531 -49.44 39.08 5.84
CA LEU D 531 -49.69 38.70 4.46
C LEU D 531 -49.95 37.22 4.33
N GLU D 532 -49.13 36.50 5.12
CA GLU D 532 -49.16 35.03 5.04
C GLU D 532 -50.42 34.40 5.73
N GLU D 533 -51.01 35.04 6.79
CA GLU D 533 -52.08 34.53 7.47
C GLU D 533 -53.41 34.85 6.75
N GLU D 534 -53.46 36.02 6.04
CA GLU D 534 -54.68 36.44 5.37
C GLU D 534 -54.73 36.16 3.83
N SER D 535 -53.79 35.38 3.32
CA SER D 535 -53.74 34.87 1.93
C SER D 535 -53.96 33.36 1.97
N MET D 536 -55.11 32.96 2.55
CA MET D 536 -55.38 31.65 2.81
C MET D 536 -56.84 31.44 2.66
N PHE D 537 -57.61 32.52 2.75
CA PHE D 537 -59.01 32.53 2.69
C PHE D 537 -59.33 33.90 2.08
N PRO D 538 -60.47 34.14 1.49
CA PRO D 538 -60.94 35.38 0.91
C PRO D 538 -60.84 36.44 1.96
N LYS D 539 -59.96 37.45 1.82
CA LYS D 539 -59.75 38.52 2.74
C LYS D 539 -58.80 39.41 2.01
N ALA D 540 -59.26 40.69 1.91
CA ALA D 540 -58.51 41.66 1.18
C ALA D 540 -58.88 42.99 1.74
N THR D 541 -59.20 42.95 3.04
CA THR D 541 -59.41 44.13 3.86
C THR D 541 -58.03 44.44 4.36
N ASP D 542 -57.42 45.62 3.99
CA ASP D 542 -56.19 46.15 4.40
C ASP D 542 -56.24 46.84 5.70
N LYS D 543 -57.45 47.06 6.24
CA LYS D 543 -57.67 47.71 7.48
C LYS D 543 -57.21 46.73 8.61
N SER D 544 -57.56 45.42 8.41
CA SER D 544 -57.23 44.41 9.38
C SER D 544 -55.71 44.17 9.22
N PHE D 545 -55.15 44.40 8.01
CA PHE D 545 -53.74 44.10 7.82
C PHE D 545 -52.85 45.09 8.49
N GLN D 546 -53.37 46.33 8.63
CA GLN D 546 -52.82 47.49 9.27
C GLN D 546 -53.18 47.36 10.72
N ASP D 547 -54.28 46.74 11.10
CA ASP D 547 -54.64 46.66 12.51
C ASP D 547 -53.78 45.69 13.30
N LYS D 548 -53.43 44.53 12.73
CA LYS D 548 -52.58 43.54 13.36
C LYS D 548 -51.10 44.04 13.34
N LEU D 549 -50.68 44.87 12.36
CA LEU D 549 -49.39 45.50 12.24
C LEU D 549 -49.28 46.58 13.33
N ASN D 550 -50.47 47.22 13.78
CA ASN D 550 -50.66 48.20 14.79
C ASN D 550 -51.02 47.47 16.10
N ALA D 551 -50.50 46.23 16.31
CA ALA D 551 -50.61 45.45 17.55
C ALA D 551 -49.33 44.63 17.63
N ASN D 552 -48.31 44.93 16.75
CA ASN D 552 -47.02 44.33 16.64
C ASN D 552 -46.01 45.39 17.03
N HIS D 553 -45.19 45.15 18.08
CA HIS D 553 -44.08 45.99 18.61
C HIS D 553 -42.85 45.14 18.58
N LEU D 554 -41.92 45.41 17.61
CA LEU D 554 -40.64 44.77 17.36
C LEU D 554 -39.73 45.93 17.30
N GLY D 555 -38.47 45.74 17.68
CA GLY D 555 -37.44 46.74 17.37
C GLY D 555 -36.37 46.67 18.38
N LYS D 556 -35.14 46.91 17.84
CA LYS D 556 -33.93 47.06 18.64
C LYS D 556 -32.80 47.41 17.69
N SER D 557 -33.20 47.35 16.40
CA SER D 557 -32.42 47.61 15.27
C SER D 557 -33.49 47.98 14.25
N PRO D 558 -33.16 48.72 13.19
CA PRO D 558 -34.09 48.94 12.05
C PRO D 558 -34.72 47.59 11.64
N ASN D 559 -36.07 47.48 11.66
CA ASN D 559 -36.76 46.26 11.27
C ASN D 559 -38.26 46.47 11.56
N PHE D 560 -38.72 47.74 11.73
CA PHE D 560 -40.11 47.99 12.09
C PHE D 560 -40.16 49.44 12.53
N VAL D 561 -41.11 50.25 12.03
CA VAL D 561 -41.48 51.64 12.28
C VAL D 561 -42.99 51.56 12.37
N LYS D 562 -43.68 52.42 13.09
CA LYS D 562 -45.15 52.29 13.29
C LYS D 562 -45.96 52.54 12.03
N PRO D 563 -47.09 51.90 11.86
CA PRO D 563 -47.93 52.00 10.68
C PRO D 563 -48.84 53.18 10.75
N LYS D 564 -49.54 53.40 9.62
CA LYS D 564 -50.68 54.39 9.53
C LYS D 564 -51.87 53.76 8.84
N PRO D 565 -52.83 53.19 9.56
CA PRO D 565 -54.07 52.69 9.07
C PRO D 565 -54.86 53.49 8.08
N PRO D 566 -55.59 52.94 7.09
CA PRO D 566 -56.50 53.69 6.15
C PRO D 566 -57.62 54.47 6.85
N LYS D 567 -58.30 54.01 7.95
CA LYS D 567 -59.08 54.97 8.68
C LYS D 567 -58.72 54.74 10.13
N PRO D 568 -59.02 53.72 10.86
CA PRO D 568 -59.39 53.96 12.29
C PRO D 568 -58.10 54.00 13.06
N GLY D 569 -58.04 54.50 14.32
CA GLY D 569 -56.78 54.67 14.95
C GLY D 569 -55.97 55.87 14.30
N GLN D 570 -54.65 55.72 14.22
CA GLN D 570 -53.69 56.61 13.60
C GLN D 570 -54.16 57.07 12.24
N GLN D 571 -53.79 58.26 11.81
CA GLN D 571 -54.06 58.89 10.58
C GLN D 571 -53.69 58.18 9.36
N GLU D 572 -54.04 58.78 8.24
CA GLU D 572 -53.43 58.47 7.02
C GLU D 572 -52.22 59.24 6.81
N ALA D 573 -51.42 58.75 5.93
CA ALA D 573 -50.26 59.37 5.37
C ALA D 573 -49.35 58.18 5.21
N HIS D 574 -48.27 58.35 4.46
CA HIS D 574 -47.37 57.23 4.22
C HIS D 574 -46.50 56.99 5.39
N PHE D 575 -46.80 55.76 5.92
CA PHE D 575 -46.07 55.05 6.96
C PHE D 575 -44.94 54.34 6.31
N SER D 576 -44.08 53.76 7.14
CA SER D 576 -42.99 53.03 6.68
C SER D 576 -42.75 51.85 7.54
N ILE D 577 -41.69 51.06 7.20
CA ILE D 577 -41.23 49.91 7.86
C ILE D 577 -39.76 49.93 7.58
N ALA D 578 -38.99 49.53 8.57
CA ALA D 578 -37.53 49.49 8.40
C ALA D 578 -37.17 48.09 8.20
N HIS D 579 -35.99 47.84 7.51
CA HIS D 579 -35.57 46.50 7.20
C HIS D 579 -34.18 46.45 7.93
N TYR D 580 -33.27 47.44 7.59
CA TYR D 580 -31.85 47.45 7.95
C TYR D 580 -31.42 48.83 7.70
N ALA D 581 -32.21 49.67 7.06
CA ALA D 581 -31.75 50.92 6.60
C ALA D 581 -32.98 51.86 6.67
N GLY D 582 -32.73 53.11 7.10
CA GLY D 582 -33.61 54.26 7.22
C GLY D 582 -35.10 54.00 7.46
N THR D 583 -35.98 54.75 6.66
CA THR D 583 -37.41 54.59 6.49
C THR D 583 -37.68 54.17 5.08
N VAL D 584 -38.46 53.07 4.85
CA VAL D 584 -38.83 52.54 3.51
C VAL D 584 -40.31 52.77 3.42
N PRO D 585 -40.81 53.69 2.66
CA PRO D 585 -42.27 53.99 2.70
C PRO D 585 -43.13 52.92 2.08
N TYR D 586 -44.50 52.97 2.40
CA TYR D 586 -45.43 51.95 1.95
C TYR D 586 -46.87 52.52 1.90
N ASN D 587 -47.71 51.92 1.04
CA ASN D 587 -49.06 52.27 0.78
C ASN D 587 -49.96 51.65 1.82
N ILE D 588 -51.10 52.29 2.11
CA ILE D 588 -52.20 51.81 3.00
C ILE D 588 -53.00 50.59 2.60
N THR D 589 -53.29 50.50 1.26
CA THR D 589 -54.04 49.41 0.68
C THR D 589 -52.98 48.78 -0.19
N GLY D 590 -53.07 47.48 -0.51
CA GLY D 590 -52.22 46.82 -1.40
C GLY D 590 -51.21 46.08 -0.66
N TRP D 591 -51.61 44.83 -0.29
CA TRP D 591 -50.87 43.85 0.45
C TRP D 591 -51.60 42.61 0.03
N LEU D 592 -52.97 42.65 0.23
CA LEU D 592 -53.77 41.58 -0.14
C LEU D 592 -54.46 41.84 -1.39
N GLU D 593 -54.00 42.82 -2.15
CA GLU D 593 -54.68 43.11 -3.40
C GLU D 593 -53.67 42.80 -4.48
N LYS D 594 -52.49 42.33 -4.06
CA LYS D 594 -51.26 42.06 -4.73
C LYS D 594 -50.91 40.64 -4.47
N ASN D 595 -51.85 39.86 -3.90
CA ASN D 595 -51.62 38.47 -3.55
C ASN D 595 -52.91 37.75 -3.64
N LYS D 596 -54.03 38.45 -3.40
CA LYS D 596 -55.37 37.79 -3.68
C LYS D 596 -55.57 37.99 -5.15
N ASP D 597 -54.96 38.97 -5.69
CA ASP D 597 -54.80 39.04 -7.11
C ASP D 597 -56.01 39.29 -7.98
N PRO D 598 -56.69 40.45 -7.98
CA PRO D 598 -57.80 40.79 -8.83
C PRO D 598 -57.63 40.69 -10.31
N VAL D 599 -58.75 40.57 -11.09
CA VAL D 599 -58.74 40.23 -12.48
C VAL D 599 -59.48 41.38 -13.21
N ASN D 600 -60.58 41.81 -12.59
CA ASN D 600 -61.32 42.91 -13.02
C ASN D 600 -62.49 43.10 -12.10
N ASP D 601 -62.26 42.74 -10.78
CA ASP D 601 -63.19 42.77 -9.62
C ASP D 601 -64.43 41.98 -9.86
N THR D 602 -64.21 40.80 -10.50
CA THR D 602 -65.30 39.88 -10.69
C THR D 602 -64.53 38.66 -10.42
N VAL D 603 -65.04 37.80 -9.47
CA VAL D 603 -64.43 36.54 -9.09
C VAL D 603 -64.15 35.67 -10.27
N VAL D 604 -62.98 34.98 -10.24
CA VAL D 604 -62.49 34.15 -11.24
C VAL D 604 -63.35 32.94 -11.28
N ASP D 605 -63.50 32.36 -12.45
CA ASP D 605 -64.33 31.26 -12.69
C ASP D 605 -63.69 30.30 -13.59
N GLN D 606 -62.60 30.70 -14.32
CA GLN D 606 -61.84 29.94 -15.29
C GLN D 606 -60.96 31.00 -15.81
N PHE D 607 -60.96 32.24 -15.30
CA PHE D 607 -60.26 33.39 -15.77
C PHE D 607 -58.88 33.41 -15.14
N LYS D 608 -58.63 32.39 -14.21
CA LYS D 608 -57.30 32.29 -13.55
C LYS D 608 -56.32 31.51 -14.38
N LYS D 609 -56.94 30.85 -15.38
CA LYS D 609 -56.23 30.12 -16.43
C LYS D 609 -56.45 30.90 -17.73
N GLY D 610 -55.33 31.05 -18.52
CA GLY D 610 -55.31 31.63 -19.82
C GLY D 610 -56.17 30.95 -20.88
N SER D 611 -56.16 31.57 -22.07
CA SER D 611 -56.83 31.13 -23.26
C SER D 611 -55.79 30.60 -24.17
N ASN D 612 -54.48 30.77 -23.84
CA ASN D 612 -53.40 30.27 -24.65
C ASN D 612 -52.87 29.26 -23.75
N LYS D 613 -52.13 28.31 -24.44
CA LYS D 613 -51.51 27.15 -23.77
C LYS D 613 -50.26 27.56 -23.01
N LEU D 614 -49.66 28.62 -23.56
CA LEU D 614 -48.50 29.19 -23.03
C LEU D 614 -48.71 30.13 -21.82
N VAL D 615 -49.91 30.71 -21.70
CA VAL D 615 -50.20 31.64 -20.62
C VAL D 615 -50.68 30.76 -19.47
N GLN D 616 -51.31 29.56 -19.89
CA GLN D 616 -51.86 28.57 -19.04
C GLN D 616 -50.83 27.84 -18.15
N GLU D 617 -49.62 27.56 -18.67
CA GLU D 617 -48.63 26.83 -17.92
C GLU D 617 -47.94 27.70 -16.90
N ILE D 618 -48.02 29.04 -17.09
CA ILE D 618 -47.49 30.04 -16.20
C ILE D 618 -48.14 29.98 -14.92
N PHE D 619 -49.46 29.84 -14.90
CA PHE D 619 -50.17 29.79 -13.63
C PHE D 619 -49.86 28.42 -12.94
N GLU D 620 -49.44 28.39 -11.63
CA GLU D 620 -49.10 27.17 -10.90
C GLU D 620 -49.51 27.29 -9.50
N ASP D 621 -48.96 28.17 -8.68
CA ASP D 621 -49.34 28.44 -7.29
C ASP D 621 -49.42 29.94 -7.26
N HIS D 622 -50.47 30.48 -6.63
CA HIS D 622 -50.84 31.89 -6.39
C HIS D 622 -52.32 32.00 -6.14
N PRO D 623 -52.91 32.59 -5.05
CA PRO D 623 -54.33 32.71 -4.94
C PRO D 623 -54.99 33.54 -6.01
N GLY D 624 -56.27 33.23 -6.36
CA GLY D 624 -56.88 34.12 -7.31
C GLY D 624 -57.91 34.85 -6.50
N LEU D 625 -58.62 35.85 -7.21
CA LEU D 625 -59.65 36.61 -6.50
C LEU D 625 -60.83 35.77 -6.11
N GLY D 626 -61.42 35.93 -4.88
CA GLY D 626 -62.43 34.96 -4.53
C GLY D 626 -61.84 33.75 -4.01
N ALA D 627 -62.66 32.77 -3.82
CA ALA D 627 -62.37 31.43 -3.36
C ALA D 627 -61.27 30.68 -3.99
N GLU D 628 -60.49 29.95 -3.25
CA GLU D 628 -59.41 29.11 -3.66
C GLU D 628 -59.73 27.67 -3.47
N GLU D 629 -59.17 26.80 -4.35
CA GLU D 629 -59.34 25.33 -4.31
C GLU D 629 -58.06 24.73 -3.81
N LYS D 630 -58.15 23.51 -3.21
CA LYS D 630 -57.19 22.86 -2.37
C LYS D 630 -55.96 22.48 -3.12
N GLY D 631 -54.83 22.32 -2.36
CA GLY D 631 -53.55 21.90 -2.87
C GLY D 631 -52.75 23.16 -3.24
N GLY D 632 -51.48 22.90 -3.59
CA GLY D 632 -50.46 23.82 -4.14
C GLY D 632 -49.46 23.99 -2.98
N GLY D 633 -48.18 23.58 -3.30
CA GLY D 633 -47.21 23.66 -2.27
C GLY D 633 -45.95 23.58 -3.02
N GLY D 634 -44.92 24.17 -2.41
CA GLY D 634 -43.60 24.08 -2.92
C GLY D 634 -43.47 25.36 -3.80
N LYS D 635 -43.69 25.09 -5.12
CA LYS D 635 -43.73 26.11 -6.15
C LYS D 635 -44.28 25.46 -7.49
N GLY D 636 -44.69 24.18 -7.45
CA GLY D 636 -45.13 23.32 -8.50
C GLY D 636 -46.61 23.63 -8.77
N GLY D 637 -47.18 22.68 -9.53
CA GLY D 637 -48.52 22.61 -9.93
C GLY D 637 -48.72 23.05 -11.41
N GLY D 638 -50.03 23.18 -11.71
CA GLY D 638 -50.33 23.30 -13.12
C GLY D 638 -51.63 24.15 -13.18
N GLY D 639 -51.90 24.86 -12.11
CA GLY D 639 -52.98 25.88 -11.95
C GLY D 639 -54.37 25.25 -11.90
N ARG D 640 -55.31 26.02 -11.32
CA ARG D 640 -56.67 25.66 -11.11
C ARG D 640 -57.42 26.91 -11.54
N LYS D 641 -58.69 26.70 -11.97
CA LYS D 641 -59.68 27.76 -12.45
C LYS D 641 -59.96 28.79 -11.38
N LYS D 642 -60.09 28.36 -10.10
CA LYS D 642 -60.32 29.32 -9.03
C LYS D 642 -59.27 29.11 -7.96
N GLY D 643 -58.46 30.13 -7.77
CA GLY D 643 -57.17 29.99 -6.99
C GLY D 643 -56.16 29.08 -7.73
N ALA D 644 -54.91 29.05 -7.27
CA ALA D 644 -54.03 28.06 -7.80
C ALA D 644 -53.12 27.57 -6.74
N SER D 645 -53.18 28.18 -5.59
CA SER D 645 -52.62 27.75 -4.36
C SER D 645 -53.60 28.08 -3.25
N PHE D 646 -53.88 27.04 -2.39
CA PHE D 646 -54.80 27.20 -1.28
C PHE D 646 -53.94 27.90 -0.21
N GLN D 647 -52.62 27.60 -0.20
CA GLN D 647 -51.64 28.15 0.73
C GLN D 647 -51.13 29.49 0.16
N THR D 648 -50.49 30.31 1.01
CA THR D 648 -49.86 31.57 0.57
C THR D 648 -48.62 31.11 -0.21
N VAL D 649 -48.16 31.89 -1.26
CA VAL D 649 -46.96 31.59 -1.99
C VAL D 649 -45.72 31.84 -1.15
N SER D 650 -45.73 32.91 -0.31
CA SER D 650 -44.72 33.43 0.55
C SER D 650 -44.39 32.58 1.74
N ALA D 651 -45.32 31.70 2.11
CA ALA D 651 -45.12 30.79 3.20
C ALA D 651 -44.41 29.52 2.72
N LEU D 652 -44.53 29.25 1.37
CA LEU D 652 -43.76 28.25 0.66
C LEU D 652 -42.34 28.73 0.48
N TYR D 653 -42.19 30.01 0.35
CA TYR D 653 -40.90 30.56 0.34
C TYR D 653 -40.27 30.60 1.74
N ARG D 654 -41.11 30.56 2.86
CA ARG D 654 -40.63 30.68 4.24
C ARG D 654 -39.89 29.38 4.56
N GLU D 655 -40.33 28.28 3.94
CA GLU D 655 -39.70 27.07 4.12
C GLU D 655 -38.26 26.97 3.63
N GLN D 656 -38.03 27.72 2.49
CA GLN D 656 -36.67 27.91 2.03
C GLN D 656 -35.82 28.81 2.96
N LEU D 657 -36.32 29.86 3.65
CA LEU D 657 -35.59 30.76 4.52
C LEU D 657 -35.24 30.09 5.87
N ASN D 658 -36.11 29.13 6.40
CA ASN D 658 -35.77 28.38 7.62
C ASN D 658 -34.58 27.39 7.40
N ARG D 659 -34.56 26.94 6.12
CA ARG D 659 -33.57 26.06 5.58
C ARG D 659 -32.32 26.72 5.14
N LEU D 660 -32.36 27.93 4.58
CA LEU D 660 -31.17 28.76 4.20
C LEU D 660 -30.37 29.22 5.39
N MET D 661 -31.00 29.47 6.56
CA MET D 661 -30.41 29.82 7.78
C MET D 661 -29.68 28.71 8.44
N ALA D 662 -30.30 27.45 8.33
CA ALA D 662 -29.68 26.27 8.92
C ALA D 662 -28.52 25.84 8.05
N SER D 663 -28.54 26.07 6.66
CA SER D 663 -27.47 25.81 5.76
C SER D 663 -26.30 26.81 5.85
N LEU D 664 -26.47 28.01 6.48
CA LEU D 664 -25.34 28.98 6.69
C LEU D 664 -24.65 28.71 8.02
N HIS D 665 -25.15 27.81 8.84
CA HIS D 665 -24.54 27.30 10.07
C HIS D 665 -23.92 26.00 9.62
N SER D 666 -24.15 25.57 8.34
CA SER D 666 -23.63 24.41 7.74
C SER D 666 -22.57 24.81 6.68
N THR D 667 -22.19 26.04 6.75
CA THR D 667 -21.25 26.61 5.83
C THR D 667 -20.46 27.58 6.58
N GLN D 668 -19.30 28.06 6.05
CA GLN D 668 -18.45 29.11 6.54
C GLN D 668 -18.71 30.22 5.55
N PRO D 669 -19.49 31.19 5.84
CA PRO D 669 -19.71 32.28 4.94
C PRO D 669 -18.64 33.33 4.79
N HIS D 670 -18.27 33.61 3.51
CA HIS D 670 -17.47 34.73 3.01
C HIS D 670 -18.46 35.62 2.23
N PHE D 671 -18.57 36.93 2.64
CA PHE D 671 -19.46 37.82 2.06
C PHE D 671 -18.85 38.69 1.08
N VAL D 672 -19.69 39.30 0.18
CA VAL D 672 -19.24 40.33 -0.79
C VAL D 672 -20.13 41.48 -0.50
N ARG D 673 -19.65 42.58 0.03
CA ARG D 673 -20.43 43.70 0.39
C ARG D 673 -20.64 44.57 -0.79
N CYS D 674 -21.90 45.06 -1.07
CA CYS D 674 -22.16 45.97 -2.13
C CYS D 674 -22.65 47.16 -1.33
N ILE D 675 -22.10 48.39 -1.68
CA ILE D 675 -22.54 49.56 -0.91
C ILE D 675 -23.00 50.52 -2.07
N ILE D 676 -24.00 51.40 -1.72
CA ILE D 676 -24.70 52.19 -2.66
C ILE D 676 -23.70 53.18 -3.28
N PRO D 677 -23.62 53.46 -4.53
CA PRO D 677 -22.81 54.52 -5.04
C PRO D 677 -23.33 55.85 -4.59
N ASN D 678 -24.57 56.15 -4.86
CA ASN D 678 -25.10 57.41 -4.50
C ASN D 678 -26.56 57.24 -4.69
N GLU D 679 -27.39 58.15 -4.04
CA GLU D 679 -28.80 57.95 -4.07
C GLU D 679 -29.48 58.96 -5.02
N LEU D 680 -28.65 59.65 -5.84
CA LEU D 680 -29.00 60.62 -6.80
C LEU D 680 -28.84 59.99 -8.15
N LYS D 681 -28.46 58.68 -8.26
CA LYS D 681 -28.15 57.98 -9.49
C LYS D 681 -27.06 58.67 -10.34
N GLN D 682 -26.91 58.17 -11.61
CA GLN D 682 -26.07 58.60 -12.72
C GLN D 682 -24.67 58.15 -12.30
N PRO D 683 -24.07 57.17 -12.97
CA PRO D 683 -22.66 56.70 -12.76
C PRO D 683 -21.55 57.74 -12.92
N GLY D 684 -20.56 57.73 -12.00
CA GLY D 684 -19.42 58.63 -12.11
C GLY D 684 -19.67 59.81 -11.25
N VAL D 685 -20.47 59.60 -10.18
CA VAL D 685 -20.84 60.56 -9.17
C VAL D 685 -20.96 59.58 -8.10
N ILE D 686 -20.06 59.78 -7.01
CA ILE D 686 -20.15 59.00 -5.81
C ILE D 686 -20.21 60.04 -4.74
N ASP D 687 -21.23 60.14 -3.93
CA ASP D 687 -21.40 61.11 -2.91
C ASP D 687 -21.45 60.17 -1.75
N SER D 688 -20.33 60.25 -0.98
CA SER D 688 -19.92 59.38 0.10
C SER D 688 -20.72 59.68 1.33
N GLY D 689 -21.38 60.83 1.43
CA GLY D 689 -22.24 61.23 2.55
C GLY D 689 -23.51 60.39 2.64
N LEU D 690 -24.10 60.12 1.48
CA LEU D 690 -25.33 59.32 1.29
C LEU D 690 -25.03 57.83 1.58
N VAL D 691 -23.77 57.38 1.20
CA VAL D 691 -23.17 56.04 1.43
C VAL D 691 -22.87 55.78 2.91
N MET D 692 -22.38 56.82 3.60
CA MET D 692 -21.94 56.90 4.99
C MET D 692 -23.09 56.61 5.86
N HIS D 693 -24.35 57.03 5.43
CA HIS D 693 -25.62 56.85 6.11
C HIS D 693 -26.12 55.39 6.02
N GLN D 694 -25.71 54.75 4.91
CA GLN D 694 -26.02 53.39 4.75
C GLN D 694 -25.05 52.55 5.35
N LEU D 695 -23.87 53.04 5.62
CA LEU D 695 -22.77 52.35 6.27
C LEU D 695 -22.90 52.45 7.76
N THR D 696 -23.94 53.16 8.30
CA THR D 696 -24.14 53.35 9.72
C THR D 696 -25.38 52.54 10.14
N CYS D 697 -26.46 52.62 9.31
CA CYS D 697 -27.72 51.93 9.68
C CYS D 697 -27.60 50.39 9.44
N ASN D 698 -26.86 49.90 8.42
CA ASN D 698 -26.84 48.47 8.33
C ASN D 698 -25.89 47.95 9.33
N GLY D 699 -24.94 48.79 9.82
CA GLY D 699 -24.05 48.35 10.86
C GLY D 699 -22.80 47.80 10.28
N VAL D 700 -22.29 48.44 9.19
CA VAL D 700 -21.09 47.98 8.52
C VAL D 700 -19.86 48.53 9.29
N LEU D 701 -19.98 49.68 9.89
CA LEU D 701 -18.90 50.37 10.63
C LEU D 701 -18.49 49.66 11.92
N GLU D 702 -19.48 49.06 12.62
CA GLU D 702 -19.36 48.15 13.75
C GLU D 702 -18.81 46.84 13.29
N GLY D 703 -19.05 46.53 12.02
CA GLY D 703 -18.62 45.42 11.26
C GLY D 703 -17.12 45.50 10.89
N ILE D 704 -16.52 46.71 10.92
CA ILE D 704 -15.10 46.91 10.72
C ILE D 704 -14.37 46.78 11.96
N ARG D 705 -15.04 47.29 13.07
CA ARG D 705 -14.57 47.38 14.41
C ARG D 705 -14.42 46.12 15.13
N ILE D 706 -15.35 45.19 14.80
CA ILE D 706 -15.45 43.77 15.20
C ILE D 706 -14.56 42.84 14.49
N CYS D 707 -14.02 43.20 13.32
CA CYS D 707 -13.23 42.28 12.50
C CYS D 707 -11.80 42.42 13.07
N ARG D 708 -11.51 43.48 13.83
CA ARG D 708 -10.23 43.66 14.48
C ARG D 708 -10.05 42.96 15.76
N LYS D 709 -11.00 43.01 16.75
CA LYS D 709 -10.91 42.42 18.01
C LYS D 709 -11.29 40.94 17.97
N GLY D 710 -12.46 40.78 17.32
CA GLY D 710 -13.12 39.46 17.06
C GLY D 710 -12.80 39.11 15.70
N PHE D 711 -13.14 37.88 15.22
CA PHE D 711 -12.91 37.38 13.89
C PHE D 711 -14.05 36.42 13.37
N PRO D 712 -14.58 36.59 12.18
CA PRO D 712 -15.74 35.83 11.64
C PRO D 712 -15.29 34.44 11.23
N ASN D 713 -14.21 34.27 10.37
CA ASN D 713 -13.81 33.04 9.74
C ASN D 713 -13.12 32.22 10.78
N ARG D 714 -13.25 30.87 10.65
CA ARG D 714 -12.92 29.92 11.67
C ARG D 714 -12.42 28.84 10.88
N MET D 715 -11.12 28.51 11.26
CA MET D 715 -10.26 27.51 10.68
C MET D 715 -9.82 26.67 11.81
N VAL D 716 -8.74 25.94 11.55
CA VAL D 716 -8.23 24.96 12.49
C VAL D 716 -6.74 25.29 12.49
N TYR D 717 -6.03 24.81 13.54
CA TYR D 717 -4.61 24.98 13.79
C TYR D 717 -3.84 24.16 12.81
N PRO D 718 -4.07 22.93 12.54
CA PRO D 718 -3.35 22.10 11.60
C PRO D 718 -3.93 22.26 10.26
N ASP D 719 -3.28 23.20 9.56
CA ASP D 719 -3.56 23.66 8.23
C ASP D 719 -2.39 24.47 7.81
N PHE D 720 -1.40 24.67 8.69
CA PHE D 720 -0.21 25.33 8.44
C PHE D 720 0.81 24.15 8.35
N LYS D 721 0.28 23.00 8.81
CA LYS D 721 1.01 21.74 8.86
C LYS D 721 0.63 20.92 7.74
N GLN D 722 -0.22 21.50 6.81
CA GLN D 722 -0.79 20.79 5.67
C GLN D 722 -1.71 21.71 5.01
N ARG D 723 -1.23 22.06 3.77
CA ARG D 723 -1.90 22.83 2.71
C ARG D 723 -0.85 23.51 1.85
N TYR D 724 0.21 23.91 2.62
CA TYR D 724 1.44 24.46 2.23
C TYR D 724 2.25 23.30 1.68
N THR D 725 3.44 23.79 1.29
CA THR D 725 4.40 22.92 0.64
C THR D 725 5.72 23.59 0.79
N ILE D 726 5.69 24.70 1.50
CA ILE D 726 6.89 25.50 1.92
C ILE D 726 6.83 25.67 3.50
N LEU D 727 5.71 26.25 4.02
CA LEU D 727 5.52 26.27 5.60
C LEU D 727 5.12 24.93 6.14
N ALA D 728 4.99 23.95 5.25
CA ALA D 728 4.86 22.55 5.44
C ALA D 728 6.13 21.99 4.89
N ALA D 729 6.09 20.66 4.45
CA ALA D 729 7.13 19.90 3.80
C ALA D 729 8.35 19.77 4.72
N SER D 730 9.48 19.47 4.18
CA SER D 730 10.74 19.26 4.86
C SER D 730 11.38 20.65 4.98
N ALA D 731 10.89 21.61 4.18
CA ALA D 731 11.45 22.97 4.12
C ALA D 731 11.27 23.76 5.39
N VAL D 732 10.09 23.67 6.00
CA VAL D 732 9.79 24.26 7.28
C VAL D 732 9.24 23.14 8.08
N PRO D 733 9.51 22.80 9.32
CA PRO D 733 9.00 21.67 10.12
C PRO D 733 7.54 21.77 10.32
N LYS D 734 6.79 20.66 10.19
CA LYS D 734 5.41 20.48 10.51
C LYS D 734 5.39 19.35 11.48
N GLY D 735 4.69 19.49 12.62
CA GLY D 735 4.68 18.46 13.49
C GLY D 735 5.78 18.40 14.54
N PHE D 736 6.74 19.35 14.56
CA PHE D 736 7.94 19.34 15.42
C PHE D 736 8.09 20.73 16.02
N VAL D 737 7.13 21.58 15.65
CA VAL D 737 6.96 22.93 16.08
C VAL D 737 5.49 23.06 16.21
N ASP D 738 5.12 23.86 17.20
CA ASP D 738 3.68 24.20 17.55
C ASP D 738 3.00 24.78 16.33
N ALA D 739 1.73 24.39 16.09
CA ALA D 739 0.97 24.83 14.99
C ALA D 739 0.47 26.23 15.09
N LYS D 740 0.61 26.78 16.34
CA LYS D 740 0.27 28.12 16.65
C LYS D 740 1.52 28.94 16.40
N LYS D 741 2.74 28.42 16.63
CA LYS D 741 4.08 29.04 16.59
C LYS D 741 4.54 29.41 15.19
N VAL D 742 4.04 28.70 14.10
CA VAL D 742 4.34 29.12 12.76
C VAL D 742 3.73 30.39 12.34
N THR D 743 2.41 30.54 12.71
CA THR D 743 1.59 31.63 12.31
C THR D 743 2.10 32.91 12.93
N GLU D 744 2.67 32.81 14.15
CA GLU D 744 3.14 33.84 15.04
C GLU D 744 4.47 34.39 14.63
N ALA D 745 5.19 33.72 13.71
CA ALA D 745 6.43 34.35 13.44
C ALA D 745 6.40 35.22 12.20
N VAL D 746 5.70 34.81 11.10
CA VAL D 746 5.66 35.67 9.96
C VAL D 746 4.76 36.85 10.21
N LEU D 747 3.75 36.61 11.07
CA LEU D 747 2.77 37.69 11.25
C LEU D 747 3.05 38.45 12.50
N GLY D 748 3.86 37.85 13.40
CA GLY D 748 4.21 38.53 14.70
C GLY D 748 3.24 38.09 15.82
N ALA D 749 3.52 38.51 17.06
CA ALA D 749 2.71 38.16 18.19
C ALA D 749 2.86 39.38 19.10
N ILE D 750 3.13 40.56 18.55
CA ILE D 750 3.20 41.82 19.30
C ILE D 750 1.81 42.50 19.43
N GLN D 751 0.95 41.92 20.31
CA GLN D 751 -0.50 42.32 20.52
C GLN D 751 -1.14 42.13 19.20
N LEU D 752 -1.13 40.89 18.76
CA LEU D 752 -1.68 40.40 17.50
C LEU D 752 -2.29 39.08 17.74
N ASP D 753 -2.32 38.70 19.07
CA ASP D 753 -2.89 37.51 19.69
C ASP D 753 -4.31 37.78 20.09
N ALA D 754 -4.92 38.92 19.64
CA ALA D 754 -6.35 39.30 19.77
C ALA D 754 -6.66 40.50 18.88
N ASN D 755 -5.67 40.94 18.04
CA ASN D 755 -5.83 42.05 17.09
C ASN D 755 -5.58 41.69 15.66
N ASP D 756 -5.31 40.38 15.49
CA ASP D 756 -5.04 39.78 14.24
C ASP D 756 -5.78 38.51 14.19
N TYR D 757 -5.80 37.72 15.30
CA TYR D 757 -6.47 36.47 15.38
C TYR D 757 -6.93 36.21 16.80
N ARG D 758 -8.01 35.50 16.95
CA ARG D 758 -8.51 35.11 18.21
C ARG D 758 -8.03 33.69 18.27
N LEU D 759 -7.41 33.35 19.39
CA LEU D 759 -6.70 32.12 19.71
C LEU D 759 -7.65 31.35 20.62
N GLY D 760 -8.17 30.25 20.10
CA GLY D 760 -9.16 29.35 20.65
C GLY D 760 -8.44 28.07 20.99
N ASN D 761 -9.17 26.94 21.26
CA ASN D 761 -8.70 25.61 21.61
C ASN D 761 -8.26 24.96 20.28
N THR D 762 -9.18 24.22 19.63
CA THR D 762 -8.80 23.39 18.41
C THR D 762 -8.95 24.22 17.20
N LYS D 763 -9.27 25.54 17.31
CA LYS D 763 -9.48 26.49 16.27
C LYS D 763 -9.11 27.92 16.52
N VAL D 764 -8.37 28.37 15.51
CA VAL D 764 -8.02 29.74 15.33
C VAL D 764 -9.09 30.44 14.51
N PHE D 765 -9.35 31.73 14.72
CA PHE D 765 -10.30 32.53 13.97
C PHE D 765 -9.53 33.56 13.31
N PHE D 766 -9.57 33.59 11.94
CA PHE D 766 -8.84 34.43 10.98
C PHE D 766 -9.85 35.25 10.26
N ARG D 767 -9.54 36.33 9.59
CA ARG D 767 -10.40 37.19 8.79
C ARG D 767 -10.83 36.32 7.57
N ALA D 768 -9.80 35.61 7.06
CA ALA D 768 -9.78 34.65 5.95
C ALA D 768 -8.98 35.30 4.84
N GLY D 769 -8.20 36.37 5.25
CA GLY D 769 -7.25 37.03 4.39
C GLY D 769 -5.96 37.14 5.09
N VAL D 770 -5.89 36.57 6.36
CA VAL D 770 -4.77 36.48 7.19
C VAL D 770 -3.94 35.32 6.59
N LEU D 771 -4.65 34.35 6.00
CA LEU D 771 -4.15 33.25 5.25
C LEU D 771 -3.45 33.60 3.97
N GLY D 772 -3.84 34.66 3.28
CA GLY D 772 -3.22 35.10 2.05
C GLY D 772 -1.78 35.57 2.25
N ARG D 773 -1.50 36.23 3.39
CA ARG D 773 -0.16 36.74 3.68
C ARG D 773 0.77 35.64 3.98
N LEU D 774 0.30 34.62 4.68
CA LEU D 774 1.07 33.49 5.08
C LEU D 774 1.49 32.64 3.80
N GLU D 775 0.54 32.53 2.89
CA GLU D 775 0.68 31.88 1.65
C GLU D 775 1.53 32.68 0.62
N GLU D 776 1.72 34.08 0.89
CA GLU D 776 2.39 35.01 0.03
C GLU D 776 3.82 34.66 -0.05
N MET D 777 4.47 34.23 1.11
CA MET D 777 5.86 33.72 1.21
C MET D 777 6.03 32.44 0.51
N ARG D 778 4.95 31.60 0.52
CA ARG D 778 5.02 30.31 0.05
C ARG D 778 5.19 30.24 -1.43
N ASP D 779 4.50 31.12 -2.15
CA ASP D 779 4.59 31.02 -3.57
C ASP D 779 5.77 31.56 -4.14
N ASP D 780 6.52 32.22 -3.31
CA ASP D 780 7.84 32.78 -3.82
C ASP D 780 8.86 31.75 -4.24
N ARG D 781 9.11 30.74 -3.40
CA ARG D 781 10.00 29.65 -3.67
C ARG D 781 9.42 28.68 -4.76
N LEU D 782 8.12 28.57 -4.84
CA LEU D 782 7.32 27.73 -5.69
C LEU D 782 7.22 28.25 -7.15
N GLY D 783 7.75 29.49 -7.43
CA GLY D 783 7.72 30.16 -8.63
C GLY D 783 8.08 29.46 -10.04
N LYS D 784 9.16 28.69 -10.00
CA LYS D 784 9.63 27.86 -11.04
C LYS D 784 9.33 26.43 -10.56
N ILE D 785 8.80 25.61 -11.48
CA ILE D 785 8.25 24.30 -11.08
C ILE D 785 8.91 23.31 -12.09
N VAL D 786 10.03 22.67 -11.84
CA VAL D 786 10.91 23.01 -10.71
C VAL D 786 12.20 22.77 -11.39
N THR D 787 13.07 23.81 -11.23
CA THR D 787 14.35 23.80 -11.85
C THR D 787 15.39 22.99 -11.09
N TRP D 788 15.25 22.84 -9.76
CA TRP D 788 16.18 22.13 -8.88
C TRP D 788 16.11 20.60 -9.19
N LEU D 789 14.87 20.03 -9.36
CA LEU D 789 14.57 18.61 -9.52
C LEU D 789 15.01 18.12 -10.91
N GLN D 790 15.17 18.93 -12.00
CA GLN D 790 15.56 18.51 -13.36
C GLN D 790 17.01 18.14 -13.38
N ALA D 791 17.80 18.69 -12.43
CA ALA D 791 19.20 18.25 -12.32
C ALA D 791 19.33 16.85 -11.69
N TRP D 792 18.40 16.43 -10.74
CA TRP D 792 18.37 15.11 -10.18
C TRP D 792 17.93 14.10 -11.19
N ILE D 793 17.20 14.55 -12.23
CA ILE D 793 16.71 13.67 -13.30
C ILE D 793 17.83 13.18 -14.02
N ARG D 794 18.84 14.07 -14.31
CA ARG D 794 20.01 13.76 -15.05
C ARG D 794 21.01 13.09 -14.11
N TRP D 795 20.84 12.99 -12.75
CA TRP D 795 21.80 12.34 -11.86
C TRP D 795 22.03 10.86 -12.12
N TYR D 796 20.91 10.17 -12.09
CA TYR D 796 20.79 8.73 -12.19
C TYR D 796 20.96 8.25 -13.61
N LEU D 797 21.02 9.13 -14.58
CA LEU D 797 21.18 8.64 -15.91
C LEU D 797 22.68 8.59 -16.29
N SER D 798 23.43 9.62 -15.84
CA SER D 798 24.81 9.69 -16.24
C SER D 798 25.66 8.69 -15.48
N LYS D 799 25.30 8.38 -14.21
CA LYS D 799 26.02 7.52 -13.41
C LYS D 799 25.66 6.11 -13.69
N LYS D 800 24.54 5.80 -14.29
CA LYS D 800 24.14 4.44 -14.58
C LYS D 800 24.84 4.00 -15.88
N GLU D 801 24.90 4.95 -16.83
CA GLU D 801 25.59 4.76 -18.08
C GLU D 801 27.10 4.81 -17.98
N PHE D 802 27.60 5.40 -16.86
CA PHE D 802 28.99 5.60 -16.57
C PHE D 802 29.58 4.31 -16.20
N LYS D 803 28.82 3.30 -15.93
CA LYS D 803 29.17 1.92 -15.79
C LYS D 803 29.84 1.20 -17.08
N LYS D 804 29.34 1.56 -18.23
CA LYS D 804 29.70 1.15 -19.60
C LYS D 804 30.99 1.80 -19.89
N LEU D 805 31.16 2.97 -19.25
CA LEU D 805 32.36 3.75 -19.45
C LEU D 805 33.39 3.41 -18.47
N GLN D 806 33.03 2.74 -17.37
CA GLN D 806 33.94 2.45 -16.24
C GLN D 806 34.64 1.17 -16.64
N GLU D 807 33.98 0.28 -17.34
CA GLU D 807 34.71 -0.92 -17.84
C GLU D 807 35.54 -0.61 -19.07
N GLN D 808 35.42 0.61 -19.60
CA GLN D 808 36.17 1.12 -20.75
C GLN D 808 37.47 1.72 -20.33
N ARG D 809 37.67 1.99 -19.02
CA ARG D 809 38.93 2.56 -18.45
C ARG D 809 40.10 1.56 -18.57
N VAL D 810 39.85 0.28 -18.35
CA VAL D 810 40.91 -0.62 -18.55
C VAL D 810 41.06 -0.96 -20.06
N ALA D 811 40.03 -0.81 -20.93
CA ALA D 811 39.96 -1.25 -22.27
C ALA D 811 40.77 -0.33 -23.19
N LEU D 812 40.95 0.96 -22.77
CA LEU D 812 41.61 2.02 -23.44
C LEU D 812 43.04 1.83 -23.43
N LEU D 813 43.54 1.18 -22.38
CA LEU D 813 44.93 0.77 -22.13
C LEU D 813 45.26 -0.43 -22.99
N VAL D 814 44.29 -1.18 -23.52
CA VAL D 814 44.60 -2.32 -24.34
C VAL D 814 44.67 -1.92 -25.83
N ILE D 815 43.75 -0.99 -26.23
CA ILE D 815 43.79 -0.56 -27.63
C ILE D 815 45.00 0.32 -27.93
N GLN D 816 45.62 0.99 -26.94
CA GLN D 816 46.78 1.86 -27.17
C GLN D 816 48.02 1.07 -27.41
N ARG D 817 48.21 -0.21 -26.93
CA ARG D 817 49.38 -0.98 -27.08
C ARG D 817 49.32 -1.75 -28.40
N ASN D 818 48.07 -2.04 -28.79
CA ASN D 818 47.63 -2.76 -29.90
C ASN D 818 47.74 -1.98 -31.19
N LEU D 819 47.59 -0.65 -31.11
CA LEU D 819 47.81 0.21 -32.23
C LEU D 819 49.23 0.34 -32.59
N ARG D 820 50.10 0.20 -31.56
CA ARG D 820 51.56 0.22 -31.78
C ARG D 820 51.98 -1.07 -32.43
N LYS D 821 51.41 -2.22 -32.11
CA LYS D 821 51.58 -3.58 -32.57
C LYS D 821 50.91 -3.73 -33.91
N PHE D 822 50.13 -2.75 -34.40
CA PHE D 822 49.60 -2.81 -35.73
C PHE D 822 50.63 -2.55 -36.75
N LEU D 823 51.72 -1.81 -36.38
CA LEU D 823 52.81 -1.46 -37.22
C LEU D 823 54.02 -2.31 -36.84
N THR D 824 54.15 -2.77 -35.57
CA THR D 824 55.33 -3.55 -35.19
C THR D 824 55.35 -4.90 -35.97
N LEU D 825 54.21 -5.63 -36.06
CA LEU D 825 54.02 -6.95 -36.57
C LEU D 825 53.92 -6.91 -38.15
N ARG D 826 54.19 -5.72 -38.76
CA ARG D 826 54.17 -5.37 -40.18
C ARG D 826 55.52 -5.03 -40.61
N ASN D 827 56.49 -5.45 -39.77
CA ASN D 827 57.88 -5.30 -39.93
C ASN D 827 58.47 -6.63 -39.41
N TRP D 828 57.57 -7.40 -38.72
CA TRP D 828 57.85 -8.62 -38.07
C TRP D 828 56.81 -9.68 -38.37
N LEU D 829 56.41 -9.79 -39.68
CA LEU D 829 55.32 -10.57 -40.24
C LEU D 829 55.75 -12.06 -40.22
N TRP D 830 54.76 -12.95 -40.24
CA TRP D 830 54.90 -14.38 -40.05
C TRP D 830 54.67 -14.56 -38.54
N TYR D 831 53.42 -14.12 -38.26
CA TYR D 831 52.94 -14.04 -36.86
C TYR D 831 51.45 -14.12 -36.90
N LYS D 832 50.93 -14.27 -38.11
CA LYS D 832 49.52 -14.44 -38.47
C LYS D 832 49.55 -15.49 -39.56
N LEU D 833 48.35 -16.02 -39.77
CA LEU D 833 48.06 -17.11 -40.71
C LEU D 833 46.95 -17.73 -39.91
N TYR D 834 45.80 -17.88 -40.55
CA TYR D 834 44.62 -18.42 -39.92
C TYR D 834 43.89 -18.97 -41.17
N ILE D 835 42.83 -19.77 -40.92
CA ILE D 835 42.11 -20.49 -41.91
C ILE D 835 41.65 -19.57 -43.04
N LYS D 836 41.82 -19.89 -44.30
CA LYS D 836 41.24 -19.30 -45.48
C LYS D 836 41.64 -20.37 -46.49
N VAL D 837 41.94 -19.98 -47.71
CA VAL D 837 42.36 -20.84 -48.76
C VAL D 837 43.91 -20.87 -48.96
N LYS D 838 44.72 -19.91 -48.40
CA LYS D 838 46.20 -19.89 -48.60
C LYS D 838 47.00 -20.88 -47.80
N PRO D 839 46.75 -21.48 -46.62
CA PRO D 839 47.72 -22.37 -45.94
C PRO D 839 48.21 -23.61 -46.66
N LEU D 840 49.40 -24.13 -46.22
CA LEU D 840 49.90 -25.37 -46.70
C LEU D 840 50.00 -26.49 -45.60
N MET E 1 26.29 13.71 1.85
CA MET E 1 27.50 14.61 1.68
C MET E 1 27.21 16.05 2.11
N ALA E 2 28.35 16.65 2.44
CA ALA E 2 28.34 18.06 2.79
C ALA E 2 29.80 18.48 2.89
N ASP E 3 30.73 17.54 2.54
CA ASP E 3 32.16 17.80 2.60
C ASP E 3 32.82 16.73 1.77
N LEU E 4 34.03 17.04 1.19
CA LEU E 4 34.81 16.08 0.39
C LEU E 4 35.21 14.98 1.36
N LYS E 5 35.17 13.72 0.79
CA LYS E 5 35.60 12.50 1.52
C LYS E 5 36.84 12.09 0.79
N ALA E 6 37.69 11.21 1.44
CA ALA E 6 38.98 10.78 0.89
C ALA E 6 38.84 9.81 -0.21
N ALA E 7 37.70 9.07 -0.24
CA ALA E 7 37.42 8.02 -1.20
C ALA E 7 36.90 8.71 -2.43
N GLU E 8 36.34 9.96 -2.39
CA GLU E 8 35.80 10.57 -3.62
C GLU E 8 36.97 11.04 -4.46
N VAL E 9 38.17 11.28 -3.83
CA VAL E 9 39.42 11.62 -4.56
C VAL E 9 39.93 10.30 -5.17
N GLU E 10 39.84 9.18 -4.43
CA GLU E 10 40.42 7.89 -4.86
C GLU E 10 39.59 7.36 -5.99
N LYS E 11 38.23 7.71 -6.05
CA LYS E 11 37.29 7.38 -7.08
C LYS E 11 37.58 8.14 -8.35
N ALA E 12 37.96 9.45 -8.20
CA ALA E 12 38.15 10.41 -9.26
C ALA E 12 39.45 10.21 -9.99
N ARG E 13 40.44 9.55 -9.38
CA ARG E 13 41.70 9.21 -10.05
C ARG E 13 41.52 8.06 -11.07
N GLU E 14 40.58 7.11 -10.69
CA GLU E 14 40.23 6.00 -11.48
C GLU E 14 39.46 6.34 -12.64
N HIS E 15 38.47 7.25 -12.47
CA HIS E 15 37.46 7.65 -13.44
C HIS E 15 38.03 8.72 -14.35
N PHE E 16 39.31 9.19 -14.12
CA PHE E 16 40.11 10.15 -14.93
C PHE E 16 40.56 9.58 -16.22
N GLU E 17 40.91 8.28 -16.12
CA GLU E 17 41.31 7.48 -17.28
C GLU E 17 40.24 7.09 -18.18
N ILE E 18 38.96 7.29 -17.76
CA ILE E 18 37.76 7.02 -18.62
C ILE E 18 37.53 8.13 -19.69
N TYR E 19 37.62 9.34 -19.17
CA TYR E 19 37.26 10.63 -19.79
C TYR E 19 38.13 10.97 -20.97
N ASP E 20 39.41 10.49 -20.99
CA ASP E 20 40.31 10.72 -22.06
C ASP E 20 40.45 9.35 -22.70
N TRP E 21 40.20 9.27 -23.98
CA TRP E 21 40.13 8.09 -24.78
C TRP E 21 41.55 8.01 -25.23
N GLU E 22 42.38 7.22 -24.51
CA GLU E 22 43.78 6.93 -24.56
C GLU E 22 44.13 6.14 -23.29
N GLY E 23 43.39 6.40 -22.21
CA GLY E 23 43.47 5.86 -20.83
C GLY E 23 44.35 6.69 -19.97
N GLU E 24 44.44 8.00 -20.35
CA GLU E 24 45.28 8.97 -19.72
C GLU E 24 44.48 9.86 -18.83
N GLY E 25 44.31 11.21 -19.09
CA GLY E 25 43.48 12.06 -18.22
C GLY E 25 43.28 13.29 -18.84
N LYS E 26 42.10 13.83 -18.65
CA LYS E 26 41.62 15.08 -19.20
C LYS E 26 40.15 14.83 -19.30
N ILE E 27 39.40 15.48 -18.39
CA ILE E 27 38.02 15.46 -18.09
C ILE E 27 37.35 16.22 -19.27
N ASP E 28 36.37 15.50 -20.01
CA ASP E 28 35.56 16.11 -21.10
C ASP E 28 34.51 16.90 -20.46
N ALA E 29 34.02 17.98 -21.08
CA ALA E 29 33.09 18.92 -20.41
C ALA E 29 31.67 18.37 -19.93
N ARG E 30 31.03 17.46 -20.81
CA ARG E 30 29.83 16.73 -20.45
C ARG E 30 30.13 15.65 -19.47
N ASP E 31 31.32 15.10 -19.58
CA ASP E 31 31.79 14.05 -18.66
C ASP E 31 32.43 14.66 -17.41
N LEU E 32 32.38 15.99 -17.28
CA LEU E 32 32.63 16.78 -16.12
C LEU E 32 31.48 16.59 -15.16
N GLY E 33 30.23 16.62 -15.73
CA GLY E 33 29.05 16.56 -14.97
C GLY E 33 28.88 15.12 -14.62
N ASP E 34 29.35 14.11 -15.40
CA ASP E 34 29.09 12.73 -15.14
C ASP E 34 30.00 12.31 -13.96
N LEU E 35 31.17 12.99 -13.85
CA LEU E 35 31.99 12.76 -12.67
C LEU E 35 31.40 13.37 -11.43
N LEU E 36 30.72 14.53 -11.51
CA LEU E 36 30.17 15.08 -10.32
C LEU E 36 28.97 14.30 -9.93
N ARG E 37 28.19 13.72 -10.91
CA ARG E 37 27.03 12.91 -10.68
C ARG E 37 27.32 11.50 -10.16
N SER E 38 28.58 11.02 -10.25
CA SER E 38 29.05 9.73 -9.78
C SER E 38 29.87 10.02 -8.57
N LEU E 39 29.51 11.09 -7.83
CA LEU E 39 30.22 11.51 -6.60
C LEU E 39 29.25 12.32 -5.79
N ASP E 40 27.95 12.22 -6.15
CA ASP E 40 26.83 12.75 -5.35
C ASP E 40 26.77 14.22 -5.37
N CYS E 41 26.82 14.86 -6.53
CA CYS E 41 26.84 16.28 -6.57
C CYS E 41 26.16 16.45 -7.87
N LYS E 42 24.93 17.14 -7.88
CA LYS E 42 24.09 17.10 -9.07
C LYS E 42 23.50 18.45 -9.32
N PRO E 43 24.37 19.45 -9.41
CA PRO E 43 23.90 20.85 -9.67
C PRO E 43 23.10 21.06 -10.92
N THR E 44 22.48 22.25 -10.98
CA THR E 44 21.82 22.74 -12.13
C THR E 44 22.89 23.36 -13.00
N LEU E 45 22.39 23.88 -14.19
CA LEU E 45 23.19 24.49 -15.23
C LEU E 45 23.55 25.95 -14.84
N ALA E 46 22.83 26.47 -13.86
CA ALA E 46 23.01 27.77 -13.33
C ALA E 46 23.85 27.65 -12.07
N MET E 47 23.86 26.50 -11.34
CA MET E 47 24.77 26.23 -10.19
C MET E 47 26.19 25.82 -10.69
N VAL E 48 26.29 25.34 -11.94
CA VAL E 48 27.54 24.80 -12.57
C VAL E 48 28.43 25.93 -12.92
N LYS E 49 27.68 27.00 -13.44
CA LYS E 49 28.29 28.26 -13.77
C LYS E 49 28.81 29.05 -12.59
N LYS E 50 28.21 28.89 -11.38
CA LYS E 50 28.66 29.40 -10.10
C LYS E 50 29.85 28.69 -9.60
N ASN E 51 29.98 27.33 -9.74
CA ASN E 51 31.14 26.65 -9.32
C ASN E 51 32.34 26.78 -10.21
N GLY E 52 31.97 26.98 -11.47
CA GLY E 52 32.82 27.30 -12.61
C GLY E 52 33.19 26.13 -13.45
N GLY E 53 32.37 25.07 -13.38
CA GLY E 53 32.59 23.79 -14.05
C GLY E 53 31.88 23.61 -15.33
N SER E 54 31.41 22.36 -15.58
CA SER E 54 30.62 22.04 -16.71
C SER E 54 29.78 20.78 -16.54
N ASP E 55 28.80 20.54 -17.40
CA ASP E 55 27.93 19.34 -17.26
C ASP E 55 27.47 19.01 -18.68
N LYS E 56 27.87 19.85 -19.66
CA LYS E 56 27.52 19.67 -21.03
C LYS E 56 28.69 19.98 -21.95
N ARG E 57 28.49 19.41 -23.19
CA ARG E 57 29.51 19.46 -24.18
C ARG E 57 29.67 20.94 -24.69
N GLY E 58 30.94 21.46 -24.82
CA GLY E 58 31.20 22.73 -25.41
C GLY E 58 31.52 23.82 -24.44
N GLU E 59 31.44 23.39 -23.20
CA GLU E 59 31.74 24.22 -22.07
C GLU E 59 33.27 24.06 -21.63
N LYS E 60 33.83 24.68 -20.49
CA LYS E 60 35.26 24.56 -20.22
C LYS E 60 35.56 23.16 -19.82
N LYS E 61 36.82 22.75 -20.18
CA LYS E 61 37.28 21.46 -19.82
C LYS E 61 38.39 21.71 -18.89
N LEU E 62 38.70 20.75 -18.02
CA LEU E 62 39.64 20.89 -16.95
C LEU E 62 40.35 19.56 -16.78
N THR E 63 41.30 19.53 -15.82
CA THR E 63 42.11 18.41 -15.51
C THR E 63 41.63 18.08 -14.12
N LEU E 64 42.08 16.97 -13.50
CA LEU E 64 41.48 16.55 -12.24
C LEU E 64 41.81 17.44 -11.00
N GLU E 65 42.96 18.15 -11.09
CA GLU E 65 43.45 19.13 -10.09
C GLU E 65 42.49 20.23 -9.96
N GLU E 66 42.02 20.59 -11.11
CA GLU E 66 41.18 21.78 -11.38
C GLU E 66 39.78 21.50 -11.10
N PHE E 67 39.44 20.20 -10.92
CA PHE E 67 38.16 19.72 -10.70
C PHE E 67 37.81 19.87 -9.20
N LEU E 68 38.84 19.87 -8.27
CA LEU E 68 38.62 19.87 -6.80
C LEU E 68 37.97 21.16 -6.23
N PRO E 69 38.30 22.44 -6.52
CA PRO E 69 37.60 23.60 -6.08
C PRO E 69 36.18 23.72 -6.65
N ILE E 70 35.94 23.11 -7.81
CA ILE E 70 34.64 23.19 -8.52
C ILE E 70 33.66 22.25 -7.70
N PHE E 71 34.24 21.07 -7.40
CA PHE E 71 33.53 20.00 -6.70
C PHE E 71 33.20 20.34 -5.28
N SER E 72 34.09 21.13 -4.68
CA SER E 72 33.98 21.60 -3.30
C SER E 72 32.93 22.72 -3.14
N GLN E 73 32.52 23.48 -4.25
CA GLN E 73 31.57 24.55 -4.14
C GLN E 73 30.12 24.01 -4.04
N ILE E 74 29.85 22.87 -4.67
CA ILE E 74 28.61 22.23 -4.62
C ILE E 74 28.34 21.65 -3.23
N LYS E 75 29.44 21.23 -2.51
CA LYS E 75 29.31 20.67 -1.24
C LYS E 75 28.84 21.70 -0.23
N LYS E 76 29.24 22.96 -0.40
CA LYS E 76 28.86 24.07 0.45
C LYS E 76 27.45 24.64 0.27
N GLU E 77 26.91 24.25 -0.94
CA GLU E 77 25.66 24.78 -1.37
C GLU E 77 24.69 23.54 -1.47
N LYS E 78 23.53 23.67 -2.22
CA LYS E 78 22.67 22.61 -2.33
C LYS E 78 23.11 21.60 -3.26
N GLU E 79 22.27 20.55 -3.35
CA GLU E 79 22.33 19.40 -4.27
C GLU E 79 23.47 18.42 -4.17
N VAL E 80 23.45 17.68 -3.00
CA VAL E 80 24.36 16.67 -2.69
C VAL E 80 23.59 15.60 -2.04
N GLY E 81 22.27 15.82 -1.99
CA GLY E 81 21.22 14.99 -1.52
C GLY E 81 20.39 15.68 -0.53
N THR E 82 20.63 16.97 -0.19
CA THR E 82 19.80 17.86 0.61
C THR E 82 18.43 18.04 0.05
N LEU E 83 17.45 18.40 0.95
CA LEU E 83 15.99 18.61 0.72
C LEU E 83 15.70 19.99 0.96
N GLU E 84 15.12 20.64 -0.07
CA GLU E 84 14.65 22.00 -0.17
C GLU E 84 14.51 22.26 -1.57
N ASP E 85 13.19 22.46 -1.91
CA ASP E 85 12.67 22.80 -3.20
C ASP E 85 12.81 21.73 -4.28
N PHE E 86 12.37 20.48 -3.89
CA PHE E 86 12.44 19.31 -4.73
C PHE E 86 10.99 18.91 -4.76
N MET E 87 10.49 18.14 -3.72
CA MET E 87 9.18 17.80 -3.39
C MET E 87 8.63 18.84 -2.39
N GLU E 88 9.37 19.93 -2.19
CA GLU E 88 8.88 21.10 -1.58
C GLU E 88 8.62 22.15 -2.69
N GLY E 89 9.12 21.84 -3.95
CA GLY E 89 8.95 22.84 -5.03
C GLY E 89 7.75 22.62 -5.82
N LEU E 90 7.01 21.46 -5.55
CA LEU E 90 5.86 21.09 -6.37
C LEU E 90 4.61 21.54 -5.58
N LYS E 91 3.42 21.59 -6.28
CA LYS E 91 2.08 21.85 -5.87
C LYS E 91 1.77 23.30 -5.56
N VAL E 92 0.69 23.87 -6.15
CA VAL E 92 0.23 25.24 -6.01
C VAL E 92 -1.15 25.39 -6.71
N TYR E 93 -1.56 24.24 -7.32
CA TYR E 93 -2.88 24.20 -7.90
C TYR E 93 -3.90 23.62 -6.97
N ASP E 94 -3.38 23.11 -5.73
CA ASP E 94 -4.16 22.48 -4.69
C ASP E 94 -3.86 23.25 -3.46
N LYS E 95 -4.96 23.61 -2.73
CA LYS E 95 -4.91 24.32 -1.40
C LYS E 95 -5.22 23.39 -0.39
N ALA E 96 -5.40 22.14 -0.78
CA ALA E 96 -5.37 20.99 0.04
C ALA E 96 -4.02 20.36 -0.09
N GLU E 97 -3.57 19.77 1.01
CA GLU E 97 -2.35 18.93 1.14
C GLU E 97 -2.83 17.61 1.59
N ASN E 98 -2.84 16.66 0.61
CA ASN E 98 -3.14 15.24 0.87
C ASN E 98 -1.94 14.35 0.49
N GLY E 99 -0.89 15.09 -0.02
CA GLY E 99 0.39 14.65 -0.48
C GLY E 99 0.13 14.41 -1.96
N THR E 100 -0.98 14.99 -2.46
CA THR E 100 -1.33 14.82 -3.91
C THR E 100 -1.57 16.21 -4.54
N MET E 101 -1.47 16.25 -5.93
CA MET E 101 -1.71 17.34 -6.86
C MET E 101 -2.37 16.67 -8.08
N LEU E 102 -2.71 17.48 -9.13
CA LEU E 102 -3.49 16.98 -10.27
C LEU E 102 -2.57 16.33 -11.30
N ALA E 103 -3.12 15.36 -11.98
CA ALA E 103 -2.33 14.57 -12.95
C ALA E 103 -1.90 15.48 -14.13
N ALA E 104 -2.89 16.28 -14.58
CA ALA E 104 -2.68 17.14 -15.68
C ALA E 104 -1.68 18.25 -15.40
N GLU E 105 -1.57 18.65 -14.06
CA GLU E 105 -0.75 19.73 -13.64
C GLU E 105 0.52 19.16 -12.95
N LEU E 106 0.95 17.92 -13.41
CA LEU E 106 2.09 17.15 -12.94
C LEU E 106 2.69 16.54 -14.13
N ALA E 107 2.62 17.24 -15.27
CA ALA E 107 3.31 16.74 -16.41
C ALA E 107 3.41 17.82 -17.42
N HIS E 108 2.77 19.00 -17.24
CA HIS E 108 2.86 20.09 -18.16
C HIS E 108 3.08 21.38 -17.40
N VAL E 109 3.90 21.30 -16.34
CA VAL E 109 4.23 22.43 -15.53
C VAL E 109 5.79 22.30 -15.45
N LEU E 110 6.32 21.12 -15.79
CA LEU E 110 7.72 20.85 -15.87
C LEU E 110 8.12 21.10 -17.25
N LEU E 111 7.09 21.31 -18.10
CA LEU E 111 7.26 21.55 -19.45
C LEU E 111 6.91 22.92 -19.79
N SER E 112 6.36 23.74 -18.89
CA SER E 112 5.89 25.14 -19.06
C SER E 112 6.53 26.00 -18.02
N LEU E 113 7.32 25.44 -17.10
CA LEU E 113 8.19 26.16 -16.20
C LEU E 113 9.27 25.09 -16.12
N GLY E 114 10.32 25.31 -15.36
CA GLY E 114 11.37 24.39 -15.12
C GLY E 114 12.49 24.65 -16.15
N GLU E 115 13.63 23.79 -16.11
CA GLU E 115 14.73 23.94 -17.07
C GLU E 115 14.25 23.25 -18.32
N ARG E 116 13.24 22.38 -18.22
CA ARG E 116 12.48 21.64 -19.22
C ARG E 116 13.17 20.45 -19.87
N LEU E 117 12.64 19.23 -19.50
CA LEU E 117 13.21 17.98 -19.90
C LEU E 117 12.19 17.12 -20.38
N THR E 118 12.58 16.08 -21.00
CA THR E 118 11.93 15.03 -21.70
C THR E 118 10.43 14.70 -21.29
N ASP E 119 9.53 14.31 -22.28
CA ASP E 119 8.15 14.00 -21.89
C ASP E 119 8.05 12.65 -21.23
N ILE E 120 9.12 11.85 -21.32
CA ILE E 120 9.21 10.49 -20.76
C ILE E 120 9.39 10.57 -19.27
N GLU E 121 10.19 11.53 -18.76
CA GLU E 121 10.46 11.84 -17.38
C GLU E 121 9.32 12.50 -16.66
N CYS E 122 8.46 13.21 -17.52
CA CYS E 122 7.22 13.84 -17.07
C CYS E 122 6.14 12.80 -16.76
N GLU E 123 6.32 11.67 -17.46
CA GLU E 123 5.57 10.46 -17.30
C GLU E 123 6.14 9.55 -16.14
N GLU E 124 7.47 9.69 -15.73
CA GLU E 124 7.92 8.96 -14.59
C GLU E 124 7.42 9.61 -13.30
N ILE E 125 7.23 10.92 -13.17
CA ILE E 125 6.77 11.48 -11.91
C ILE E 125 5.30 11.07 -11.66
N MET E 126 4.58 10.84 -12.76
CA MET E 126 3.29 10.25 -12.67
C MET E 126 3.31 8.76 -12.45
N ARG E 127 4.37 7.99 -12.93
CA ARG E 127 4.31 6.58 -12.76
C ARG E 127 4.69 6.03 -11.36
N VAL E 128 5.59 6.69 -10.64
CA VAL E 128 6.12 6.15 -9.37
C VAL E 128 5.03 6.18 -8.34
N CYS E 129 4.21 7.28 -8.40
CA CYS E 129 3.13 7.46 -7.44
C CYS E 129 1.84 6.69 -7.77
N ASP E 130 0.96 6.52 -6.74
CA ASP E 130 -0.39 5.94 -6.81
C ASP E 130 -1.29 6.71 -7.70
N GLU E 131 -2.23 5.88 -8.27
CA GLU E 131 -3.31 6.29 -9.11
C GLU E 131 -4.70 5.85 -8.61
N ASP E 132 -5.63 6.84 -8.66
CA ASP E 132 -7.03 6.81 -8.25
C ASP E 132 -7.74 7.54 -9.25
N ASP E 133 -9.07 7.52 -9.29
CA ASP E 133 -9.85 8.12 -10.33
C ASP E 133 -10.47 9.36 -9.73
N ASP E 134 -9.93 9.89 -8.65
CA ASP E 134 -10.47 11.05 -7.96
C ASP E 134 -9.66 12.25 -8.45
N GLY E 135 -8.52 11.98 -9.19
CA GLY E 135 -7.67 13.00 -9.86
C GLY E 135 -6.62 13.37 -8.89
N PHE E 136 -6.21 12.45 -8.04
CA PHE E 136 -5.22 12.73 -6.96
C PHE E 136 -4.02 11.80 -7.13
N LEU E 137 -2.87 12.37 -7.65
CA LEU E 137 -1.60 11.73 -7.95
C LEU E 137 -0.60 12.40 -6.98
N LYS E 138 0.15 11.53 -6.26
CA LYS E 138 1.10 11.99 -5.27
C LYS E 138 2.35 12.53 -5.98
N TYR E 139 3.14 13.43 -5.41
CA TYR E 139 4.28 14.17 -5.97
C TYR E 139 5.50 13.78 -5.14
N GLU E 140 5.30 13.43 -3.86
CA GLU E 140 6.29 13.32 -2.84
C GLU E 140 7.04 11.94 -2.95
N PRO E 141 6.49 10.81 -3.50
CA PRO E 141 7.32 9.62 -3.71
C PRO E 141 8.36 9.52 -4.79
N PHE E 142 8.28 10.27 -5.93
CA PHE E 142 9.18 10.21 -7.01
C PHE E 142 10.49 10.82 -6.57
N VAL E 143 10.46 11.73 -5.60
CA VAL E 143 11.60 12.36 -5.11
C VAL E 143 12.42 11.48 -4.19
N LYS E 144 11.76 10.67 -3.25
CA LYS E 144 12.33 9.74 -2.39
C LYS E 144 12.88 8.50 -3.06
N THR E 145 12.44 8.31 -4.29
CA THR E 145 12.86 7.26 -5.11
C THR E 145 14.32 7.54 -5.51
N ILE E 146 14.62 8.87 -5.81
CA ILE E 146 15.89 9.52 -6.06
C ILE E 146 16.72 9.50 -4.89
N ILE E 147 16.17 9.60 -3.63
CA ILE E 147 16.99 9.46 -2.40
C ILE E 147 17.51 8.06 -2.31
N ALA E 148 16.70 7.02 -2.75
CA ALA E 148 17.04 5.59 -2.71
C ALA E 148 18.22 5.39 -3.64
N GLY E 149 18.02 5.86 -4.92
CA GLY E 149 19.06 6.04 -5.92
C GLY E 149 19.61 4.74 -6.52
N PRO E 150 20.44 4.79 -7.62
CA PRO E 150 21.00 3.61 -8.19
C PRO E 150 22.11 3.18 -7.23
N PHE E 151 22.80 4.23 -6.82
CA PHE E 151 23.71 4.20 -5.72
C PHE E 151 23.54 5.49 -4.91
N PRO E 152 23.02 5.34 -3.64
CA PRO E 152 22.94 6.38 -2.62
C PRO E 152 24.31 6.98 -2.42
N ASP E 153 25.37 6.17 -2.59
CA ASP E 153 26.73 6.54 -2.45
C ASP E 153 27.36 6.89 -3.72
N GLU E 154 28.71 6.80 -3.73
CA GLU E 154 29.58 7.11 -4.78
C GLU E 154 29.45 6.03 -5.88
N GLY E 155 28.91 6.43 -7.02
CA GLY E 155 28.81 5.62 -8.19
C GLY E 155 30.06 4.92 -8.57
N LYS E 156 29.80 3.84 -9.31
CA LYS E 156 30.77 3.03 -9.86
C LYS E 156 30.18 2.25 -11.09
N MET F 1 62.81 -51.74 -43.73
CA MET F 1 61.82 -51.60 -42.76
C MET F 1 62.23 -52.19 -41.43
N GLY F 2 61.28 -52.55 -40.50
CA GLY F 2 61.68 -53.12 -39.27
C GLY F 2 62.29 -52.23 -38.19
N ASP F 3 63.48 -52.62 -37.67
CA ASP F 3 64.19 -51.82 -36.66
C ASP F 3 65.08 -50.85 -37.37
N GLU F 4 65.19 -51.12 -38.69
CA GLU F 4 66.03 -50.34 -39.56
C GLU F 4 65.00 -49.51 -40.38
N GLU F 5 63.70 -49.39 -39.86
CA GLU F 5 62.72 -48.53 -40.56
C GLU F 5 63.07 -47.13 -40.32
N LYS F 6 63.57 -46.94 -39.03
CA LYS F 6 64.00 -45.63 -38.48
C LYS F 6 65.29 -45.11 -39.15
N LYS F 7 66.13 -46.09 -39.53
CA LYS F 7 67.49 -45.91 -40.07
C LYS F 7 67.39 -45.55 -41.52
N GLU F 8 66.15 -45.74 -42.18
CA GLU F 8 66.05 -45.38 -43.61
C GLU F 8 65.31 -44.12 -43.66
N LYS F 9 64.58 -43.76 -42.62
CA LYS F 9 63.82 -42.54 -42.63
C LYS F 9 64.69 -41.30 -42.44
N LYS F 10 65.96 -41.44 -41.95
CA LYS F 10 66.81 -40.29 -41.90
C LYS F 10 67.36 -39.98 -43.28
N LYS F 11 67.21 -40.90 -44.30
CA LYS F 11 67.75 -40.83 -45.64
C LYS F 11 66.55 -40.47 -46.60
N LYS F 12 65.30 -40.47 -45.99
CA LYS F 12 64.09 -40.16 -46.72
C LYS F 12 63.72 -38.72 -46.44
N SER F 13 64.03 -38.23 -45.23
CA SER F 13 63.65 -36.93 -44.89
C SER F 13 64.80 -36.60 -44.01
N LYS F 14 65.33 -35.34 -44.26
CA LYS F 14 66.65 -34.97 -43.78
C LYS F 14 66.93 -33.47 -43.65
N LYS F 15 65.87 -32.71 -43.47
CA LYS F 15 65.85 -31.33 -43.22
C LYS F 15 65.63 -31.15 -41.73
N LYS F 16 65.59 -32.20 -40.95
CA LYS F 16 65.35 -32.10 -39.56
C LYS F 16 65.62 -33.40 -38.90
N SER F 17 65.90 -34.41 -39.77
CA SER F 17 66.37 -35.69 -39.22
C SER F 17 67.92 -35.67 -39.21
N GLU F 18 68.69 -34.57 -39.63
CA GLU F 18 70.12 -34.53 -39.55
C GLU F 18 70.51 -33.37 -38.74
N GLU F 19 69.49 -32.86 -38.00
CA GLU F 19 69.60 -31.68 -37.22
C GLU F 19 69.20 -32.07 -35.78
N GLU F 20 68.21 -33.03 -35.63
CA GLU F 20 67.85 -33.58 -34.35
C GLU F 20 67.45 -35.01 -34.54
N GLY F 21 68.01 -35.95 -33.77
CA GLY F 21 67.67 -37.32 -33.84
C GLY F 21 67.07 -37.86 -32.57
N GLY F 22 66.89 -39.18 -32.41
CA GLY F 22 66.28 -39.98 -31.38
C GLY F 22 67.13 -39.85 -30.07
N ASP F 23 66.44 -40.23 -28.95
CA ASP F 23 67.04 -40.10 -27.63
C ASP F 23 66.95 -41.50 -26.96
N ALA F 24 66.50 -42.54 -27.76
CA ALA F 24 66.42 -43.82 -27.25
C ALA F 24 66.87 -44.76 -28.28
N ALA F 25 67.48 -44.17 -29.40
CA ALA F 25 67.91 -45.08 -30.41
C ALA F 25 67.92 -44.16 -31.61
N PRO F 26 68.95 -44.02 -32.45
CA PRO F 26 68.98 -43.15 -33.64
C PRO F 26 67.72 -43.40 -34.52
N ALA F 27 66.95 -42.30 -34.65
CA ALA F 27 65.74 -42.27 -35.39
C ALA F 27 65.59 -40.82 -35.78
N PRO F 28 64.59 -40.39 -36.52
CA PRO F 28 64.35 -39.01 -36.85
C PRO F 28 64.02 -38.21 -35.54
N PRO F 29 63.77 -36.88 -35.45
CA PRO F 29 63.61 -36.19 -34.18
C PRO F 29 63.01 -36.87 -32.94
N PRO F 30 61.83 -37.54 -32.89
CA PRO F 30 61.37 -38.29 -31.77
C PRO F 30 62.25 -39.38 -31.32
N PRO F 31 62.23 -39.83 -30.01
CA PRO F 31 63.12 -40.86 -29.45
C PRO F 31 63.29 -42.06 -30.21
N LYS F 32 62.31 -42.53 -31.02
CA LYS F 32 62.49 -43.71 -31.84
C LYS F 32 61.69 -43.77 -33.13
N PRO F 33 60.48 -43.15 -33.26
CA PRO F 33 59.59 -43.26 -34.43
C PRO F 33 60.15 -43.16 -35.83
N PRO F 34 59.82 -44.10 -36.69
CA PRO F 34 60.22 -44.00 -38.07
C PRO F 34 59.51 -42.93 -38.84
N SER F 35 58.17 -42.85 -38.72
CA SER F 35 57.22 -41.87 -39.31
C SER F 35 56.43 -41.18 -38.14
N GLN F 36 56.01 -39.89 -38.29
CA GLN F 36 55.27 -39.22 -37.25
C GLN F 36 54.67 -37.99 -37.87
N LYS F 37 54.34 -38.15 -39.18
CA LYS F 37 53.73 -37.25 -40.13
C LYS F 37 54.16 -35.86 -39.94
N ARG F 38 53.24 -34.86 -40.10
CA ARG F 38 53.56 -33.47 -40.04
C ARG F 38 53.37 -32.93 -38.61
N ARG F 39 53.42 -33.81 -37.62
CA ARG F 39 53.26 -33.56 -36.16
C ARG F 39 54.32 -32.66 -35.60
N ALA F 40 54.08 -32.00 -34.44
CA ALA F 40 55.07 -31.18 -33.69
C ALA F 40 55.97 -32.13 -33.04
N GLN F 41 55.81 -33.41 -33.10
CA GLN F 41 56.64 -34.49 -32.65
C GLN F 41 56.91 -34.38 -31.19
N ARG F 42 58.17 -34.75 -30.82
CA ARG F 42 58.69 -34.75 -29.45
C ARG F 42 58.41 -33.49 -28.65
N SER F 43 57.92 -33.51 -27.34
CA SER F 43 57.65 -32.42 -26.45
C SER F 43 56.58 -31.50 -27.07
N GLY F 44 56.44 -30.25 -26.50
CA GLY F 44 55.51 -29.25 -27.02
C GLY F 44 56.32 -28.45 -27.99
N SER F 45 55.58 -27.48 -28.53
CA SER F 45 56.19 -26.52 -29.48
C SER F 45 55.28 -25.30 -29.46
N ASN F 46 54.09 -25.45 -28.82
CA ASN F 46 53.05 -24.47 -28.68
C ASN F 46 52.02 -25.18 -27.84
N VAL F 47 51.34 -24.38 -26.93
CA VAL F 47 50.31 -24.84 -26.05
C VAL F 47 49.03 -24.03 -26.22
N PHE F 48 48.89 -23.36 -27.38
CA PHE F 48 47.85 -22.49 -27.74
C PHE F 48 47.65 -21.41 -26.70
N ALA F 49 46.67 -20.52 -26.92
CA ALA F 49 46.34 -19.33 -26.14
C ALA F 49 47.51 -18.31 -26.20
N MET F 50 48.12 -18.11 -27.42
CA MET F 50 49.13 -17.05 -27.58
C MET F 50 49.03 -16.22 -28.83
N PHE F 51 48.32 -16.67 -29.89
CA PHE F 51 48.04 -15.88 -31.08
C PHE F 51 47.15 -16.68 -31.97
N THR F 52 46.98 -17.97 -31.69
CA THR F 52 46.28 -18.88 -32.67
C THR F 52 45.75 -20.01 -31.80
N GLN F 53 44.68 -20.72 -32.22
CA GLN F 53 43.97 -21.72 -31.46
C GLN F 53 43.48 -22.73 -32.48
N HIS F 54 43.64 -22.58 -33.80
CA HIS F 54 42.94 -23.37 -34.69
C HIS F 54 43.54 -23.51 -36.04
N GLN F 55 44.88 -23.25 -36.04
CA GLN F 55 45.76 -23.17 -37.20
C GLN F 55 47.06 -23.59 -36.66
N VAL F 56 47.82 -24.39 -37.43
CA VAL F 56 49.16 -24.81 -37.19
C VAL F 56 49.89 -24.89 -38.58
N GLN F 57 51.21 -24.64 -38.66
CA GLN F 57 51.88 -24.61 -39.94
C GLN F 57 53.12 -25.38 -39.49
N GLU F 58 53.88 -25.91 -40.51
CA GLU F 58 55.03 -26.74 -40.36
C GLU F 58 56.18 -25.94 -40.21
N PHE F 59 56.00 -24.69 -39.75
CA PHE F 59 57.10 -24.07 -39.18
C PHE F 59 56.70 -23.09 -38.16
N LYS F 60 55.36 -22.97 -38.00
CA LYS F 60 54.70 -22.16 -36.97
C LYS F 60 54.87 -22.81 -35.64
N GLU F 61 54.68 -24.16 -35.61
CA GLU F 61 54.67 -24.94 -34.38
C GLU F 61 54.86 -26.39 -34.54
N ALA F 62 55.32 -26.82 -35.71
CA ALA F 62 55.41 -28.23 -36.04
C ALA F 62 56.46 -28.43 -37.08
N PHE F 63 56.68 -29.68 -37.43
CA PHE F 63 57.64 -30.20 -38.30
C PHE F 63 56.93 -30.67 -39.63
N GLN F 64 57.73 -30.81 -40.71
CA GLN F 64 57.46 -31.50 -41.93
C GLN F 64 57.64 -33.06 -41.71
N LEU F 65 57.11 -33.82 -42.75
CA LEU F 65 57.10 -35.21 -43.00
C LEU F 65 58.45 -35.85 -42.78
N ILE F 66 58.61 -36.72 -41.72
CA ILE F 66 59.82 -37.46 -41.54
C ILE F 66 59.56 -38.81 -42.23
N ASP F 67 58.50 -38.81 -43.19
CA ASP F 67 57.94 -40.10 -43.59
C ASP F 67 58.67 -40.44 -44.84
N GLN F 68 58.20 -41.57 -45.46
CA GLN F 68 58.75 -42.16 -46.73
C GLN F 68 58.00 -41.49 -47.83
N ASP F 69 57.27 -40.41 -47.52
CA ASP F 69 56.53 -39.56 -48.45
C ASP F 69 57.41 -38.34 -48.72
N LYS F 70 58.75 -38.48 -48.55
CA LYS F 70 59.85 -37.54 -48.74
C LYS F 70 59.58 -36.28 -48.00
N ASP F 71 60.30 -35.25 -48.25
CA ASP F 71 60.27 -33.97 -47.61
C ASP F 71 58.92 -33.40 -47.86
N GLY F 72 58.43 -32.58 -46.84
CA GLY F 72 57.25 -31.78 -46.88
C GLY F 72 57.47 -30.27 -46.89
N PHE F 73 58.77 -29.81 -46.79
CA PHE F 73 59.30 -28.46 -46.64
C PHE F 73 58.34 -27.42 -47.14
N ILE F 74 58.09 -26.42 -46.27
CA ILE F 74 57.35 -25.27 -46.61
C ILE F 74 58.32 -24.11 -46.54
N SER F 75 58.66 -23.50 -47.72
CA SER F 75 59.62 -22.34 -47.82
C SER F 75 59.14 -21.11 -47.23
N LYS F 76 59.98 -20.04 -47.10
CA LYS F 76 59.68 -18.77 -46.61
C LYS F 76 59.40 -17.87 -47.83
N ASN F 77 59.60 -18.47 -49.08
CA ASN F 77 59.29 -18.03 -50.42
C ASN F 77 57.88 -18.44 -50.75
N ASP F 78 57.18 -19.20 -49.87
CA ASP F 78 55.83 -19.49 -49.96
C ASP F 78 55.00 -18.43 -49.23
N ILE F 79 55.66 -17.81 -48.22
CA ILE F 79 55.06 -16.74 -47.36
C ILE F 79 54.98 -15.45 -48.15
N ARG F 80 55.99 -15.31 -49.02
CA ARG F 80 56.14 -14.26 -50.02
C ARG F 80 55.11 -14.46 -51.17
N ALA F 81 54.71 -15.74 -51.37
CA ALA F 81 53.68 -16.08 -52.32
C ALA F 81 52.29 -16.03 -51.67
N THR F 82 52.06 -15.28 -50.57
CA THR F 82 50.78 -15.25 -49.95
C THR F 82 50.45 -13.75 -50.04
N PHE F 83 51.47 -12.87 -49.79
CA PHE F 83 51.33 -11.44 -49.70
C PHE F 83 51.14 -10.94 -51.18
N ASP F 84 51.59 -11.77 -52.20
CA ASP F 84 51.42 -11.53 -53.67
C ASP F 84 49.97 -11.65 -54.10
N SER F 85 49.16 -12.52 -53.35
CA SER F 85 47.75 -12.78 -53.54
C SER F 85 47.10 -12.36 -52.24
N LEU F 86 46.18 -13.24 -51.79
CA LEU F 86 45.28 -13.12 -50.71
C LEU F 86 45.97 -13.16 -49.46
N GLY F 87 45.78 -12.16 -48.64
CA GLY F 87 46.50 -11.93 -47.38
C GLY F 87 46.82 -10.50 -47.35
N ARG F 88 47.76 -10.06 -46.48
CA ARG F 88 48.24 -8.75 -46.32
C ARG F 88 48.78 -8.30 -47.65
N LEU F 89 48.57 -6.95 -48.02
CA LEU F 89 48.90 -6.37 -49.30
C LEU F 89 50.26 -6.67 -49.86
N CYS F 90 50.43 -6.67 -51.14
CA CYS F 90 51.70 -6.82 -51.74
C CYS F 90 52.64 -5.69 -51.48
N THR F 91 53.59 -5.97 -50.60
CA THR F 91 54.57 -4.95 -50.24
C THR F 91 55.88 -5.70 -50.14
N GLU F 92 56.95 -5.04 -50.51
CA GLU F 92 58.30 -5.58 -50.83
C GLU F 92 59.13 -5.66 -49.58
N GLN F 93 58.79 -4.77 -48.64
CA GLN F 93 59.36 -4.65 -47.31
C GLN F 93 58.86 -5.77 -46.42
N GLU F 94 57.66 -6.37 -46.73
CA GLU F 94 57.15 -7.51 -45.95
C GLU F 94 58.02 -8.69 -46.46
N LEU F 95 58.58 -8.71 -47.73
CA LEU F 95 59.39 -9.85 -48.20
C LEU F 95 60.77 -9.75 -47.60
N ASP F 96 61.10 -8.51 -47.07
CA ASP F 96 62.23 -8.21 -46.31
C ASP F 96 61.97 -8.49 -44.88
N SER F 97 60.68 -8.55 -44.47
CA SER F 97 60.33 -8.89 -43.09
C SER F 97 60.55 -10.37 -42.92
N MET F 98 60.47 -11.18 -44.02
CA MET F 98 60.77 -12.58 -44.01
C MET F 98 62.19 -12.84 -43.78
N VAL F 99 63.18 -12.01 -44.26
CA VAL F 99 64.61 -12.14 -44.03
C VAL F 99 64.89 -11.77 -42.55
N ALA F 100 64.06 -10.83 -42.06
CA ALA F 100 64.14 -10.38 -40.66
C ALA F 100 63.70 -11.45 -39.68
N GLU F 101 63.02 -12.55 -40.12
CA GLU F 101 62.66 -13.59 -39.14
C GLU F 101 63.68 -14.67 -39.10
N ALA F 102 64.32 -14.89 -40.28
CA ALA F 102 65.57 -15.60 -40.44
C ALA F 102 65.82 -15.59 -41.97
N PRO F 103 66.96 -15.28 -42.52
CA PRO F 103 67.31 -15.11 -43.95
C PRO F 103 66.73 -16.19 -44.84
N GLY F 104 66.16 -15.78 -46.00
CA GLY F 104 65.74 -16.62 -47.11
C GLY F 104 64.86 -17.72 -46.65
N PRO F 105 64.79 -18.77 -47.46
CA PRO F 105 63.94 -19.94 -47.07
C PRO F 105 64.87 -20.69 -46.05
N ILE F 106 64.35 -21.29 -44.98
CA ILE F 106 65.22 -21.87 -44.03
C ILE F 106 64.49 -23.05 -43.41
N ASN F 107 65.30 -24.16 -43.29
CA ASN F 107 65.12 -25.41 -42.58
C ASN F 107 64.63 -25.15 -41.20
N PHE F 108 63.91 -26.10 -40.60
CA PHE F 108 63.30 -25.74 -39.29
C PHE F 108 63.35 -26.93 -38.35
N THR F 109 63.62 -26.68 -37.08
CA THR F 109 63.76 -27.67 -36.03
C THR F 109 63.54 -26.86 -34.73
N MET F 110 64.28 -25.74 -34.59
CA MET F 110 64.33 -24.86 -33.39
C MET F 110 63.96 -23.52 -33.82
N PHE F 111 63.17 -23.40 -34.90
CA PHE F 111 62.67 -22.18 -35.47
C PHE F 111 61.18 -22.15 -35.36
N LEU F 112 60.70 -23.43 -35.47
CA LEU F 112 59.27 -23.80 -35.30
C LEU F 112 58.94 -23.67 -33.83
N THR F 113 59.92 -23.70 -32.91
CA THR F 113 59.68 -23.60 -31.49
C THR F 113 59.64 -22.18 -31.01
N ILE F 114 60.52 -21.31 -31.64
CA ILE F 114 60.71 -19.91 -31.32
C ILE F 114 59.44 -19.21 -31.57
N PHE F 115 58.90 -19.30 -32.83
CA PHE F 115 57.64 -18.70 -33.19
C PHE F 115 56.51 -19.39 -32.55
N GLY F 116 56.57 -20.72 -32.29
CA GLY F 116 55.46 -21.45 -31.61
C GLY F 116 55.19 -21.15 -30.15
N ASP F 117 56.18 -20.59 -29.50
CA ASP F 117 56.22 -20.12 -28.12
C ASP F 117 56.32 -18.58 -28.00
N ARG F 118 56.28 -17.83 -29.18
CA ARG F 118 56.32 -16.41 -29.35
C ARG F 118 54.95 -15.90 -29.09
N ILE F 119 54.90 -15.02 -28.09
CA ILE F 119 53.67 -14.42 -27.60
C ILE F 119 54.01 -12.91 -27.76
N ALA F 120 55.20 -12.47 -28.27
CA ALA F 120 55.57 -11.06 -28.53
C ALA F 120 54.69 -10.40 -29.45
N GLY F 121 54.32 -9.10 -29.29
CA GLY F 121 53.34 -8.40 -30.09
C GLY F 121 51.96 -8.58 -29.43
N THR F 122 50.89 -8.52 -30.28
CA THR F 122 49.51 -8.84 -29.97
C THR F 122 49.44 -10.30 -29.45
N ASP F 123 48.63 -10.52 -28.46
CA ASP F 123 48.49 -11.67 -27.67
C ASP F 123 47.48 -12.50 -28.35
N GLU F 124 46.79 -13.35 -27.52
CA GLU F 124 45.80 -14.34 -27.71
C GLU F 124 44.66 -13.75 -28.41
N GLU F 125 43.91 -14.53 -29.28
CA GLU F 125 42.83 -14.00 -30.02
C GLU F 125 41.66 -13.64 -29.15
N ASP F 126 41.24 -14.41 -28.17
CA ASP F 126 40.22 -13.91 -27.34
C ASP F 126 40.66 -12.85 -26.34
N VAL F 127 41.94 -12.75 -25.96
CA VAL F 127 42.43 -11.75 -25.07
C VAL F 127 42.49 -10.36 -25.70
N ILE F 128 42.94 -10.25 -26.94
CA ILE F 128 43.07 -9.05 -27.69
C ILE F 128 41.69 -8.54 -28.06
N VAL F 129 40.71 -9.42 -28.43
CA VAL F 129 39.41 -9.07 -28.87
C VAL F 129 38.63 -8.47 -27.81
N ASN F 130 38.72 -9.13 -26.63
CA ASN F 130 37.97 -8.72 -25.42
C ASN F 130 38.68 -7.54 -24.77
N ALA F 131 38.07 -6.44 -24.51
CA ALA F 131 38.67 -5.30 -23.87
C ALA F 131 37.51 -4.41 -23.57
N PHE F 132 36.73 -4.03 -24.58
CA PHE F 132 35.52 -3.34 -24.44
C PHE F 132 34.36 -4.25 -24.54
N ASN F 133 34.52 -5.59 -24.53
CA ASN F 133 33.43 -6.53 -24.64
C ASN F 133 32.96 -7.04 -23.21
N LEU F 134 33.40 -6.28 -22.17
CA LEU F 134 33.02 -6.55 -20.86
C LEU F 134 31.81 -5.72 -20.47
N PHE F 135 31.40 -4.85 -21.41
CA PHE F 135 30.26 -3.94 -21.33
C PHE F 135 29.81 -3.96 -22.74
N ASP F 136 28.65 -3.44 -23.12
CA ASP F 136 28.24 -3.62 -24.52
C ASP F 136 27.42 -2.33 -24.75
N GLU F 137 27.71 -1.78 -25.97
CA GLU F 137 26.93 -0.63 -26.40
C GLU F 137 27.37 -0.71 -27.80
N GLY F 138 26.59 -1.35 -28.69
CA GLY F 138 26.87 -1.60 -30.15
C GLY F 138 27.71 -2.79 -30.47
N GLU F 139 27.84 -3.59 -29.38
CA GLU F 139 28.62 -4.84 -29.30
C GLU F 139 29.99 -4.53 -28.71
N GLY F 140 30.04 -3.57 -27.77
CA GLY F 140 31.34 -3.14 -27.22
C GLY F 140 31.66 -2.03 -28.13
N LYS F 141 32.29 -0.90 -27.60
CA LYS F 141 32.71 0.20 -28.49
C LYS F 141 33.89 0.79 -27.87
N CYS F 142 34.53 1.72 -28.66
CA CYS F 142 35.48 2.71 -28.13
C CYS F 142 34.88 3.95 -28.78
N LYS F 143 34.54 5.06 -28.01
CA LYS F 143 34.09 6.33 -28.66
C LYS F 143 35.03 6.83 -29.69
N GLU F 144 34.59 6.87 -30.96
CA GLU F 144 35.35 7.12 -32.17
C GLU F 144 35.85 8.52 -32.23
N GLU F 145 35.06 9.56 -31.76
CA GLU F 145 35.38 10.94 -31.84
C GLU F 145 36.41 11.38 -30.86
N THR F 146 36.46 10.78 -29.67
CA THR F 146 37.42 11.14 -28.66
C THR F 146 38.81 10.56 -28.83
N LEU F 147 38.95 9.47 -29.69
CA LEU F 147 40.16 8.73 -29.80
C LEU F 147 40.99 9.22 -30.91
N LYS F 148 40.29 9.85 -31.85
CA LYS F 148 41.05 10.39 -33.05
C LYS F 148 41.91 11.55 -32.78
N ARG F 149 41.46 12.47 -31.85
CA ARG F 149 42.03 13.78 -31.43
C ARG F 149 43.06 13.45 -30.43
N SER F 150 43.18 12.16 -29.96
CA SER F 150 44.08 11.79 -29.03
C SER F 150 45.15 11.01 -29.76
N LEU F 151 44.97 10.89 -31.15
CA LEU F 151 45.81 10.24 -32.09
C LEU F 151 46.12 11.16 -33.22
N THR F 152 46.35 12.44 -32.91
CA THR F 152 46.79 13.40 -33.90
C THR F 152 47.31 14.62 -33.19
N THR F 153 47.09 14.77 -31.87
CA THR F 153 47.66 15.86 -31.07
C THR F 153 48.78 15.22 -30.24
N TRP F 154 48.68 13.91 -30.05
CA TRP F 154 49.65 13.18 -29.28
C TRP F 154 49.46 11.82 -29.78
N GLY F 155 50.26 10.83 -29.24
CA GLY F 155 50.16 9.44 -29.68
C GLY F 155 50.59 9.26 -31.12
N GLU F 156 50.13 8.21 -31.82
CA GLU F 156 50.44 7.96 -33.21
C GLU F 156 49.78 9.00 -34.11
N LYS F 157 50.38 9.42 -35.20
CA LYS F 157 49.87 10.46 -36.02
C LYS F 157 49.18 9.79 -37.15
N PHE F 158 47.82 9.78 -37.13
CA PHE F 158 47.06 9.35 -38.24
C PHE F 158 46.16 10.51 -38.47
N SER F 159 46.07 10.92 -39.76
CA SER F 159 45.24 12.01 -40.27
C SER F 159 43.77 11.80 -39.96
N GLN F 160 42.86 12.67 -40.49
CA GLN F 160 41.47 12.43 -40.18
C GLN F 160 40.74 11.55 -41.28
N ASP F 161 41.57 10.73 -42.02
CA ASP F 161 40.95 9.89 -43.02
C ASP F 161 41.71 8.63 -42.83
N GLU F 162 42.84 8.66 -42.11
CA GLU F 162 43.67 7.59 -41.69
C GLU F 162 43.14 7.03 -40.36
N VAL F 163 42.20 7.65 -39.63
CA VAL F 163 41.69 7.21 -38.40
C VAL F 163 40.37 6.50 -38.90
N GLU F 164 40.11 6.53 -40.26
CA GLU F 164 38.96 5.87 -40.90
C GLU F 164 39.47 4.67 -41.72
N GLU F 165 40.81 4.72 -42.04
CA GLU F 165 41.53 3.77 -42.91
C GLU F 165 42.71 3.10 -42.19
N ALA F 166 42.83 3.11 -40.86
CA ALA F 166 43.87 2.46 -40.19
C ALA F 166 43.64 2.43 -38.67
N LEU F 167 42.35 2.53 -38.32
CA LEU F 167 41.94 2.44 -36.94
C LEU F 167 40.53 2.10 -36.86
N SER F 168 39.87 2.05 -38.07
CA SER F 168 38.48 1.80 -38.21
C SER F 168 38.30 0.94 -39.52
N GLU F 169 37.16 0.21 -39.44
CA GLU F 169 36.53 -0.56 -40.53
C GLU F 169 35.12 -0.96 -39.95
N ALA F 170 34.76 -0.34 -38.81
CA ALA F 170 33.41 -0.52 -38.15
C ALA F 170 32.71 0.79 -38.17
N PRO F 171 31.39 0.83 -38.42
CA PRO F 171 30.60 2.12 -38.43
C PRO F 171 30.24 2.33 -36.93
N ILE F 172 30.00 3.63 -36.61
CA ILE F 172 29.65 4.08 -35.31
C ILE F 172 28.39 3.40 -34.94
N ASP F 173 28.39 2.69 -33.77
CA ASP F 173 27.28 1.91 -33.34
C ASP F 173 27.44 1.90 -31.82
N GLY F 174 26.67 2.66 -31.06
CA GLY F 174 26.76 2.68 -29.59
C GLY F 174 27.47 3.89 -29.06
N ASN F 175 27.60 4.95 -30.02
CA ASN F 175 28.35 6.17 -29.83
C ASN F 175 29.83 5.84 -29.77
N GLY F 176 30.21 5.06 -30.79
CA GLY F 176 31.59 4.67 -31.04
C GLY F 176 31.59 3.47 -32.00
N LEU F 177 32.71 3.33 -32.75
CA LEU F 177 32.87 2.21 -33.61
C LEU F 177 33.04 1.03 -32.79
N ILE F 178 32.63 -0.10 -33.43
CA ILE F 178 32.71 -1.37 -32.83
C ILE F 178 34.14 -1.69 -32.65
N ASP F 179 34.41 -2.05 -31.38
CA ASP F 179 35.73 -2.43 -31.01
C ASP F 179 36.16 -3.78 -31.55
N ILE F 180 35.21 -4.70 -31.93
CA ILE F 180 35.52 -6.06 -32.33
C ILE F 180 36.25 -6.04 -33.61
N LYS F 181 35.74 -5.29 -34.59
CA LYS F 181 36.26 -5.18 -35.97
C LYS F 181 37.46 -4.36 -35.95
N LYS F 182 37.66 -3.41 -35.03
CA LYS F 182 38.95 -2.61 -34.89
C LYS F 182 40.06 -3.46 -34.43
N PHE F 183 39.78 -4.45 -33.47
CA PHE F 183 40.80 -5.36 -33.08
C PHE F 183 41.13 -6.36 -34.09
N ALA F 184 40.25 -6.60 -35.04
CA ALA F 184 40.36 -7.61 -36.06
C ALA F 184 41.47 -7.25 -37.03
N GLN F 185 41.58 -6.01 -37.53
CA GLN F 185 42.62 -5.73 -38.54
C GLN F 185 43.99 -5.78 -37.87
N ILE F 186 44.17 -5.55 -36.52
CA ILE F 186 45.39 -5.71 -35.80
C ILE F 186 45.82 -7.14 -35.67
N LEU F 187 44.83 -8.01 -35.45
CA LEU F 187 45.14 -9.42 -35.16
C LEU F 187 43.99 -10.24 -35.53
N THR F 188 44.23 -11.28 -36.30
CA THR F 188 43.19 -12.26 -36.80
C THR F 188 42.01 -11.56 -37.53
N LYS F 189 41.71 -12.08 -38.73
CA LYS F 189 40.60 -11.59 -39.51
C LYS F 189 40.69 -10.14 -39.95
N GLY F 190 41.82 -9.89 -40.59
CA GLY F 190 42.11 -8.61 -41.14
C GLY F 190 43.60 -8.33 -40.99
N ALA F 191 44.26 -9.06 -40.02
CA ALA F 191 45.69 -9.09 -39.93
C ALA F 191 46.13 -10.29 -40.65
N GLU F 192 45.21 -11.22 -40.98
CA GLU F 192 45.58 -12.43 -41.65
C GLU F 192 45.65 -12.02 -43.16
N GLU F 193 46.52 -12.58 -44.01
CA GLU F 193 47.27 -13.80 -43.78
C GLU F 193 48.74 -13.38 -43.90
N GLU F 194 49.67 -13.78 -42.98
CA GLU F 194 51.11 -13.45 -43.02
C GLU F 194 51.90 -14.78 -43.35
N GLY F 195 51.21 -15.71 -44.09
CA GLY F 195 51.66 -17.06 -44.41
C GLY F 195 52.40 -18.00 -43.52
N ALA F 196 52.72 -19.24 -43.91
CA ALA F 196 52.50 -19.74 -45.28
C ALA F 196 51.04 -20.22 -45.50
#